data_1TPG
# 
_entry.id   1TPG 
# 
_audit_conform.dict_name       mmcif_pdbx.dic 
_audit_conform.dict_version    5.397 
_audit_conform.dict_location   http://mmcif.pdb.org/dictionaries/ascii/mmcif_pdbx.dic 
# 
loop_
_database_2.database_id 
_database_2.database_code 
_database_2.pdbx_database_accession 
_database_2.pdbx_DOI 
PDB   1TPG         pdb_00001tpg 10.2210/pdb1tpg/pdb 
WWPDB D_1000176782 ?            ?                   
# 
loop_
_pdbx_audit_revision_history.ordinal 
_pdbx_audit_revision_history.data_content_type 
_pdbx_audit_revision_history.major_revision 
_pdbx_audit_revision_history.minor_revision 
_pdbx_audit_revision_history.revision_date 
1 'Structure model' 1 0 1995-09-15 
2 'Structure model' 1 1 2008-03-24 
3 'Structure model' 1 2 2011-07-13 
4 'Structure model' 1 3 2022-03-02 
5 'Structure model' 1 4 2024-10-23 
# 
_pdbx_audit_revision_details.ordinal             1 
_pdbx_audit_revision_details.revision_ordinal    1 
_pdbx_audit_revision_details.data_content_type   'Structure model' 
_pdbx_audit_revision_details.provider            repository 
_pdbx_audit_revision_details.type                'Initial release' 
_pdbx_audit_revision_details.description         ? 
_pdbx_audit_revision_details.details             ? 
# 
loop_
_pdbx_audit_revision_group.ordinal 
_pdbx_audit_revision_group.revision_ordinal 
_pdbx_audit_revision_group.data_content_type 
_pdbx_audit_revision_group.group 
1 2 'Structure model' 'Version format compliance' 
2 3 'Structure model' 'Version format compliance' 
3 4 'Structure model' 'Database references'       
4 4 'Structure model' 'Derived calculations'      
5 4 'Structure model' Other                       
6 5 'Structure model' 'Data collection'           
7 5 'Structure model' 'Structure summary'         
# 
loop_
_pdbx_audit_revision_category.ordinal 
_pdbx_audit_revision_category.revision_ordinal 
_pdbx_audit_revision_category.data_content_type 
_pdbx_audit_revision_category.category 
1 4 'Structure model' database_2                
2 4 'Structure model' pdbx_database_status      
3 4 'Structure model' pdbx_struct_assembly      
4 4 'Structure model' pdbx_struct_oper_list     
5 4 'Structure model' struct_ref_seq_dif        
6 5 'Structure model' chem_comp_atom            
7 5 'Structure model' chem_comp_bond            
8 5 'Structure model' pdbx_entry_details        
9 5 'Structure model' pdbx_modification_feature 
# 
loop_
_pdbx_audit_revision_item.ordinal 
_pdbx_audit_revision_item.revision_ordinal 
_pdbx_audit_revision_item.data_content_type 
_pdbx_audit_revision_item.item 
1 4 'Structure model' '_database_2.pdbx_DOI'                
2 4 'Structure model' '_database_2.pdbx_database_accession' 
3 4 'Structure model' '_pdbx_database_status.process_site'  
4 4 'Structure model' '_struct_ref_seq_dif.details'         
# 
_pdbx_database_status.status_code                     REL 
_pdbx_database_status.entry_id                        1TPG 
_pdbx_database_status.recvd_initial_deposition_date   1995-06-14 
_pdbx_database_status.deposit_site                    ? 
_pdbx_database_status.process_site                    BNL 
_pdbx_database_status.SG_entry                        . 
_pdbx_database_status.pdb_format_compatible           Y 
_pdbx_database_status.status_code_mr                  ? 
_pdbx_database_status.status_code_sf                  ? 
_pdbx_database_status.status_code_cs                  ? 
_pdbx_database_status.status_code_nmr_data            ? 
_pdbx_database_status.methods_development_category    ? 
# 
loop_
_audit_author.name 
_audit_author.pdbx_ordinal 
'Smith, B.O.'    1 
'Downing, A.K.'  2 
'Driscoll, P.C.' 3 
'Dudgeon, T.J.'  4 
'Campbell, I.D.' 5 
# 
loop_
_citation.id 
_citation.title 
_citation.journal_abbrev 
_citation.journal_volume 
_citation.page_first 
_citation.page_last 
_citation.year 
_citation.journal_id_ASTM 
_citation.country 
_citation.journal_id_ISSN 
_citation.journal_id_CSD 
_citation.book_publisher 
_citation.pdbx_database_id_PubMed 
_citation.pdbx_database_id_DOI 
primary 
;The solution structure and backbone dynamics of the fibronectin type I and epidermal growth factor-like pair of modules of tissue-type plasminogen activator.
;
Structure    3  823  833 1995 STRUE6 UK 0969-2126 2005 ? 7582899 '10.1016/S0969-2126(01)00217-9' 
1       
;Secondary Structure of Fibronectin Type 1 and Epidermal Growth Factor Modules from Tissue-Type Plasminogen Activator by Nuclear Magnetic Resonance
;
Biochemistry 33 2422 ?   1994 BICHAW US 0006-2960 0033 ? ?       ?                               
# 
loop_
_citation_author.citation_id 
_citation_author.name 
_citation_author.ordinal 
_citation_author.identifier_ORCID 
primary 'Smith, B.O.'    1  ? 
primary 'Downing, A.K.'  2  ? 
primary 'Driscoll, P.C.' 3  ? 
primary 'Dudgeon, T.J.'  4  ? 
primary 'Campbell, I.D.' 5  ? 
1       'Smith, B.O.'    6  ? 
1       'Downing, A.K.'  7  ? 
1       'Dudgeon, T.J.'  8  ? 
1       'Cunningham, M.' 9  ? 
1       'Driscoll, P.C.' 10 ? 
1       'Campbell, I.D.' 11 ? 
# 
_entity.id                         1 
_entity.type                       polymer 
_entity.src_method                 man 
_entity.pdbx_description           'T-PLASMINOGEN ACTIVATOR F1-G' 
_entity.formula_weight             10464.815 
_entity.pdbx_number_of_molecules   1 
_entity.pdbx_ec                    3.4.21.68 
_entity.pdbx_mutation              C83S 
_entity.pdbx_fragment              ? 
_entity.details                    ? 
# 
_entity_poly.entity_id                      1 
_entity_poly.type                           'polypeptide(L)' 
_entity_poly.nstd_linkage                   no 
_entity_poly.nstd_monomer                   no 
_entity_poly.pdbx_seq_one_letter_code       
;SYQVICRDEKTQMIYQQHQSWLRPVLRSNRVEYCWCNSGRAQCHSVPVKSCSEPRCFNGGTCQQALYFSDFVCQCPEGFA
GKSCEIDTRAT
;
_entity_poly.pdbx_seq_one_letter_code_can   
;SYQVICRDEKTQMIYQQHQSWLRPVLRSNRVEYCWCNSGRAQCHSVPVKSCSEPRCFNGGTCQQALYFSDFVCQCPEGFA
GKSCEIDTRAT
;
_entity_poly.pdbx_strand_id                 A 
_entity_poly.pdbx_target_identifier         ? 
# 
loop_
_entity_poly_seq.entity_id 
_entity_poly_seq.num 
_entity_poly_seq.mon_id 
_entity_poly_seq.hetero 
1 1  SER n 
1 2  TYR n 
1 3  GLN n 
1 4  VAL n 
1 5  ILE n 
1 6  CYS n 
1 7  ARG n 
1 8  ASP n 
1 9  GLU n 
1 10 LYS n 
1 11 THR n 
1 12 GLN n 
1 13 MET n 
1 14 ILE n 
1 15 TYR n 
1 16 GLN n 
1 17 GLN n 
1 18 HIS n 
1 19 GLN n 
1 20 SER n 
1 21 TRP n 
1 22 LEU n 
1 23 ARG n 
1 24 PRO n 
1 25 VAL n 
1 26 LEU n 
1 27 ARG n 
1 28 SER n 
1 29 ASN n 
1 30 ARG n 
1 31 VAL n 
1 32 GLU n 
1 33 TYR n 
1 34 CYS n 
1 35 TRP n 
1 36 CYS n 
1 37 ASN n 
1 38 SER n 
1 39 GLY n 
1 40 ARG n 
1 41 ALA n 
1 42 GLN n 
1 43 CYS n 
1 44 HIS n 
1 45 SER n 
1 46 VAL n 
1 47 PRO n 
1 48 VAL n 
1 49 LYS n 
1 50 SER n 
1 51 CYS n 
1 52 SER n 
1 53 GLU n 
1 54 PRO n 
1 55 ARG n 
1 56 CYS n 
1 57 PHE n 
1 58 ASN n 
1 59 GLY n 
1 60 GLY n 
1 61 THR n 
1 62 CYS n 
1 63 GLN n 
1 64 GLN n 
1 65 ALA n 
1 66 LEU n 
1 67 TYR n 
1 68 PHE n 
1 69 SER n 
1 70 ASP n 
1 71 PHE n 
1 72 VAL n 
1 73 CYS n 
1 74 GLN n 
1 75 CYS n 
1 76 PRO n 
1 77 GLU n 
1 78 GLY n 
1 79 PHE n 
1 80 ALA n 
1 81 GLY n 
1 82 LYS n 
1 83 SER n 
1 84 CYS n 
1 85 GLU n 
1 86 ILE n 
1 87 ASP n 
1 88 THR n 
1 89 ARG n 
1 90 ALA n 
1 91 THR n 
# 
_entity_src_gen.entity_id                          1 
_entity_src_gen.pdbx_src_id                        1 
_entity_src_gen.pdbx_alt_source_flag               sample 
_entity_src_gen.pdbx_seq_type                      ? 
_entity_src_gen.pdbx_beg_seq_num                   ? 
_entity_src_gen.pdbx_end_seq_num                   ? 
_entity_src_gen.gene_src_common_name               human 
_entity_src_gen.gene_src_genus                     Homo 
_entity_src_gen.pdbx_gene_src_gene                 ? 
_entity_src_gen.gene_src_species                   ? 
_entity_src_gen.gene_src_strain                    ? 
_entity_src_gen.gene_src_tissue                    ? 
_entity_src_gen.gene_src_tissue_fraction           ? 
_entity_src_gen.gene_src_details                   ? 
_entity_src_gen.pdbx_gene_src_fragment             ? 
_entity_src_gen.pdbx_gene_src_scientific_name      'Homo sapiens' 
_entity_src_gen.pdbx_gene_src_ncbi_taxonomy_id     9606 
_entity_src_gen.pdbx_gene_src_variant              ? 
_entity_src_gen.pdbx_gene_src_cell_line            ? 
_entity_src_gen.pdbx_gene_src_atcc                 ? 
_entity_src_gen.pdbx_gene_src_organ                ? 
_entity_src_gen.pdbx_gene_src_organelle            ? 
_entity_src_gen.pdbx_gene_src_cell                 ? 
_entity_src_gen.pdbx_gene_src_cellular_location    ? 
_entity_src_gen.host_org_common_name               
;baker's yeast
;
_entity_src_gen.pdbx_host_org_scientific_name      'Saccharomyces cerevisiae' 
_entity_src_gen.pdbx_host_org_ncbi_taxonomy_id     4932 
_entity_src_gen.host_org_genus                     Saccharomyces 
_entity_src_gen.pdbx_host_org_gene                 ? 
_entity_src_gen.pdbx_host_org_organ                ? 
_entity_src_gen.host_org_species                   ? 
_entity_src_gen.pdbx_host_org_tissue               ? 
_entity_src_gen.pdbx_host_org_tissue_fraction      ? 
_entity_src_gen.pdbx_host_org_strain               ? 
_entity_src_gen.pdbx_host_org_variant              ? 
_entity_src_gen.pdbx_host_org_cell_line            ? 
_entity_src_gen.pdbx_host_org_atcc                 ? 
_entity_src_gen.pdbx_host_org_culture_collection   ? 
_entity_src_gen.pdbx_host_org_cell                 ? 
_entity_src_gen.pdbx_host_org_organelle            ? 
_entity_src_gen.pdbx_host_org_cellular_location    ? 
_entity_src_gen.pdbx_host_org_vector_type          ? 
_entity_src_gen.pdbx_host_org_vector               ? 
_entity_src_gen.host_org_details                   ? 
_entity_src_gen.expression_system_id               ? 
_entity_src_gen.plasmid_name                       PSW6 
_entity_src_gen.plasmid_details                    ? 
_entity_src_gen.pdbx_description                   ? 
# 
loop_
_chem_comp.id 
_chem_comp.type 
_chem_comp.mon_nstd_flag 
_chem_comp.name 
_chem_comp.pdbx_synonyms 
_chem_comp.formula 
_chem_comp.formula_weight 
ALA 'L-peptide linking' y ALANINE         ? 'C3 H7 N O2'     89.093  
ARG 'L-peptide linking' y ARGININE        ? 'C6 H15 N4 O2 1' 175.209 
ASN 'L-peptide linking' y ASPARAGINE      ? 'C4 H8 N2 O3'    132.118 
ASP 'L-peptide linking' y 'ASPARTIC ACID' ? 'C4 H7 N O4'     133.103 
CYS 'L-peptide linking' y CYSTEINE        ? 'C3 H7 N O2 S'   121.158 
GLN 'L-peptide linking' y GLUTAMINE       ? 'C5 H10 N2 O3'   146.144 
GLU 'L-peptide linking' y 'GLUTAMIC ACID' ? 'C5 H9 N O4'     147.129 
GLY 'peptide linking'   y GLYCINE         ? 'C2 H5 N O2'     75.067  
HIS 'L-peptide linking' y HISTIDINE       ? 'C6 H10 N3 O2 1' 156.162 
ILE 'L-peptide linking' y ISOLEUCINE      ? 'C6 H13 N O2'    131.173 
LEU 'L-peptide linking' y LEUCINE         ? 'C6 H13 N O2'    131.173 
LYS 'L-peptide linking' y LYSINE          ? 'C6 H15 N2 O2 1' 147.195 
MET 'L-peptide linking' y METHIONINE      ? 'C5 H11 N O2 S'  149.211 
PHE 'L-peptide linking' y PHENYLALANINE   ? 'C9 H11 N O2'    165.189 
PRO 'L-peptide linking' y PROLINE         ? 'C5 H9 N O2'     115.130 
SER 'L-peptide linking' y SERINE          ? 'C3 H7 N O3'     105.093 
THR 'L-peptide linking' y THREONINE       ? 'C4 H9 N O3'     119.119 
TRP 'L-peptide linking' y TRYPTOPHAN      ? 'C11 H12 N2 O2'  204.225 
TYR 'L-peptide linking' y TYROSINE        ? 'C9 H11 N O3'    181.189 
VAL 'L-peptide linking' y VALINE          ? 'C5 H11 N O2'    117.146 
# 
loop_
_pdbx_poly_seq_scheme.asym_id 
_pdbx_poly_seq_scheme.entity_id 
_pdbx_poly_seq_scheme.seq_id 
_pdbx_poly_seq_scheme.mon_id 
_pdbx_poly_seq_scheme.ndb_seq_num 
_pdbx_poly_seq_scheme.pdb_seq_num 
_pdbx_poly_seq_scheme.auth_seq_num 
_pdbx_poly_seq_scheme.pdb_mon_id 
_pdbx_poly_seq_scheme.auth_mon_id 
_pdbx_poly_seq_scheme.pdb_strand_id 
_pdbx_poly_seq_scheme.pdb_ins_code 
_pdbx_poly_seq_scheme.hetero 
A 1 1  SER 1  1  1  SER SER A . n 
A 1 2  TYR 2  2  2  TYR TYR A . n 
A 1 3  GLN 3  3  3  GLN GLN A . n 
A 1 4  VAL 4  4  4  VAL VAL A . n 
A 1 5  ILE 5  5  5  ILE ILE A . n 
A 1 6  CYS 6  6  6  CYS CYS A . n 
A 1 7  ARG 7  7  7  ARG ARG A . n 
A 1 8  ASP 8  8  8  ASP ASP A . n 
A 1 9  GLU 9  9  9  GLU GLU A . n 
A 1 10 LYS 10 10 10 LYS LYS A . n 
A 1 11 THR 11 11 11 THR THR A . n 
A 1 12 GLN 12 12 12 GLN GLN A . n 
A 1 13 MET 13 13 13 MET MET A . n 
A 1 14 ILE 14 14 14 ILE ILE A . n 
A 1 15 TYR 15 15 15 TYR TYR A . n 
A 1 16 GLN 16 16 16 GLN GLN A . n 
A 1 17 GLN 17 17 17 GLN GLN A . n 
A 1 18 HIS 18 18 18 HIS HIS A . n 
A 1 19 GLN 19 19 19 GLN GLN A . n 
A 1 20 SER 20 20 20 SER SER A . n 
A 1 21 TRP 21 21 21 TRP TRP A . n 
A 1 22 LEU 22 22 22 LEU LEU A . n 
A 1 23 ARG 23 23 23 ARG ARG A . n 
A 1 24 PRO 24 24 24 PRO PRO A . n 
A 1 25 VAL 25 25 25 VAL VAL A . n 
A 1 26 LEU 26 26 26 LEU LEU A . n 
A 1 27 ARG 27 27 27 ARG ARG A . n 
A 1 28 SER 28 28 28 SER SER A . n 
A 1 29 ASN 29 29 29 ASN ASN A . n 
A 1 30 ARG 30 30 30 ARG ARG A . n 
A 1 31 VAL 31 31 31 VAL VAL A . n 
A 1 32 GLU 32 32 32 GLU GLU A . n 
A 1 33 TYR 33 33 33 TYR TYR A . n 
A 1 34 CYS 34 34 34 CYS CYS A . n 
A 1 35 TRP 35 35 35 TRP TRP A . n 
A 1 36 CYS 36 36 36 CYS CYS A . n 
A 1 37 ASN 37 37 37 ASN ASN A . n 
A 1 38 SER 38 38 38 SER SER A . n 
A 1 39 GLY 39 39 39 GLY GLY A . n 
A 1 40 ARG 40 40 40 ARG ARG A . n 
A 1 41 ALA 41 41 41 ALA ALA A . n 
A 1 42 GLN 42 42 42 GLN GLN A . n 
A 1 43 CYS 43 43 43 CYS CYS A . n 
A 1 44 HIS 44 44 44 HIS HIS A . n 
A 1 45 SER 45 45 45 SER SER A . n 
A 1 46 VAL 46 46 46 VAL VAL A . n 
A 1 47 PRO 47 47 47 PRO PRO A . n 
A 1 48 VAL 48 48 48 VAL VAL A . n 
A 1 49 LYS 49 49 49 LYS LYS A . n 
A 1 50 SER 50 50 50 SER SER A . n 
A 1 51 CYS 51 51 51 CYS CYS A . n 
A 1 52 SER 52 52 52 SER SER A . n 
A 1 53 GLU 53 53 53 GLU GLU A . n 
A 1 54 PRO 54 54 54 PRO PRO A . n 
A 1 55 ARG 55 55 55 ARG ARG A . n 
A 1 56 CYS 56 56 56 CYS CYS A . n 
A 1 57 PHE 57 57 57 PHE PHE A . n 
A 1 58 ASN 58 58 58 ASN ASN A . n 
A 1 59 GLY 59 59 59 GLY GLY A . n 
A 1 60 GLY 60 60 60 GLY GLY A . n 
A 1 61 THR 61 61 61 THR THR A . n 
A 1 62 CYS 62 62 62 CYS CYS A . n 
A 1 63 GLN 63 63 63 GLN GLN A . n 
A 1 64 GLN 64 64 64 GLN GLN A . n 
A 1 65 ALA 65 65 65 ALA ALA A . n 
A 1 66 LEU 66 66 66 LEU LEU A . n 
A 1 67 TYR 67 67 67 TYR TYR A . n 
A 1 68 PHE 68 68 68 PHE PHE A . n 
A 1 69 SER 69 69 69 SER SER A . n 
A 1 70 ASP 70 70 70 ASP ASP A . n 
A 1 71 PHE 71 71 71 PHE PHE A . n 
A 1 72 VAL 72 72 72 VAL VAL A . n 
A 1 73 CYS 73 73 73 CYS CYS A . n 
A 1 74 GLN 74 74 74 GLN GLN A . n 
A 1 75 CYS 75 75 75 CYS CYS A . n 
A 1 76 PRO 76 76 76 PRO PRO A . n 
A 1 77 GLU 77 77 77 GLU GLU A . n 
A 1 78 GLY 78 78 78 GLY GLY A . n 
A 1 79 PHE 79 79 79 PHE PHE A . n 
A 1 80 ALA 80 80 80 ALA ALA A . n 
A 1 81 GLY 81 81 81 GLY GLY A . n 
A 1 82 LYS 82 82 82 LYS LYS A . n 
A 1 83 SER 83 83 83 SER SER A . n 
A 1 84 CYS 84 84 84 CYS CYS A . n 
A 1 85 GLU 85 85 85 GLU GLU A . n 
A 1 86 ILE 86 86 86 ILE ILE A . n 
A 1 87 ASP 87 87 87 ASP ASP A . n 
A 1 88 THR 88 88 88 THR THR A . n 
A 1 89 ARG 89 89 89 ARG ARG A . n 
A 1 90 ALA 90 90 90 ALA ALA A . n 
A 1 91 THR 91 91 91 THR THR A . n 
# 
loop_
_software.name 
_software.classification 
_software.version 
_software.citation_id 
_software.pdbx_ordinal 
X-PLOR 'model building' 3.0 ? 1 
X-PLOR refinement       3.0 ? 2 
X-PLOR phasing          3.0 ? 3 
# 
_cell.entry_id           1TPG 
_cell.length_a           1.000 
_cell.length_b           1.000 
_cell.length_c           1.000 
_cell.angle_alpha        90.00 
_cell.angle_beta         90.00 
_cell.angle_gamma        90.00 
_cell.Z_PDB              1 
_cell.pdbx_unique_axis   ? 
# 
_symmetry.entry_id                         1TPG 
_symmetry.space_group_name_H-M             'P 1' 
_symmetry.pdbx_full_space_group_name_H-M   ? 
_symmetry.cell_setting                     ? 
_symmetry.Int_Tables_number                1 
# 
_exptl.entry_id          1TPG 
_exptl.method            'SOLUTION NMR' 
_exptl.crystals_number   ? 
# 
_struct.entry_id                  1TPG 
_struct.title                     
'F1-G MODULE PAIR RESIDUES 1-91 (C83S) OF TISSUE-TYPE PLASMINOGEN ACTIVATOR (T-PA) (NMR, 298K, PH2.95, REPRESENTATIVE STRUCTURE)' 
_struct.pdbx_model_details        ? 
_struct.pdbx_CASP_flag            ? 
_struct.pdbx_model_type_details   ? 
# 
_struct_keywords.entry_id        1TPG 
_struct_keywords.pdbx_keywords   'PLASMINOGEN ACTIVATION' 
_struct_keywords.text            'PLASMINOGEN ACTIVATION' 
# 
_struct_asym.id                            A 
_struct_asym.pdbx_blank_PDB_chainid_flag   Y 
_struct_asym.pdbx_modified                 N 
_struct_asym.entity_id                     1 
_struct_asym.details                       ? 
# 
_struct_ref.id                         1 
_struct_ref.db_name                    UNP 
_struct_ref.db_code                    TPA_HUMAN 
_struct_ref.entity_id                  1 
_struct_ref.pdbx_db_accession          P00750 
_struct_ref.pdbx_align_begin           1 
_struct_ref.pdbx_seq_one_letter_code   
;MDAMKRGLCCVLLLCGAVFVSPSQEIHARFRRGARSYQVICRDEKTQMIYQQHQSWLRPVLRSNRVEYCWCNSGRAQCHS
VPVKSCSEPRCFNGGTCQQALYFSDFVCQCPEGFAGKCCEIDTRATCYEDQGISYRGTWSTAESGAECTNWNSSALAQKP
YSGRRPDAIRLGLGNHNYCRNPDRDSKPWCYVFKAGKYSSEFCSTPACSEGNSDCYFGNGSAYRGTHSLTESGASCLPWN
SMILIGKVYTAQNPSAQALGLGKHNYCRNPDGDAKPWCHVLKNRRLTWEYCDVPSCSTCGLRQYSQPQFRIKGGLFADIA
SHPWQAAIFAKHRRSPGERFLCGGILISSCWILSAAHCFQERFPPHHLTVILGRTYRVVPGEEEQKFEVEKYIVHKEFDD
DTYDNDIALLQLKSDSSRCAQESSVVRTVCLPPADLQLPDWTECELSGYGKHEALSPFYSERLKEAHVRLYPSSRCTSQH
LLNRTVTDNMLCAGDTRSGGPQANLHDACQGDSGGPLVCLNDGRMTLVGIISWGLGCGQKDVPGVYTKVTNYLDWIRDNM
RP
;
_struct_ref.pdbx_db_isoform            ? 
# 
_struct_ref_seq.align_id                      1 
_struct_ref_seq.ref_id                        1 
_struct_ref_seq.pdbx_PDB_id_code              1TPG 
_struct_ref_seq.pdbx_strand_id                A 
_struct_ref_seq.seq_align_beg                 1 
_struct_ref_seq.pdbx_seq_align_beg_ins_code   ? 
_struct_ref_seq.seq_align_end                 91 
_struct_ref_seq.pdbx_seq_align_end_ins_code   ? 
_struct_ref_seq.pdbx_db_accession             P00750 
_struct_ref_seq.db_align_beg                  36 
_struct_ref_seq.pdbx_db_align_beg_ins_code    ? 
_struct_ref_seq.db_align_end                  126 
_struct_ref_seq.pdbx_db_align_end_ins_code    ? 
_struct_ref_seq.pdbx_auth_seq_align_beg       1 
_struct_ref_seq.pdbx_auth_seq_align_end       91 
# 
_struct_ref_seq_dif.align_id                     1 
_struct_ref_seq_dif.pdbx_pdb_id_code             1TPG 
_struct_ref_seq_dif.mon_id                       SER 
_struct_ref_seq_dif.pdbx_pdb_strand_id           A 
_struct_ref_seq_dif.seq_num                      83 
_struct_ref_seq_dif.pdbx_pdb_ins_code            ? 
_struct_ref_seq_dif.pdbx_seq_db_name             UNP 
_struct_ref_seq_dif.pdbx_seq_db_accession_code   P00750 
_struct_ref_seq_dif.db_mon_id                    CYS 
_struct_ref_seq_dif.pdbx_seq_db_seq_num          118 
_struct_ref_seq_dif.details                      conflict 
_struct_ref_seq_dif.pdbx_auth_seq_num            83 
_struct_ref_seq_dif.pdbx_ordinal                 1 
# 
_pdbx_struct_assembly.id                   1 
_pdbx_struct_assembly.details              author_defined_assembly 
_pdbx_struct_assembly.method_details       ? 
_pdbx_struct_assembly.oligomeric_details   monomeric 
_pdbx_struct_assembly.oligomeric_count     1 
# 
_pdbx_struct_assembly_gen.assembly_id       1 
_pdbx_struct_assembly_gen.oper_expression   1 
_pdbx_struct_assembly_gen.asym_id_list      A 
# 
_pdbx_struct_oper_list.id                   1 
_pdbx_struct_oper_list.type                 'identity operation' 
_pdbx_struct_oper_list.name                 1_555 
_pdbx_struct_oper_list.symmetry_operation   x,y,z 
_pdbx_struct_oper_list.matrix[1][1]         1.0000000000 
_pdbx_struct_oper_list.matrix[1][2]         0.0000000000 
_pdbx_struct_oper_list.matrix[1][3]         0.0000000000 
_pdbx_struct_oper_list.vector[1]            0.0000000000 
_pdbx_struct_oper_list.matrix[2][1]         0.0000000000 
_pdbx_struct_oper_list.matrix[2][2]         1.0000000000 
_pdbx_struct_oper_list.matrix[2][3]         0.0000000000 
_pdbx_struct_oper_list.vector[2]            0.0000000000 
_pdbx_struct_oper_list.matrix[3][1]         0.0000000000 
_pdbx_struct_oper_list.matrix[3][2]         0.0000000000 
_pdbx_struct_oper_list.matrix[3][3]         1.0000000000 
_pdbx_struct_oper_list.vector[3]            0.0000000000 
# 
_struct_biol.id   1 
# 
loop_
_struct_conn.id 
_struct_conn.conn_type_id 
_struct_conn.pdbx_leaving_atom_flag 
_struct_conn.pdbx_PDB_id 
_struct_conn.ptnr1_label_asym_id 
_struct_conn.ptnr1_label_comp_id 
_struct_conn.ptnr1_label_seq_id 
_struct_conn.ptnr1_label_atom_id 
_struct_conn.pdbx_ptnr1_label_alt_id 
_struct_conn.pdbx_ptnr1_PDB_ins_code 
_struct_conn.pdbx_ptnr1_standard_comp_id 
_struct_conn.ptnr1_symmetry 
_struct_conn.ptnr2_label_asym_id 
_struct_conn.ptnr2_label_comp_id 
_struct_conn.ptnr2_label_seq_id 
_struct_conn.ptnr2_label_atom_id 
_struct_conn.pdbx_ptnr2_label_alt_id 
_struct_conn.pdbx_ptnr2_PDB_ins_code 
_struct_conn.ptnr1_auth_asym_id 
_struct_conn.ptnr1_auth_comp_id 
_struct_conn.ptnr1_auth_seq_id 
_struct_conn.ptnr2_auth_asym_id 
_struct_conn.ptnr2_auth_comp_id 
_struct_conn.ptnr2_auth_seq_id 
_struct_conn.ptnr2_symmetry 
_struct_conn.pdbx_ptnr3_label_atom_id 
_struct_conn.pdbx_ptnr3_label_seq_id 
_struct_conn.pdbx_ptnr3_label_comp_id 
_struct_conn.pdbx_ptnr3_label_asym_id 
_struct_conn.pdbx_ptnr3_label_alt_id 
_struct_conn.pdbx_ptnr3_PDB_ins_code 
_struct_conn.details 
_struct_conn.pdbx_dist_value 
_struct_conn.pdbx_value_order 
_struct_conn.pdbx_role 
disulf1 disulf ? ? A CYS 6  SG ? ? ? 1_555 A CYS 36 SG ? ? A CYS 6  A CYS 36 1_555 ? ? ? ? ? ? ? 2.007 ? ? 
disulf2 disulf ? ? A CYS 34 SG ? ? ? 1_555 A CYS 43 SG ? ? A CYS 34 A CYS 43 1_555 ? ? ? ? ? ? ? 2.017 ? ? 
disulf3 disulf ? ? A CYS 51 SG ? ? ? 1_555 A CYS 62 SG ? ? A CYS 51 A CYS 62 1_555 ? ? ? ? ? ? ? 2.028 ? ? 
disulf4 disulf ? ? A CYS 56 SG ? ? ? 1_555 A CYS 73 SG ? ? A CYS 56 A CYS 73 1_555 ? ? ? ? ? ? ? 2.020 ? ? 
disulf5 disulf ? ? A CYS 75 SG ? ? ? 1_555 A CYS 84 SG ? ? A CYS 75 A CYS 84 1_555 ? ? ? ? ? ? ? 2.015 ? ? 
# 
_struct_conn_type.id          disulf 
_struct_conn_type.criteria    ? 
_struct_conn_type.reference   ? 
# 
loop_
_pdbx_modification_feature.ordinal 
_pdbx_modification_feature.label_comp_id 
_pdbx_modification_feature.label_asym_id 
_pdbx_modification_feature.label_seq_id 
_pdbx_modification_feature.label_alt_id 
_pdbx_modification_feature.modified_residue_label_comp_id 
_pdbx_modification_feature.modified_residue_label_asym_id 
_pdbx_modification_feature.modified_residue_label_seq_id 
_pdbx_modification_feature.modified_residue_label_alt_id 
_pdbx_modification_feature.auth_comp_id 
_pdbx_modification_feature.auth_asym_id 
_pdbx_modification_feature.auth_seq_id 
_pdbx_modification_feature.PDB_ins_code 
_pdbx_modification_feature.symmetry 
_pdbx_modification_feature.modified_residue_auth_comp_id 
_pdbx_modification_feature.modified_residue_auth_asym_id 
_pdbx_modification_feature.modified_residue_auth_seq_id 
_pdbx_modification_feature.modified_residue_PDB_ins_code 
_pdbx_modification_feature.modified_residue_symmetry 
_pdbx_modification_feature.comp_id_linking_atom 
_pdbx_modification_feature.modified_residue_id_linking_atom 
_pdbx_modification_feature.modified_residue_id 
_pdbx_modification_feature.ref_pcm_id 
_pdbx_modification_feature.ref_comp_id 
_pdbx_modification_feature.type 
_pdbx_modification_feature.category 
1 CYS A 6  ? CYS A 36 ? CYS A 6  ? 1_555 CYS A 36 ? 1_555 SG SG . . . None 'Disulfide bridge' 
2 CYS A 34 ? CYS A 43 ? CYS A 34 ? 1_555 CYS A 43 ? 1_555 SG SG . . . None 'Disulfide bridge' 
3 CYS A 51 ? CYS A 62 ? CYS A 51 ? 1_555 CYS A 62 ? 1_555 SG SG . . . None 'Disulfide bridge' 
4 CYS A 56 ? CYS A 73 ? CYS A 56 ? 1_555 CYS A 73 ? 1_555 SG SG . . . None 'Disulfide bridge' 
5 CYS A 75 ? CYS A 84 ? CYS A 75 ? 1_555 CYS A 84 ? 1_555 SG SG . . . None 'Disulfide bridge' 
# 
loop_
_struct_sheet.id 
_struct_sheet.type 
_struct_sheet.number_strands 
_struct_sheet.details 
A ? 2 ? 
B ? 3 ? 
# 
loop_
_struct_sheet_order.sheet_id 
_struct_sheet_order.range_id_1 
_struct_sheet_order.range_id_2 
_struct_sheet_order.offset 
_struct_sheet_order.sense 
A 1 2 ? anti-parallel 
B 1 2 ? anti-parallel 
B 2 3 ? anti-parallel 
# 
loop_
_struct_sheet_range.sheet_id 
_struct_sheet_range.id 
_struct_sheet_range.beg_label_comp_id 
_struct_sheet_range.beg_label_asym_id 
_struct_sheet_range.beg_label_seq_id 
_struct_sheet_range.pdbx_beg_PDB_ins_code 
_struct_sheet_range.end_label_comp_id 
_struct_sheet_range.end_label_asym_id 
_struct_sheet_range.end_label_seq_id 
_struct_sheet_range.pdbx_end_PDB_ins_code 
_struct_sheet_range.beg_auth_comp_id 
_struct_sheet_range.beg_auth_asym_id 
_struct_sheet_range.beg_auth_seq_id 
_struct_sheet_range.end_auth_comp_id 
_struct_sheet_range.end_auth_asym_id 
_struct_sheet_range.end_auth_seq_id 
A 1 SER A 20 ? PRO A 24 ? SER A 20 PRO A 24 
A 2 VAL A 31 ? TRP A 35 ? VAL A 31 TRP A 35 
B 1 VAL A 48 ? SER A 50 ? VAL A 48 SER A 50 
B 2 THR A 61 ? ALA A 65 ? THR A 61 ALA A 65 
B 3 PHE A 71 ? GLN A 74 ? PHE A 71 GLN A 74 
# 
loop_
_pdbx_struct_sheet_hbond.sheet_id 
_pdbx_struct_sheet_hbond.range_id_1 
_pdbx_struct_sheet_hbond.range_id_2 
_pdbx_struct_sheet_hbond.range_1_label_atom_id 
_pdbx_struct_sheet_hbond.range_1_label_comp_id 
_pdbx_struct_sheet_hbond.range_1_label_asym_id 
_pdbx_struct_sheet_hbond.range_1_label_seq_id 
_pdbx_struct_sheet_hbond.range_1_PDB_ins_code 
_pdbx_struct_sheet_hbond.range_1_auth_atom_id 
_pdbx_struct_sheet_hbond.range_1_auth_comp_id 
_pdbx_struct_sheet_hbond.range_1_auth_asym_id 
_pdbx_struct_sheet_hbond.range_1_auth_seq_id 
_pdbx_struct_sheet_hbond.range_2_label_atom_id 
_pdbx_struct_sheet_hbond.range_2_label_comp_id 
_pdbx_struct_sheet_hbond.range_2_label_asym_id 
_pdbx_struct_sheet_hbond.range_2_label_seq_id 
_pdbx_struct_sheet_hbond.range_2_PDB_ins_code 
_pdbx_struct_sheet_hbond.range_2_auth_atom_id 
_pdbx_struct_sheet_hbond.range_2_auth_comp_id 
_pdbx_struct_sheet_hbond.range_2_auth_asym_id 
_pdbx_struct_sheet_hbond.range_2_auth_seq_id 
A 1 2 O TRP A 21 ? O TRP A 21 N CYS A 34 ? N CYS A 34 
B 1 2 O LYS A 49 ? O LYS A 49 N GLN A 64 ? N GLN A 64 
B 2 3 O THR A 61 ? O THR A 61 N GLN A 74 ? N GLN A 74 
# 
_pdbx_entry_details.entry_id                   1TPG 
_pdbx_entry_details.compound_details           ? 
_pdbx_entry_details.source_details             ? 
_pdbx_entry_details.nonpolymer_details         ? 
_pdbx_entry_details.sequence_details           ? 
_pdbx_entry_details.has_ligand_of_interest     ? 
_pdbx_entry_details.has_protein_modification   Y 
# 
loop_
_pdbx_validate_torsion.id 
_pdbx_validate_torsion.PDB_model_num 
_pdbx_validate_torsion.auth_comp_id 
_pdbx_validate_torsion.auth_asym_id 
_pdbx_validate_torsion.auth_seq_id 
_pdbx_validate_torsion.PDB_ins_code 
_pdbx_validate_torsion.label_alt_id 
_pdbx_validate_torsion.phi 
_pdbx_validate_torsion.psi 
1  1 VAL A 4  ? ? -150.79 88.75   
2  1 CYS A 6  ? ? 83.02   97.82   
3  1 LEU A 26 ? ? -100.52 -91.33  
4  1 SER A 28 ? ? -40.84  -80.50  
5  1 ASN A 29 ? ? 148.77  -18.78  
6  1 ALA A 41 ? ? 58.81   95.61   
7  1 HIS A 44 ? ? -178.37 140.03  
8  1 PRO A 54 ? ? -65.73  95.42   
9  1 PHE A 68 ? ? -101.29 -169.60 
10 1 CYS A 75 ? ? -170.89 85.53   
11 1 PRO A 76 ? ? -64.46  -161.30 
12 1 GLU A 77 ? ? 87.28   -54.63  
13 1 PHE A 79 ? ? -65.18  -148.70 
# 
loop_
_pdbx_validate_planes.id 
_pdbx_validate_planes.PDB_model_num 
_pdbx_validate_planes.auth_comp_id 
_pdbx_validate_planes.auth_asym_id 
_pdbx_validate_planes.auth_seq_id 
_pdbx_validate_planes.PDB_ins_code 
_pdbx_validate_planes.label_alt_id 
_pdbx_validate_planes.rmsd 
_pdbx_validate_planes.type 
1 1 ARG A 7  ? ? 0.296 'SIDE CHAIN' 
2 1 ARG A 23 ? ? 0.314 'SIDE CHAIN' 
3 1 ARG A 27 ? ? 0.251 'SIDE CHAIN' 
4 1 ARG A 30 ? ? 0.177 'SIDE CHAIN' 
5 1 ARG A 40 ? ? 0.283 'SIDE CHAIN' 
6 1 ARG A 55 ? ? 0.242 'SIDE CHAIN' 
7 1 ARG A 89 ? ? 0.251 'SIDE CHAIN' 
# 
_pdbx_nmr_ensemble.entry_id                             1TPG 
_pdbx_nmr_ensemble.conformers_calculated_total_number   ? 
_pdbx_nmr_ensemble.conformers_submitted_total_number    1 
_pdbx_nmr_ensemble.conformer_selection_criteria         ? 
# 
_pdbx_nmr_software.classification   refinement 
_pdbx_nmr_software.name             X-PLOR 
_pdbx_nmr_software.version          3.0 
_pdbx_nmr_software.authors          BRUNGER 
_pdbx_nmr_software.ordinal          1 
# 
loop_
_chem_comp_atom.comp_id 
_chem_comp_atom.atom_id 
_chem_comp_atom.type_symbol 
_chem_comp_atom.pdbx_aromatic_flag 
_chem_comp_atom.pdbx_stereo_config 
_chem_comp_atom.pdbx_ordinal 
ALA N    N N N 1   
ALA CA   C N S 2   
ALA C    C N N 3   
ALA O    O N N 4   
ALA CB   C N N 5   
ALA OXT  O N N 6   
ALA H    H N N 7   
ALA H2   H N N 8   
ALA HA   H N N 9   
ALA HB1  H N N 10  
ALA HB2  H N N 11  
ALA HB3  H N N 12  
ALA HXT  H N N 13  
ARG N    N N N 14  
ARG CA   C N S 15  
ARG C    C N N 16  
ARG O    O N N 17  
ARG CB   C N N 18  
ARG CG   C N N 19  
ARG CD   C N N 20  
ARG NE   N N N 21  
ARG CZ   C N N 22  
ARG NH1  N N N 23  
ARG NH2  N N N 24  
ARG OXT  O N N 25  
ARG H    H N N 26  
ARG H2   H N N 27  
ARG HA   H N N 28  
ARG HB2  H N N 29  
ARG HB3  H N N 30  
ARG HG2  H N N 31  
ARG HG3  H N N 32  
ARG HD2  H N N 33  
ARG HD3  H N N 34  
ARG HE   H N N 35  
ARG HH11 H N N 36  
ARG HH12 H N N 37  
ARG HH21 H N N 38  
ARG HH22 H N N 39  
ARG HXT  H N N 40  
ASN N    N N N 41  
ASN CA   C N S 42  
ASN C    C N N 43  
ASN O    O N N 44  
ASN CB   C N N 45  
ASN CG   C N N 46  
ASN OD1  O N N 47  
ASN ND2  N N N 48  
ASN OXT  O N N 49  
ASN H    H N N 50  
ASN H2   H N N 51  
ASN HA   H N N 52  
ASN HB2  H N N 53  
ASN HB3  H N N 54  
ASN HD21 H N N 55  
ASN HD22 H N N 56  
ASN HXT  H N N 57  
ASP N    N N N 58  
ASP CA   C N S 59  
ASP C    C N N 60  
ASP O    O N N 61  
ASP CB   C N N 62  
ASP CG   C N N 63  
ASP OD1  O N N 64  
ASP OD2  O N N 65  
ASP OXT  O N N 66  
ASP H    H N N 67  
ASP H2   H N N 68  
ASP HA   H N N 69  
ASP HB2  H N N 70  
ASP HB3  H N N 71  
ASP HD2  H N N 72  
ASP HXT  H N N 73  
CYS N    N N N 74  
CYS CA   C N R 75  
CYS C    C N N 76  
CYS O    O N N 77  
CYS CB   C N N 78  
CYS SG   S N N 79  
CYS OXT  O N N 80  
CYS H    H N N 81  
CYS H2   H N N 82  
CYS HA   H N N 83  
CYS HB2  H N N 84  
CYS HB3  H N N 85  
CYS HG   H N N 86  
CYS HXT  H N N 87  
GLN N    N N N 88  
GLN CA   C N S 89  
GLN C    C N N 90  
GLN O    O N N 91  
GLN CB   C N N 92  
GLN CG   C N N 93  
GLN CD   C N N 94  
GLN OE1  O N N 95  
GLN NE2  N N N 96  
GLN OXT  O N N 97  
GLN H    H N N 98  
GLN H2   H N N 99  
GLN HA   H N N 100 
GLN HB2  H N N 101 
GLN HB3  H N N 102 
GLN HG2  H N N 103 
GLN HG3  H N N 104 
GLN HE21 H N N 105 
GLN HE22 H N N 106 
GLN HXT  H N N 107 
GLU N    N N N 108 
GLU CA   C N S 109 
GLU C    C N N 110 
GLU O    O N N 111 
GLU CB   C N N 112 
GLU CG   C N N 113 
GLU CD   C N N 114 
GLU OE1  O N N 115 
GLU OE2  O N N 116 
GLU OXT  O N N 117 
GLU H    H N N 118 
GLU H2   H N N 119 
GLU HA   H N N 120 
GLU HB2  H N N 121 
GLU HB3  H N N 122 
GLU HG2  H N N 123 
GLU HG3  H N N 124 
GLU HE2  H N N 125 
GLU HXT  H N N 126 
GLY N    N N N 127 
GLY CA   C N N 128 
GLY C    C N N 129 
GLY O    O N N 130 
GLY OXT  O N N 131 
GLY H    H N N 132 
GLY H2   H N N 133 
GLY HA2  H N N 134 
GLY HA3  H N N 135 
GLY HXT  H N N 136 
HIS N    N N N 137 
HIS CA   C N S 138 
HIS C    C N N 139 
HIS O    O N N 140 
HIS CB   C N N 141 
HIS CG   C Y N 142 
HIS ND1  N Y N 143 
HIS CD2  C Y N 144 
HIS CE1  C Y N 145 
HIS NE2  N Y N 146 
HIS OXT  O N N 147 
HIS H    H N N 148 
HIS H2   H N N 149 
HIS HA   H N N 150 
HIS HB2  H N N 151 
HIS HB3  H N N 152 
HIS HD1  H N N 153 
HIS HD2  H N N 154 
HIS HE1  H N N 155 
HIS HE2  H N N 156 
HIS HXT  H N N 157 
ILE N    N N N 158 
ILE CA   C N S 159 
ILE C    C N N 160 
ILE O    O N N 161 
ILE CB   C N S 162 
ILE CG1  C N N 163 
ILE CG2  C N N 164 
ILE CD1  C N N 165 
ILE OXT  O N N 166 
ILE H    H N N 167 
ILE H2   H N N 168 
ILE HA   H N N 169 
ILE HB   H N N 170 
ILE HG12 H N N 171 
ILE HG13 H N N 172 
ILE HG21 H N N 173 
ILE HG22 H N N 174 
ILE HG23 H N N 175 
ILE HD11 H N N 176 
ILE HD12 H N N 177 
ILE HD13 H N N 178 
ILE HXT  H N N 179 
LEU N    N N N 180 
LEU CA   C N S 181 
LEU C    C N N 182 
LEU O    O N N 183 
LEU CB   C N N 184 
LEU CG   C N N 185 
LEU CD1  C N N 186 
LEU CD2  C N N 187 
LEU OXT  O N N 188 
LEU H    H N N 189 
LEU H2   H N N 190 
LEU HA   H N N 191 
LEU HB2  H N N 192 
LEU HB3  H N N 193 
LEU HG   H N N 194 
LEU HD11 H N N 195 
LEU HD12 H N N 196 
LEU HD13 H N N 197 
LEU HD21 H N N 198 
LEU HD22 H N N 199 
LEU HD23 H N N 200 
LEU HXT  H N N 201 
LYS N    N N N 202 
LYS CA   C N S 203 
LYS C    C N N 204 
LYS O    O N N 205 
LYS CB   C N N 206 
LYS CG   C N N 207 
LYS CD   C N N 208 
LYS CE   C N N 209 
LYS NZ   N N N 210 
LYS OXT  O N N 211 
LYS H    H N N 212 
LYS H2   H N N 213 
LYS HA   H N N 214 
LYS HB2  H N N 215 
LYS HB3  H N N 216 
LYS HG2  H N N 217 
LYS HG3  H N N 218 
LYS HD2  H N N 219 
LYS HD3  H N N 220 
LYS HE2  H N N 221 
LYS HE3  H N N 222 
LYS HZ1  H N N 223 
LYS HZ2  H N N 224 
LYS HZ3  H N N 225 
LYS HXT  H N N 226 
MET N    N N N 227 
MET CA   C N S 228 
MET C    C N N 229 
MET O    O N N 230 
MET CB   C N N 231 
MET CG   C N N 232 
MET SD   S N N 233 
MET CE   C N N 234 
MET OXT  O N N 235 
MET H    H N N 236 
MET H2   H N N 237 
MET HA   H N N 238 
MET HB2  H N N 239 
MET HB3  H N N 240 
MET HG2  H N N 241 
MET HG3  H N N 242 
MET HE1  H N N 243 
MET HE2  H N N 244 
MET HE3  H N N 245 
MET HXT  H N N 246 
PHE N    N N N 247 
PHE CA   C N S 248 
PHE C    C N N 249 
PHE O    O N N 250 
PHE CB   C N N 251 
PHE CG   C Y N 252 
PHE CD1  C Y N 253 
PHE CD2  C Y N 254 
PHE CE1  C Y N 255 
PHE CE2  C Y N 256 
PHE CZ   C Y N 257 
PHE OXT  O N N 258 
PHE H    H N N 259 
PHE H2   H N N 260 
PHE HA   H N N 261 
PHE HB2  H N N 262 
PHE HB3  H N N 263 
PHE HD1  H N N 264 
PHE HD2  H N N 265 
PHE HE1  H N N 266 
PHE HE2  H N N 267 
PHE HZ   H N N 268 
PHE HXT  H N N 269 
PRO N    N N N 270 
PRO CA   C N S 271 
PRO C    C N N 272 
PRO O    O N N 273 
PRO CB   C N N 274 
PRO CG   C N N 275 
PRO CD   C N N 276 
PRO OXT  O N N 277 
PRO H    H N N 278 
PRO HA   H N N 279 
PRO HB2  H N N 280 
PRO HB3  H N N 281 
PRO HG2  H N N 282 
PRO HG3  H N N 283 
PRO HD2  H N N 284 
PRO HD3  H N N 285 
PRO HXT  H N N 286 
SER N    N N N 287 
SER CA   C N S 288 
SER C    C N N 289 
SER O    O N N 290 
SER CB   C N N 291 
SER OG   O N N 292 
SER OXT  O N N 293 
SER H    H N N 294 
SER H2   H N N 295 
SER HA   H N N 296 
SER HB2  H N N 297 
SER HB3  H N N 298 
SER HG   H N N 299 
SER HXT  H N N 300 
THR N    N N N 301 
THR CA   C N S 302 
THR C    C N N 303 
THR O    O N N 304 
THR CB   C N R 305 
THR OG1  O N N 306 
THR CG2  C N N 307 
THR OXT  O N N 308 
THR H    H N N 309 
THR H2   H N N 310 
THR HA   H N N 311 
THR HB   H N N 312 
THR HG1  H N N 313 
THR HG21 H N N 314 
THR HG22 H N N 315 
THR HG23 H N N 316 
THR HXT  H N N 317 
TRP N    N N N 318 
TRP CA   C N S 319 
TRP C    C N N 320 
TRP O    O N N 321 
TRP CB   C N N 322 
TRP CG   C Y N 323 
TRP CD1  C Y N 324 
TRP CD2  C Y N 325 
TRP NE1  N Y N 326 
TRP CE2  C Y N 327 
TRP CE3  C Y N 328 
TRP CZ2  C Y N 329 
TRP CZ3  C Y N 330 
TRP CH2  C Y N 331 
TRP OXT  O N N 332 
TRP H    H N N 333 
TRP H2   H N N 334 
TRP HA   H N N 335 
TRP HB2  H N N 336 
TRP HB3  H N N 337 
TRP HD1  H N N 338 
TRP HE1  H N N 339 
TRP HE3  H N N 340 
TRP HZ2  H N N 341 
TRP HZ3  H N N 342 
TRP HH2  H N N 343 
TRP HXT  H N N 344 
TYR N    N N N 345 
TYR CA   C N S 346 
TYR C    C N N 347 
TYR O    O N N 348 
TYR CB   C N N 349 
TYR CG   C Y N 350 
TYR CD1  C Y N 351 
TYR CD2  C Y N 352 
TYR CE1  C Y N 353 
TYR CE2  C Y N 354 
TYR CZ   C Y N 355 
TYR OH   O N N 356 
TYR OXT  O N N 357 
TYR H    H N N 358 
TYR H2   H N N 359 
TYR HA   H N N 360 
TYR HB2  H N N 361 
TYR HB3  H N N 362 
TYR HD1  H N N 363 
TYR HD2  H N N 364 
TYR HE1  H N N 365 
TYR HE2  H N N 366 
TYR HH   H N N 367 
TYR HXT  H N N 368 
VAL N    N N N 369 
VAL CA   C N S 370 
VAL C    C N N 371 
VAL O    O N N 372 
VAL CB   C N N 373 
VAL CG1  C N N 374 
VAL CG2  C N N 375 
VAL OXT  O N N 376 
VAL H    H N N 377 
VAL H2   H N N 378 
VAL HA   H N N 379 
VAL HB   H N N 380 
VAL HG11 H N N 381 
VAL HG12 H N N 382 
VAL HG13 H N N 383 
VAL HG21 H N N 384 
VAL HG22 H N N 385 
VAL HG23 H N N 386 
VAL HXT  H N N 387 
# 
loop_
_chem_comp_bond.comp_id 
_chem_comp_bond.atom_id_1 
_chem_comp_bond.atom_id_2 
_chem_comp_bond.value_order 
_chem_comp_bond.pdbx_aromatic_flag 
_chem_comp_bond.pdbx_stereo_config 
_chem_comp_bond.pdbx_ordinal 
ALA N   CA   sing N N 1   
ALA N   H    sing N N 2   
ALA N   H2   sing N N 3   
ALA CA  C    sing N N 4   
ALA CA  CB   sing N N 5   
ALA CA  HA   sing N N 6   
ALA C   O    doub N N 7   
ALA C   OXT  sing N N 8   
ALA CB  HB1  sing N N 9   
ALA CB  HB2  sing N N 10  
ALA CB  HB3  sing N N 11  
ALA OXT HXT  sing N N 12  
ARG N   CA   sing N N 13  
ARG N   H    sing N N 14  
ARG N   H2   sing N N 15  
ARG CA  C    sing N N 16  
ARG CA  CB   sing N N 17  
ARG CA  HA   sing N N 18  
ARG C   O    doub N N 19  
ARG C   OXT  sing N N 20  
ARG CB  CG   sing N N 21  
ARG CB  HB2  sing N N 22  
ARG CB  HB3  sing N N 23  
ARG CG  CD   sing N N 24  
ARG CG  HG2  sing N N 25  
ARG CG  HG3  sing N N 26  
ARG CD  NE   sing N N 27  
ARG CD  HD2  sing N N 28  
ARG CD  HD3  sing N N 29  
ARG NE  CZ   sing N N 30  
ARG NE  HE   sing N N 31  
ARG CZ  NH1  sing N N 32  
ARG CZ  NH2  doub N N 33  
ARG NH1 HH11 sing N N 34  
ARG NH1 HH12 sing N N 35  
ARG NH2 HH21 sing N N 36  
ARG NH2 HH22 sing N N 37  
ARG OXT HXT  sing N N 38  
ASN N   CA   sing N N 39  
ASN N   H    sing N N 40  
ASN N   H2   sing N N 41  
ASN CA  C    sing N N 42  
ASN CA  CB   sing N N 43  
ASN CA  HA   sing N N 44  
ASN C   O    doub N N 45  
ASN C   OXT  sing N N 46  
ASN CB  CG   sing N N 47  
ASN CB  HB2  sing N N 48  
ASN CB  HB3  sing N N 49  
ASN CG  OD1  doub N N 50  
ASN CG  ND2  sing N N 51  
ASN ND2 HD21 sing N N 52  
ASN ND2 HD22 sing N N 53  
ASN OXT HXT  sing N N 54  
ASP N   CA   sing N N 55  
ASP N   H    sing N N 56  
ASP N   H2   sing N N 57  
ASP CA  C    sing N N 58  
ASP CA  CB   sing N N 59  
ASP CA  HA   sing N N 60  
ASP C   O    doub N N 61  
ASP C   OXT  sing N N 62  
ASP CB  CG   sing N N 63  
ASP CB  HB2  sing N N 64  
ASP CB  HB3  sing N N 65  
ASP CG  OD1  doub N N 66  
ASP CG  OD2  sing N N 67  
ASP OD2 HD2  sing N N 68  
ASP OXT HXT  sing N N 69  
CYS N   CA   sing N N 70  
CYS N   H    sing N N 71  
CYS N   H2   sing N N 72  
CYS CA  C    sing N N 73  
CYS CA  CB   sing N N 74  
CYS CA  HA   sing N N 75  
CYS C   O    doub N N 76  
CYS C   OXT  sing N N 77  
CYS CB  SG   sing N N 78  
CYS CB  HB2  sing N N 79  
CYS CB  HB3  sing N N 80  
CYS SG  HG   sing N N 81  
CYS OXT HXT  sing N N 82  
GLN N   CA   sing N N 83  
GLN N   H    sing N N 84  
GLN N   H2   sing N N 85  
GLN CA  C    sing N N 86  
GLN CA  CB   sing N N 87  
GLN CA  HA   sing N N 88  
GLN C   O    doub N N 89  
GLN C   OXT  sing N N 90  
GLN CB  CG   sing N N 91  
GLN CB  HB2  sing N N 92  
GLN CB  HB3  sing N N 93  
GLN CG  CD   sing N N 94  
GLN CG  HG2  sing N N 95  
GLN CG  HG3  sing N N 96  
GLN CD  OE1  doub N N 97  
GLN CD  NE2  sing N N 98  
GLN NE2 HE21 sing N N 99  
GLN NE2 HE22 sing N N 100 
GLN OXT HXT  sing N N 101 
GLU N   CA   sing N N 102 
GLU N   H    sing N N 103 
GLU N   H2   sing N N 104 
GLU CA  C    sing N N 105 
GLU CA  CB   sing N N 106 
GLU CA  HA   sing N N 107 
GLU C   O    doub N N 108 
GLU C   OXT  sing N N 109 
GLU CB  CG   sing N N 110 
GLU CB  HB2  sing N N 111 
GLU CB  HB3  sing N N 112 
GLU CG  CD   sing N N 113 
GLU CG  HG2  sing N N 114 
GLU CG  HG3  sing N N 115 
GLU CD  OE1  doub N N 116 
GLU CD  OE2  sing N N 117 
GLU OE2 HE2  sing N N 118 
GLU OXT HXT  sing N N 119 
GLY N   CA   sing N N 120 
GLY N   H    sing N N 121 
GLY N   H2   sing N N 122 
GLY CA  C    sing N N 123 
GLY CA  HA2  sing N N 124 
GLY CA  HA3  sing N N 125 
GLY C   O    doub N N 126 
GLY C   OXT  sing N N 127 
GLY OXT HXT  sing N N 128 
HIS N   CA   sing N N 129 
HIS N   H    sing N N 130 
HIS N   H2   sing N N 131 
HIS CA  C    sing N N 132 
HIS CA  CB   sing N N 133 
HIS CA  HA   sing N N 134 
HIS C   O    doub N N 135 
HIS C   OXT  sing N N 136 
HIS CB  CG   sing N N 137 
HIS CB  HB2  sing N N 138 
HIS CB  HB3  sing N N 139 
HIS CG  ND1  sing Y N 140 
HIS CG  CD2  doub Y N 141 
HIS ND1 CE1  doub Y N 142 
HIS ND1 HD1  sing N N 143 
HIS CD2 NE2  sing Y N 144 
HIS CD2 HD2  sing N N 145 
HIS CE1 NE2  sing Y N 146 
HIS CE1 HE1  sing N N 147 
HIS NE2 HE2  sing N N 148 
HIS OXT HXT  sing N N 149 
ILE N   CA   sing N N 150 
ILE N   H    sing N N 151 
ILE N   H2   sing N N 152 
ILE CA  C    sing N N 153 
ILE CA  CB   sing N N 154 
ILE CA  HA   sing N N 155 
ILE C   O    doub N N 156 
ILE C   OXT  sing N N 157 
ILE CB  CG1  sing N N 158 
ILE CB  CG2  sing N N 159 
ILE CB  HB   sing N N 160 
ILE CG1 CD1  sing N N 161 
ILE CG1 HG12 sing N N 162 
ILE CG1 HG13 sing N N 163 
ILE CG2 HG21 sing N N 164 
ILE CG2 HG22 sing N N 165 
ILE CG2 HG23 sing N N 166 
ILE CD1 HD11 sing N N 167 
ILE CD1 HD12 sing N N 168 
ILE CD1 HD13 sing N N 169 
ILE OXT HXT  sing N N 170 
LEU N   CA   sing N N 171 
LEU N   H    sing N N 172 
LEU N   H2   sing N N 173 
LEU CA  C    sing N N 174 
LEU CA  CB   sing N N 175 
LEU CA  HA   sing N N 176 
LEU C   O    doub N N 177 
LEU C   OXT  sing N N 178 
LEU CB  CG   sing N N 179 
LEU CB  HB2  sing N N 180 
LEU CB  HB3  sing N N 181 
LEU CG  CD1  sing N N 182 
LEU CG  CD2  sing N N 183 
LEU CG  HG   sing N N 184 
LEU CD1 HD11 sing N N 185 
LEU CD1 HD12 sing N N 186 
LEU CD1 HD13 sing N N 187 
LEU CD2 HD21 sing N N 188 
LEU CD2 HD22 sing N N 189 
LEU CD2 HD23 sing N N 190 
LEU OXT HXT  sing N N 191 
LYS N   CA   sing N N 192 
LYS N   H    sing N N 193 
LYS N   H2   sing N N 194 
LYS CA  C    sing N N 195 
LYS CA  CB   sing N N 196 
LYS CA  HA   sing N N 197 
LYS C   O    doub N N 198 
LYS C   OXT  sing N N 199 
LYS CB  CG   sing N N 200 
LYS CB  HB2  sing N N 201 
LYS CB  HB3  sing N N 202 
LYS CG  CD   sing N N 203 
LYS CG  HG2  sing N N 204 
LYS CG  HG3  sing N N 205 
LYS CD  CE   sing N N 206 
LYS CD  HD2  sing N N 207 
LYS CD  HD3  sing N N 208 
LYS CE  NZ   sing N N 209 
LYS CE  HE2  sing N N 210 
LYS CE  HE3  sing N N 211 
LYS NZ  HZ1  sing N N 212 
LYS NZ  HZ2  sing N N 213 
LYS NZ  HZ3  sing N N 214 
LYS OXT HXT  sing N N 215 
MET N   CA   sing N N 216 
MET N   H    sing N N 217 
MET N   H2   sing N N 218 
MET CA  C    sing N N 219 
MET CA  CB   sing N N 220 
MET CA  HA   sing N N 221 
MET C   O    doub N N 222 
MET C   OXT  sing N N 223 
MET CB  CG   sing N N 224 
MET CB  HB2  sing N N 225 
MET CB  HB3  sing N N 226 
MET CG  SD   sing N N 227 
MET CG  HG2  sing N N 228 
MET CG  HG3  sing N N 229 
MET SD  CE   sing N N 230 
MET CE  HE1  sing N N 231 
MET CE  HE2  sing N N 232 
MET CE  HE3  sing N N 233 
MET OXT HXT  sing N N 234 
PHE N   CA   sing N N 235 
PHE N   H    sing N N 236 
PHE N   H2   sing N N 237 
PHE CA  C    sing N N 238 
PHE CA  CB   sing N N 239 
PHE CA  HA   sing N N 240 
PHE C   O    doub N N 241 
PHE C   OXT  sing N N 242 
PHE CB  CG   sing N N 243 
PHE CB  HB2  sing N N 244 
PHE CB  HB3  sing N N 245 
PHE CG  CD1  doub Y N 246 
PHE CG  CD2  sing Y N 247 
PHE CD1 CE1  sing Y N 248 
PHE CD1 HD1  sing N N 249 
PHE CD2 CE2  doub Y N 250 
PHE CD2 HD2  sing N N 251 
PHE CE1 CZ   doub Y N 252 
PHE CE1 HE1  sing N N 253 
PHE CE2 CZ   sing Y N 254 
PHE CE2 HE2  sing N N 255 
PHE CZ  HZ   sing N N 256 
PHE OXT HXT  sing N N 257 
PRO N   CA   sing N N 258 
PRO N   CD   sing N N 259 
PRO N   H    sing N N 260 
PRO CA  C    sing N N 261 
PRO CA  CB   sing N N 262 
PRO CA  HA   sing N N 263 
PRO C   O    doub N N 264 
PRO C   OXT  sing N N 265 
PRO CB  CG   sing N N 266 
PRO CB  HB2  sing N N 267 
PRO CB  HB3  sing N N 268 
PRO CG  CD   sing N N 269 
PRO CG  HG2  sing N N 270 
PRO CG  HG3  sing N N 271 
PRO CD  HD2  sing N N 272 
PRO CD  HD3  sing N N 273 
PRO OXT HXT  sing N N 274 
SER N   CA   sing N N 275 
SER N   H    sing N N 276 
SER N   H2   sing N N 277 
SER CA  C    sing N N 278 
SER CA  CB   sing N N 279 
SER CA  HA   sing N N 280 
SER C   O    doub N N 281 
SER C   OXT  sing N N 282 
SER CB  OG   sing N N 283 
SER CB  HB2  sing N N 284 
SER CB  HB3  sing N N 285 
SER OG  HG   sing N N 286 
SER OXT HXT  sing N N 287 
THR N   CA   sing N N 288 
THR N   H    sing N N 289 
THR N   H2   sing N N 290 
THR CA  C    sing N N 291 
THR CA  CB   sing N N 292 
THR CA  HA   sing N N 293 
THR C   O    doub N N 294 
THR C   OXT  sing N N 295 
THR CB  OG1  sing N N 296 
THR CB  CG2  sing N N 297 
THR CB  HB   sing N N 298 
THR OG1 HG1  sing N N 299 
THR CG2 HG21 sing N N 300 
THR CG2 HG22 sing N N 301 
THR CG2 HG23 sing N N 302 
THR OXT HXT  sing N N 303 
TRP N   CA   sing N N 304 
TRP N   H    sing N N 305 
TRP N   H2   sing N N 306 
TRP CA  C    sing N N 307 
TRP CA  CB   sing N N 308 
TRP CA  HA   sing N N 309 
TRP C   O    doub N N 310 
TRP C   OXT  sing N N 311 
TRP CB  CG   sing N N 312 
TRP CB  HB2  sing N N 313 
TRP CB  HB3  sing N N 314 
TRP CG  CD1  doub Y N 315 
TRP CG  CD2  sing Y N 316 
TRP CD1 NE1  sing Y N 317 
TRP CD1 HD1  sing N N 318 
TRP CD2 CE2  doub Y N 319 
TRP CD2 CE3  sing Y N 320 
TRP NE1 CE2  sing Y N 321 
TRP NE1 HE1  sing N N 322 
TRP CE2 CZ2  sing Y N 323 
TRP CE3 CZ3  doub Y N 324 
TRP CE3 HE3  sing N N 325 
TRP CZ2 CH2  doub Y N 326 
TRP CZ2 HZ2  sing N N 327 
TRP CZ3 CH2  sing Y N 328 
TRP CZ3 HZ3  sing N N 329 
TRP CH2 HH2  sing N N 330 
TRP OXT HXT  sing N N 331 
TYR N   CA   sing N N 332 
TYR N   H    sing N N 333 
TYR N   H2   sing N N 334 
TYR CA  C    sing N N 335 
TYR CA  CB   sing N N 336 
TYR CA  HA   sing N N 337 
TYR C   O    doub N N 338 
TYR C   OXT  sing N N 339 
TYR CB  CG   sing N N 340 
TYR CB  HB2  sing N N 341 
TYR CB  HB3  sing N N 342 
TYR CG  CD1  doub Y N 343 
TYR CG  CD2  sing Y N 344 
TYR CD1 CE1  sing Y N 345 
TYR CD1 HD1  sing N N 346 
TYR CD2 CE2  doub Y N 347 
TYR CD2 HD2  sing N N 348 
TYR CE1 CZ   doub Y N 349 
TYR CE1 HE1  sing N N 350 
TYR CE2 CZ   sing Y N 351 
TYR CE2 HE2  sing N N 352 
TYR CZ  OH   sing N N 353 
TYR OH  HH   sing N N 354 
TYR OXT HXT  sing N N 355 
VAL N   CA   sing N N 356 
VAL N   H    sing N N 357 
VAL N   H2   sing N N 358 
VAL CA  C    sing N N 359 
VAL CA  CB   sing N N 360 
VAL CA  HA   sing N N 361 
VAL C   O    doub N N 362 
VAL C   OXT  sing N N 363 
VAL CB  CG1  sing N N 364 
VAL CB  CG2  sing N N 365 
VAL CB  HB   sing N N 366 
VAL CG1 HG11 sing N N 367 
VAL CG1 HG12 sing N N 368 
VAL CG1 HG13 sing N N 369 
VAL CG2 HG21 sing N N 370 
VAL CG2 HG22 sing N N 371 
VAL CG2 HG23 sing N N 372 
VAL OXT HXT  sing N N 373 
# 
_atom_sites.entry_id                    1TPG 
_atom_sites.fract_transf_matrix[1][1]   1.000000 
_atom_sites.fract_transf_matrix[1][2]   0.000000 
_atom_sites.fract_transf_matrix[1][3]   0.000000 
_atom_sites.fract_transf_matrix[2][1]   0.000000 
_atom_sites.fract_transf_matrix[2][2]   1.000000 
_atom_sites.fract_transf_matrix[2][3]   0.000000 
_atom_sites.fract_transf_matrix[3][1]   0.000000 
_atom_sites.fract_transf_matrix[3][2]   0.000000 
_atom_sites.fract_transf_matrix[3][3]   1.000000 
_atom_sites.fract_transf_vector[1]      0.00000 
_atom_sites.fract_transf_vector[2]      0.00000 
_atom_sites.fract_transf_vector[3]      0.00000 
# 
loop_
_atom_type.symbol 
C 
H 
N 
O 
S 
# 
loop_
_atom_site.group_PDB 
_atom_site.id 
_atom_site.type_symbol 
_atom_site.label_atom_id 
_atom_site.label_alt_id 
_atom_site.label_comp_id 
_atom_site.label_asym_id 
_atom_site.label_entity_id 
_atom_site.label_seq_id 
_atom_site.pdbx_PDB_ins_code 
_atom_site.Cartn_x 
_atom_site.Cartn_y 
_atom_site.Cartn_z 
_atom_site.occupancy 
_atom_site.B_iso_or_equiv 
_atom_site.pdbx_formal_charge 
_atom_site.auth_seq_id 
_atom_site.auth_comp_id 
_atom_site.auth_asym_id 
_atom_site.auth_atom_id 
_atom_site.pdbx_PDB_model_num 
ATOM 1    N N    . SER A 1 1  ? 25.526  7.463   -10.768 1.00 0.00   ? 1  SER A N    1 
ATOM 2    C CA   . SER A 1 1  ? 25.238  8.709   -11.530 1.00 0.00   ? 1  SER A CA   1 
ATOM 3    C C    . SER A 1 1  ? 23.745  9.038   -11.426 1.00 0.00   ? 1  SER A C    1 
ATOM 4    O O    . SER A 1 1  ? 23.359  10.070  -10.911 1.00 0.00   ? 1  SER A O    1 
ATOM 5    C CB   . SER A 1 1  ? 25.613  8.505   -12.997 1.00 0.00   ? 1  SER A CB   1 
ATOM 6    O OG   . SER A 1 1  ? 27.032  8.491   -13.123 1.00 0.00   ? 1  SER A OG   1 
ATOM 7    H H1   . SER A 1 1  ? 24.895  7.405   -9.946  1.00 0.00   ? 1  SER A H1   1 
ATOM 8    H H2   . SER A 1 1  ? 25.370  6.638   -11.379 1.00 0.00   ? 1  SER A H2   1 
ATOM 9    H H3   . SER A 1 1  ? 26.516  7.474   -10.446 1.00 0.00   ? 1  SER A H3   1 
ATOM 10   H HA   . SER A 1 1  ? 25.812  9.522   -11.121 1.00 0.00   ? 1  SER A HA   1 
ATOM 11   H HB2  . SER A 1 1  ? 25.217  7.570   -13.343 1.00 0.00   ? 1  SER A HB2  1 
ATOM 12   H HB3  . SER A 1 1  ? 25.197  9.312   -13.589 1.00 0.00   ? 1  SER A HB3  1 
ATOM 13   H HG   . SER A 1 1  ? 27.372  7.777   -12.576 1.00 0.00   ? 1  SER A HG   1 
ATOM 14   N N    . TYR A 1 2  ? 22.908  8.169   -11.908 1.00 0.00   ? 2  TYR A N    1 
ATOM 15   C CA   . TYR A 1 2  ? 21.441  8.423   -11.840 1.00 0.00   ? 2  TYR A CA   1 
ATOM 16   C C    . TYR A 1 2  ? 20.967  8.295   -10.394 1.00 0.00   ? 2  TYR A C    1 
ATOM 17   O O    . TYR A 1 2  ? 21.756  8.119   -9.489  1.00 0.00   ? 2  TYR A O    1 
ATOM 18   C CB   . TYR A 1 2  ? 20.712  7.415   -12.727 1.00 0.00   ? 2  TYR A CB   1 
ATOM 19   C CG   . TYR A 1 2  ? 21.017  7.728   -14.176 1.00 0.00   ? 2  TYR A CG   1 
ATOM 20   C CD1  . TYR A 1 2  ? 20.516  8.899   -14.758 1.00 0.00   ? 2  TYR A CD1  1 
ATOM 21   C CD2  . TYR A 1 2  ? 21.809  6.853   -14.931 1.00 0.00   ? 2  TYR A CD2  1 
ATOM 22   C CE1  . TYR A 1 2  ? 20.805  9.196   -16.097 1.00 0.00   ? 2  TYR A CE1  1 
ATOM 23   C CE2  . TYR A 1 2  ? 22.097  7.151   -16.272 1.00 0.00   ? 2  TYR A CE2  1 
ATOM 24   C CZ   . TYR A 1 2  ? 21.594  8.322   -16.853 1.00 0.00   ? 2  TYR A CZ   1 
ATOM 25   O OH   . TYR A 1 2  ? 21.882  8.615   -18.171 1.00 0.00   ? 2  TYR A OH   1 
ATOM 26   H H    . TYR A 1 2  ? 23.242  7.345   -12.317 1.00 0.00   ? 2  TYR A H    1 
ATOM 27   H HA   . TYR A 1 2  ? 21.230  9.420   -12.191 1.00 0.00   ? 2  TYR A HA   1 
ATOM 28   H HB2  . TYR A 1 2  ? 21.050  6.415   -12.491 1.00 0.00   ? 2  TYR A HB2  1 
ATOM 29   H HB3  . TYR A 1 2  ? 19.649  7.487   -12.560 1.00 0.00   ? 2  TYR A HB3  1 
ATOM 30   H HD1  . TYR A 1 2  ? 19.904  9.573   -14.177 1.00 0.00   ? 2  TYR A HD1  1 
ATOM 31   H HD2  . TYR A 1 2  ? 22.196  5.952   -14.484 1.00 0.00   ? 2  TYR A HD2  1 
ATOM 32   H HE1  . TYR A 1 2  ? 20.418  10.100  -16.545 1.00 0.00   ? 2  TYR A HE1  1 
ATOM 33   H HE2  . TYR A 1 2  ? 22.705  6.477   -16.856 1.00 0.00   ? 2  TYR A HE2  1 
ATOM 34   H HH   . TYR A 1 2  ? 21.333  9.356   -18.436 1.00 0.00   ? 2  TYR A HH   1 
ATOM 35   N N    . GLN A 1 3  ? 19.692  8.396   -10.164 1.00 0.00   ? 3  GLN A N    1 
ATOM 36   C CA   . GLN A 1 3  ? 19.186  8.296   -8.776  1.00 0.00   ? 3  GLN A CA   1 
ATOM 37   C C    . GLN A 1 3  ? 17.800  7.661   -8.774  1.00 0.00   ? 3  GLN A C    1 
ATOM 38   O O    . GLN A 1 3  ? 16.888  8.118   -9.434  1.00 0.00   ? 3  GLN A O    1 
ATOM 39   C CB   . GLN A 1 3  ? 19.119  9.692   -8.168  1.00 0.00   ? 3  GLN A CB   1 
ATOM 40   C CG   . GLN A 1 3  ? 20.325  9.900   -7.252  1.00 0.00   ? 3  GLN A CG   1 
ATOM 41   C CD   . GLN A 1 3  ? 19.888  9.763   -5.793  1.00 0.00   ? 3  GLN A CD   1 
ATOM 42   O OE1  . GLN A 1 3  ? 19.152  10.587  -5.287  1.00 0.00   ? 3  GLN A OE1  1 
ATOM 43   N NE2  . GLN A 1 3  ? 20.314  8.749   -5.089  1.00 0.00   ? 3  GLN A NE2  1 
ATOM 44   H H    . GLN A 1 3  ? 19.069  8.547   -10.900 1.00 0.00   ? 3  GLN A H    1 
ATOM 45   H HA   . GLN A 1 3  ? 19.857  7.684   -8.191  1.00 0.00   ? 3  GLN A HA   1 
ATOM 46   H HB2  . GLN A 1 3  ? 19.131  10.430  -8.958  1.00 0.00   ? 3  GLN A HB2  1 
ATOM 47   H HB3  . GLN A 1 3  ? 18.213  9.791   -7.598  1.00 0.00   ? 3  GLN A HB3  1 
ATOM 48   H HG2  . GLN A 1 3  ? 21.078  9.155   -7.475  1.00 0.00   ? 3  GLN A HG2  1 
ATOM 49   H HG3  . GLN A 1 3  ? 20.737  10.886  -7.414  1.00 0.00   ? 3  GLN A HG3  1 
ATOM 50   H HE21 . GLN A 1 3  ? 20.909  8.085   -5.497  1.00 0.00   ? 3  GLN A HE21 1 
ATOM 51   H HE22 . GLN A 1 3  ? 20.040  8.651   -4.154  1.00 0.00   ? 3  GLN A HE22 1 
ATOM 52   N N    . VAL A 1 4  ? 17.645  6.604   -8.036  1.00 0.00   ? 4  VAL A N    1 
ATOM 53   C CA   . VAL A 1 4  ? 16.334  5.912   -7.970  1.00 0.00   ? 4  VAL A CA   1 
ATOM 54   C C    . VAL A 1 4  ? 16.215  5.247   -6.588  1.00 0.00   ? 4  VAL A C    1 
ATOM 55   O O    . VAL A 1 4  ? 16.639  4.129   -6.380  1.00 0.00   ? 4  VAL A O    1 
ATOM 56   C CB   . VAL A 1 4  ? 16.275  4.867   -9.088  1.00 0.00   ? 4  VAL A CB   1 
ATOM 57   C CG1  . VAL A 1 4  ? 17.444  3.884   -8.954  1.00 0.00   ? 4  VAL A CG1  1 
ATOM 58   C CG2  . VAL A 1 4  ? 14.964  4.115   -9.000  1.00 0.00   ? 4  VAL A CG2  1 
ATOM 59   H H    . VAL A 1 4  ? 18.402  6.259   -7.517  1.00 0.00   ? 4  VAL A H    1 
ATOM 60   H HA   . VAL A 1 4  ? 15.537  6.629   -8.098  1.00 0.00   ? 4  VAL A HA   1 
ATOM 61   H HB   . VAL A 1 4  ? 16.338  5.367   -10.045 1.00 0.00   ? 4  VAL A HB   1 
ATOM 62   H HG11 . VAL A 1 4  ? 18.100  4.212   -8.163  1.00 0.00   ? 4  VAL A HG11 1 
ATOM 63   H HG12 . VAL A 1 4  ? 17.062  2.900   -8.721  1.00 0.00   ? 4  VAL A HG12 1 
ATOM 64   H HG13 . VAL A 1 4  ? 17.991  3.846   -9.885  1.00 0.00   ? 4  VAL A HG13 1 
ATOM 65   H HG21 . VAL A 1 4  ? 14.361  4.553   -8.228  1.00 0.00   ? 4  VAL A HG21 1 
ATOM 66   H HG22 . VAL A 1 4  ? 14.446  4.183   -9.946  1.00 0.00   ? 4  VAL A HG22 1 
ATOM 67   H HG23 . VAL A 1 4  ? 15.156  3.081   -8.767  1.00 0.00   ? 4  VAL A HG23 1 
ATOM 68   N N    . ILE A 1 5  ? 15.703  5.964   -5.624  1.00 56.44  ? 5  ILE A N    1 
ATOM 69   C CA   . ILE A 1 5  ? 15.633  5.410   -4.241  1.00 30.69  ? 5  ILE A CA   1 
ATOM 70   C C    . ILE A 1 5  ? 14.185  5.117   -3.776  1.00 26.80  ? 5  ILE A C    1 
ATOM 71   O O    . ILE A 1 5  ? 13.220  5.458   -4.428  1.00 0.00   ? 5  ILE A O    1 
ATOM 72   C CB   . ILE A 1 5  ? 16.261  6.445   -3.301  1.00 0.00   ? 5  ILE A CB   1 
ATOM 73   C CG1  . ILE A 1 5  ? 17.396  7.178   -4.027  1.00 0.00   ? 5  ILE A CG1  1 
ATOM 74   C CG2  . ILE A 1 5  ? 16.823  5.768   -2.063  1.00 0.00   ? 5  ILE A CG2  1 
ATOM 75   C CD1  . ILE A 1 5  ? 16.879  8.500   -4.600  1.00 0.00   ? 5  ILE A CD1  1 
ATOM 76   H H    . ILE A 1 5  ? 15.425  6.883   -5.793  1.00 0.00   ? 5  ILE A H    1 
ATOM 77   H HA   . ILE A 1 5  ? 16.202  4.504   -4.200  1.00 0.00   ? 5  ILE A HA   1 
ATOM 78   H HB   . ILE A 1 5  ? 15.508  7.159   -3.004  1.00 0.00   ? 5  ILE A HB   1 
ATOM 79   H HG12 . ILE A 1 5  ? 18.183  7.379   -3.335  1.00 0.00   ? 5  ILE A HG12 1 
ATOM 80   H HG13 . ILE A 1 5  ? 17.774  6.562   -4.828  1.00 0.00   ? 5  ILE A HG13 1 
ATOM 81   H HG21 . ILE A 1 5  ? 17.182  4.787   -2.323  1.00 0.00   ? 5  ILE A HG21 1 
ATOM 82   H HG22 . ILE A 1 5  ? 17.636  6.359   -1.669  1.00 0.00   ? 5  ILE A HG22 1 
ATOM 83   H HG23 . ILE A 1 5  ? 16.046  5.683   -1.317  1.00 0.00   ? 5  ILE A HG23 1 
ATOM 84   H HD11 . ILE A 1 5  ? 15.909  8.719   -4.181  1.00 0.00   ? 5  ILE A HD11 1 
ATOM 85   H HD12 . ILE A 1 5  ? 17.567  9.293   -4.346  1.00 0.00   ? 5  ILE A HD12 1 
ATOM 86   H HD13 . ILE A 1 5  ? 16.799  8.420   -5.674  1.00 0.00   ? 5  ILE A HD13 1 
ATOM 87   N N    . CYS A 1 6  ? 14.081  4.482   -2.611  1.00 14.40  ? 6  CYS A N    1 
ATOM 88   C CA   . CYS A 1 6  ? 12.761  4.122   -1.971  1.00 10.55  ? 6  CYS A CA   1 
ATOM 89   C C    . CYS A 1 6  ? 12.185  2.821   -2.532  1.00 18.69  ? 6  CYS A C    1 
ATOM 90   O O    . CYS A 1 6  ? 11.532  2.789   -3.554  1.00 0.00   ? 6  CYS A O    1 
ATOM 91   C CB   . CYS A 1 6  ? 11.741  5.261   -2.090  1.00 0.00   ? 6  CYS A CB   1 
ATOM 92   S SG   . CYS A 1 6  ? 12.457  6.746   -1.343  1.00 0.00   ? 6  CYS A SG   1 
ATOM 93   H H    . CYS A 1 6  ? 14.901  4.244   -2.138  1.00 0.00   ? 6  CYS A H    1 
ATOM 94   H HA   . CYS A 1 6  ? 12.949  3.961   -0.917  1.00 0.00   ? 6  CYS A HA   1 
ATOM 95   H HB2  . CYS A 1 6  ? 11.491  5.443   -3.123  1.00 0.00   ? 6  CYS A HB2  1 
ATOM 96   H HB3  . CYS A 1 6  ? 10.845  4.992   -1.552  1.00 0.00   ? 6  CYS A HB3  1 
ATOM 97   N N    . ARG A 1 7  ? 12.414  1.755   -1.813  1.00 24.07  ? 7  ARG A N    1 
ATOM 98   C CA   . ARG A 1 7  ? 11.891  0.422   -2.189  1.00 40.98  ? 7  ARG A CA   1 
ATOM 99   C C    . ARG A 1 7  ? 10.998  -0.026  -1.037  1.00 46.13  ? 7  ARG A C    1 
ATOM 100  O O    . ARG A 1 7  ? 10.945  0.626   -0.013  1.00 0.00   ? 7  ARG A O    1 
ATOM 101  C CB   . ARG A 1 7  ? 13.072  -0.551  -2.363  1.00 0.00   ? 7  ARG A CB   1 
ATOM 102  C CG   . ARG A 1 7  ? 12.578  -1.941  -2.756  1.00 0.00   ? 7  ARG A CG   1 
ATOM 103  C CD   . ARG A 1 7  ? 13.747  -2.757  -3.317  1.00 0.00   ? 7  ARG A CD   1 
ATOM 104  N NE   . ARG A 1 7  ? 14.697  -3.097  -2.223  1.00 0.00   ? 7  ARG A NE   1 
ATOM 105  C CZ   . ARG A 1 7  ? 15.579  -4.044  -2.400  1.00 0.00   ? 7  ARG A CZ   1 
ATOM 106  N NH1  . ARG A 1 7  ? 15.193  -5.288  -2.489  1.00 0.00   ? 7  ARG A NH1  1 
ATOM 107  N NH2  . ARG A 1 7  ? 16.848  -3.747  -2.493  1.00 0.00   ? 7  ARG A NH2  1 
ATOM 108  H H    . ARG A 1 7  ? 12.915  1.841   -0.992  1.00 0.00   ? 7  ARG A H    1 
ATOM 109  H HA   . ARG A 1 7  ? 11.318  0.487   -3.105  1.00 0.00   ? 7  ARG A HA   1 
ATOM 110  H HB2  . ARG A 1 7  ? 13.710  -0.181  -3.129  1.00 0.00   ? 7  ARG A HB2  1 
ATOM 111  H HB3  . ARG A 1 7  ? 13.620  -0.614  -1.436  1.00 0.00   ? 7  ARG A HB3  1 
ATOM 112  H HG2  . ARG A 1 7  ? 12.176  -2.440  -1.885  1.00 0.00   ? 7  ARG A HG2  1 
ATOM 113  H HG3  . ARG A 1 7  ? 11.812  -1.852  -3.509  1.00 0.00   ? 7  ARG A HG3  1 
ATOM 114  H HD2  . ARG A 1 7  ? 13.368  -3.669  -3.761  1.00 0.00   ? 7  ARG A HD2  1 
ATOM 115  H HD3  . ARG A 1 7  ? 14.262  -2.179  -4.068  1.00 0.00   ? 7  ARG A HD3  1 
ATOM 116  H HE   . ARG A 1 7  ? 14.662  -2.611  -1.374  1.00 0.00   ? 7  ARG A HE   1 
ATOM 117  H HH11 . ARG A 1 7  ? 14.221  -5.515  -2.421  1.00 0.00   ? 7  ARG A HH11 1 
ATOM 118  H HH12 . ARG A 1 7  ? 15.867  -6.013  -2.623  1.00 0.00   ? 7  ARG A HH12 1 
ATOM 119  H HH21 . ARG A 1 7  ? 17.146  -2.794  -2.425  1.00 0.00   ? 7  ARG A HH21 1 
ATOM 120  H HH22 . ARG A 1 7  ? 17.523  -4.472  -2.633  1.00 0.00   ? 7  ARG A HH22 1 
ATOM 121  N N    . ASP A 1 8  ? 10.288  -1.096  -1.173  1.00 67.29  ? 8  ASP A N    1 
ATOM 122  C CA   . ASP A 1 8  ? 9.399   -1.515  -0.041  1.00 81.92  ? 8  ASP A CA   1 
ATOM 123  C C    . ASP A 1 8  ? 9.481   -3.026  0.199   1.00 109.10 ? 8  ASP A C    1 
ATOM 124  O O    . ASP A 1 8  ? 9.600   -3.814  -0.718  1.00 0.00   ? 8  ASP A O    1 
ATOM 125  C CB   . ASP A 1 8  ? 7.960   -1.126  -0.366  1.00 0.00   ? 8  ASP A CB   1 
ATOM 126  C CG   . ASP A 1 8  ? 7.237   -0.734  0.924   1.00 0.00   ? 8  ASP A CG   1 
ATOM 127  O OD1  . ASP A 1 8  ? 7.122   -1.580  1.796   1.00 0.00   ? 8  ASP A OD1  1 
ATOM 128  O OD2  . ASP A 1 8  ? 6.810   0.405   1.018   1.00 0.00   ? 8  ASP A OD2  1 
ATOM 129  H H    . ASP A 1 8  ? 10.319  -1.610  -2.003  1.00 0.00   ? 8  ASP A H    1 
ATOM 130  H HA   . ASP A 1 8  ? 9.706   -1.003  0.858   1.00 0.00   ? 8  ASP A HA   1 
ATOM 131  H HB2  . ASP A 1 8  ? 7.961   -0.287  -1.049  1.00 0.00   ? 8  ASP A HB2  1 
ATOM 132  H HB3  . ASP A 1 8  ? 7.455   -1.961  -0.822  1.00 0.00   ? 8  ASP A HB3  1 
ATOM 133  N N    . GLU A 1 9  ? 9.403   -3.429  1.448   1.00 125.53 ? 9  GLU A N    1 
ATOM 134  C CA   . GLU A 1 9  ? 9.463   -4.881  1.784   1.00 163.73 ? 9  GLU A CA   1 
ATOM 135  C C    . GLU A 1 9  ? 8.131   -5.316  2.411   1.00 177.24 ? 9  GLU A C    1 
ATOM 136  O O    . GLU A 1 9  ? 7.690   -6.436  2.242   1.00 0.00   ? 9  GLU A O    1 
ATOM 137  C CB   . GLU A 1 9  ? 10.589  -5.131  2.788   1.00 0.00   ? 9  GLU A CB   1 
ATOM 138  C CG   . GLU A 1 9  ? 11.931  -4.776  2.154   1.00 0.00   ? 9  GLU A CG   1 
ATOM 139  C CD   . GLU A 1 9  ? 13.061  -5.434  2.951   1.00 0.00   ? 9  GLU A CD   1 
ATOM 140  O OE1  . GLU A 1 9  ? 12.805  -5.857  4.067   1.00 0.00   ? 9  GLU A OE1  1 
ATOM 141  O OE2  . GLU A 1 9  ? 14.162  -5.503  2.431   1.00 0.00   ? 9  GLU A OE2  1 
ATOM 142  H H    . GLU A 1 9  ? 9.302   -2.768  2.163   1.00 0.00   ? 9  GLU A H    1 
ATOM 143  H HA   . GLU A 1 9  ? 9.642   -5.453  0.888   1.00 0.00   ? 9  GLU A HA   1 
ATOM 144  H HB2  . GLU A 1 9  ? 10.429  -4.518  3.664   1.00 0.00   ? 9  GLU A HB2  1 
ATOM 145  H HB3  . GLU A 1 9  ? 10.591  -6.171  3.072   1.00 0.00   ? 9  GLU A HB3  1 
ATOM 146  H HG2  . GLU A 1 9  ? 11.952  -5.131  1.134   1.00 0.00   ? 9  GLU A HG2  1 
ATOM 147  H HG3  . GLU A 1 9  ? 12.061  -3.705  2.165   1.00 0.00   ? 9  GLU A HG3  1 
ATOM 148  N N    . LYS A 1 10 ? 7.482   -4.433  3.128   1.00 162.18 ? 10 LYS A N    1 
ATOM 149  C CA   . LYS A 1 10 ? 6.182   -4.792  3.752   1.00 175.90 ? 10 LYS A CA   1 
ATOM 150  C C    . LYS A 1 10 ? 5.187   -5.054  2.650   1.00 172.35 ? 10 LYS A C    1 
ATOM 151  O O    . LYS A 1 10 ? 4.583   -6.104  2.562   1.00 0.00   ? 10 LYS A O    1 
ATOM 152  C CB   . LYS A 1 10 ? 5.698   -3.623  4.606   1.00 0.00   ? 10 LYS A CB   1 
ATOM 153  C CG   . LYS A 1 10 ? 4.361   -3.985  5.264   1.00 0.00   ? 10 LYS A CG   1 
ATOM 154  C CD   . LYS A 1 10 ? 4.175   -3.159  6.541   1.00 0.00   ? 10 LYS A CD   1 
ATOM 155  C CE   . LYS A 1 10 ? 4.559   -4.006  7.755   1.00 0.00   ? 10 LYS A CE   1 
ATOM 156  N NZ   . LYS A 1 10 ? 4.277   -3.242  9.005   1.00 0.00   ? 10 LYS A NZ   1 
ATOM 157  H H    . LYS A 1 10 ? 7.843   -3.535  3.244   1.00 0.00   ? 10 LYS A H    1 
ATOM 158  H HA   . LYS A 1 10 ? 6.297   -5.673  4.364   1.00 0.00   ? 10 LYS A HA   1 
ATOM 159  H HB2  . LYS A 1 10 ? 6.431   -3.408  5.365   1.00 0.00   ? 10 LYS A HB2  1 
ATOM 160  H HB3  . LYS A 1 10 ? 5.564   -2.753  3.981   1.00 0.00   ? 10 LYS A HB3  1 
ATOM 161  H HG2  . LYS A 1 10 ? 3.553   -3.772  4.577   1.00 0.00   ? 10 LYS A HG2  1 
ATOM 162  H HG3  . LYS A 1 10 ? 4.355   -5.034  5.513   1.00 0.00   ? 10 LYS A HG3  1 
ATOM 163  H HD2  . LYS A 1 10 ? 4.806   -2.281  6.496   1.00 0.00   ? 10 LYS A HD2  1 
ATOM 164  H HD3  . LYS A 1 10 ? 3.143   -2.855  6.627   1.00 0.00   ? 10 LYS A HD3  1 
ATOM 165  H HE2  . LYS A 1 10 ? 3.980   -4.919  7.754   1.00 0.00   ? 10 LYS A HE2  1 
ATOM 166  H HE3  . LYS A 1 10 ? 5.611   -4.246  7.709   1.00 0.00   ? 10 LYS A HE3  1 
ATOM 167  H HZ1  . LYS A 1 10 ? 3.375   -2.738  8.908   1.00 0.00   ? 10 LYS A HZ1  1 
ATOM 168  H HZ2  . LYS A 1 10 ? 4.222   -3.903  9.809   1.00 0.00   ? 10 LYS A HZ2  1 
ATOM 169  H HZ3  . LYS A 1 10 ? 5.040   -2.557  9.171   1.00 0.00   ? 10 LYS A HZ3  1 
ATOM 170  N N    . THR A 1 11 ? 5.025   -4.103  1.796   1.00 145.73 ? 11 THR A N    1 
ATOM 171  C CA   . THR A 1 11 ? 4.078   -4.264  0.660   1.00 149.61 ? 11 THR A CA   1 
ATOM 172  C C    . THR A 1 11 ? 4.753   -5.071  -0.466  1.00 170.98 ? 11 THR A C    1 
ATOM 173  O O    . THR A 1 11 ? 4.090   -5.618  -1.324  1.00 0.00   ? 11 THR A O    1 
ATOM 174  C CB   . THR A 1 11 ? 3.677   -2.885  0.127   1.00 0.00   ? 11 THR A CB   1 
ATOM 175  O OG1  . THR A 1 11 ? 2.781   -3.043  -0.966  1.00 0.00   ? 11 THR A OG1  1 
ATOM 176  C CG2  . THR A 1 11 ? 4.923   -2.134  -0.340  1.00 0.00   ? 11 THR A CG2  1 
ATOM 177  H H    . THR A 1 11 ? 5.543   -3.271  1.899   1.00 0.00   ? 11 THR A H    1 
ATOM 178  H HA   . THR A 1 11 ? 3.197   -4.787  0.999   1.00 0.00   ? 11 THR A HA   1 
ATOM 179  H HB   . THR A 1 11 ? 3.193   -2.321  0.909   1.00 0.00   ? 11 THR A HB   1 
ATOM 180  H HG1  . THR A 1 11 ? 2.289   -2.225  -1.068  1.00 0.00   ? 11 THR A HG1  1 
ATOM 181  H HG21 . THR A 1 11 ? 5.804   -2.614  0.060   1.00 0.00   ? 11 THR A HG21 1 
ATOM 182  H HG22 . THR A 1 11 ? 4.967   -2.142  -1.419  1.00 0.00   ? 11 THR A HG22 1 
ATOM 183  H HG23 . THR A 1 11 ? 4.879   -1.113  0.010   1.00 0.00   ? 11 THR A HG23 1 
ATOM 184  N N    . GLN A 1 12 ? 6.067   -5.146  -0.468  1.00 174.78 ? 12 GLN A N    1 
ATOM 185  C CA   . GLN A 1 12 ? 6.780   -5.914  -1.537  1.00 201.21 ? 12 GLN A CA   1 
ATOM 186  C C    . GLN A 1 12 ? 6.624   -5.183  -2.882  1.00 167.12 ? 12 GLN A C    1 
ATOM 187  O O    . GLN A 1 12 ? 6.248   -5.762  -3.881  1.00 0.00   ? 12 GLN A O    1 
ATOM 188  C CB   . GLN A 1 12 ? 6.200   -7.337  -1.628  1.00 0.00   ? 12 GLN A CB   1 
ATOM 189  C CG   . GLN A 1 12 ? 7.289   -8.352  -1.264  1.00 0.00   ? 12 GLN A CG   1 
ATOM 190  C CD   . GLN A 1 12 ? 7.912   -8.919  -2.542  1.00 0.00   ? 12 GLN A CD   1 
ATOM 191  O OE1  . GLN A 1 12 ? 8.307   -8.178  -3.421  1.00 0.00   ? 12 GLN A OE1  1 
ATOM 192  N NE2  . GLN A 1 12 ? 8.022   -10.214 -2.682  1.00 0.00   ? 12 GLN A NE2  1 
ATOM 193  H H    . GLN A 1 12 ? 6.585   -4.695  0.229   1.00 0.00   ? 12 GLN A H    1 
ATOM 194  H HA   . GLN A 1 12 ? 7.829   -5.973  -1.285  1.00 0.00   ? 12 GLN A HA   1 
ATOM 195  H HB2  . GLN A 1 12 ? 5.374   -7.435  -0.938  1.00 0.00   ? 12 GLN A HB2  1 
ATOM 196  H HB3  . GLN A 1 12 ? 5.855   -7.528  -2.631  1.00 0.00   ? 12 GLN A HB3  1 
ATOM 197  H HG2  . GLN A 1 12 ? 8.053   -7.864  -0.676  1.00 0.00   ? 12 GLN A HG2  1 
ATOM 198  H HG3  . GLN A 1 12 ? 6.854   -9.157  -0.692  1.00 0.00   ? 12 GLN A HG3  1 
ATOM 199  H HE21 . GLN A 1 12 ? 7.705   -10.811 -1.972  1.00 0.00   ? 12 GLN A HE21 1 
ATOM 200  H HE22 . GLN A 1 12 ? 8.421   -10.587 -3.495  1.00 0.00   ? 12 GLN A HE22 1 
ATOM 201  N N    . MET A 1 13 ? 6.927   -3.910  -2.908  1.00 148.40 ? 13 MET A N    1 
ATOM 202  C CA   . MET A 1 13 ? 6.814   -3.133  -4.179  1.00 141.34 ? 13 MET A CA   1 
ATOM 203  C C    . MET A 1 13 ? 7.943   -2.097  -4.236  1.00 108.64 ? 13 MET A C    1 
ATOM 204  O O    . MET A 1 13 ? 8.357   -1.555  -3.231  1.00 0.00   ? 13 MET A O    1 
ATOM 205  C CB   . MET A 1 13 ? 5.458   -2.420  -4.233  1.00 0.00   ? 13 MET A CB   1 
ATOM 206  C CG   . MET A 1 13 ? 4.701   -2.852  -5.493  1.00 0.00   ? 13 MET A CG   1 
ATOM 207  S SD   . MET A 1 13 ? 3.314   -1.723  -5.781  1.00 0.00   ? 13 MET A SD   1 
ATOM 208  C CE   . MET A 1 13 ? 3.055   -2.124  -7.530  1.00 0.00   ? 13 MET A CE   1 
ATOM 209  H H    . MET A 1 13 ? 7.236   -3.467  -2.093  1.00 0.00   ? 13 MET A H    1 
ATOM 210  H HA   . MET A 1 13 ? 6.899   -3.806  -5.020  1.00 0.00   ? 13 MET A HA   1 
ATOM 211  H HB2  . MET A 1 13 ? 4.881   -2.681  -3.356  1.00 0.00   ? 13 MET A HB2  1 
ATOM 212  H HB3  . MET A 1 13 ? 5.613   -1.352  -4.257  1.00 0.00   ? 13 MET A HB3  1 
ATOM 213  H HG2  . MET A 1 13 ? 5.369   -2.824  -6.342  1.00 0.00   ? 13 MET A HG2  1 
ATOM 214  H HG3  . MET A 1 13 ? 4.327   -3.856  -5.363  1.00 0.00   ? 13 MET A HG3  1 
ATOM 215  H HE1  . MET A 1 13 ? 3.330   -3.147  -7.709  1.00 0.00   ? 13 MET A HE1  1 
ATOM 216  H HE2  . MET A 1 13 ? 2.009   -1.984  -7.778  1.00 0.00   ? 13 MET A HE2  1 
ATOM 217  H HE3  . MET A 1 13 ? 3.666   -1.472  -8.141  1.00 0.00   ? 13 MET A HE3  1 
ATOM 218  N N    . ILE A 1 14 ? 8.454   -1.830  -5.404  1.00 112.25 ? 14 ILE A N    1 
ATOM 219  C CA   . ILE A 1 14 ? 9.563   -0.845  -5.535  1.00 89.58  ? 14 ILE A CA   1 
ATOM 220  C C    . ILE A 1 14 ? 9.015   0.506   -5.988  1.00 78.28  ? 14 ILE A C    1 
ATOM 221  O O    . ILE A 1 14 ? 8.001   0.588   -6.656  1.00 0.00   ? 14 ILE A O    1 
ATOM 222  C CB   . ILE A 1 14 ? 10.542  -1.353  -6.583  1.00 0.00   ? 14 ILE A CB   1 
ATOM 223  C CG1  . ILE A 1 14 ? 11.883  -0.660  -6.409  1.00 0.00   ? 14 ILE A CG1  1 
ATOM 224  C CG2  . ILE A 1 14 ? 9.994   -1.058  -7.977  1.00 0.00   ? 14 ILE A CG2  1 
ATOM 225  C CD1  . ILE A 1 14 ? 12.952  -1.711  -6.166  1.00 0.00   ? 14 ILE A CD1  1 
ATOM 226  H H    . ILE A 1 14 ? 8.115   -2.285  -6.202  1.00 0.00   ? 14 ILE A H    1 
ATOM 227  H HA   . ILE A 1 14 ? 10.077  -0.729  -4.579  1.00 0.00   ? 14 ILE A HA   1 
ATOM 228  H HB   . ILE A 1 14 ? 10.669  -2.421  -6.467  1.00 0.00   ? 14 ILE A HB   1 
ATOM 229  H HG12 . ILE A 1 14 ? 12.120  -0.100  -7.304  1.00 0.00   ? 14 ILE A HG12 1 
ATOM 230  H HG13 . ILE A 1 14 ? 11.837  0.009   -5.565  1.00 0.00   ? 14 ILE A HG13 1 
ATOM 231  H HG21 . ILE A 1 14 ? 8.920   -1.152  -7.970  1.00 0.00   ? 14 ILE A HG21 1 
ATOM 232  H HG22 . ILE A 1 14 ? 10.265  -0.051  -8.264  1.00 0.00   ? 14 ILE A HG22 1 
ATOM 233  H HG23 . ILE A 1 14 ? 10.413  -1.758  -8.685  1.00 0.00   ? 14 ILE A HG23 1 
ATOM 234  H HD11 . ILE A 1 14 ? 12.571  -2.454  -5.480  1.00 0.00   ? 14 ILE A HD11 1 
ATOM 235  H HD12 . ILE A 1 14 ? 13.210  -2.183  -7.101  1.00 0.00   ? 14 ILE A HD12 1 
ATOM 236  H HD13 . ILE A 1 14 ? 13.826  -1.244  -5.744  1.00 0.00   ? 14 ILE A HD13 1 
ATOM 237  N N    . TYR A 1 15 ? 9.692   1.563   -5.645  1.00 55.68  ? 15 TYR A N    1 
ATOM 238  C CA   . TYR A 1 15 ? 9.241   2.917   -6.064  1.00 52.90  ? 15 TYR A CA   1 
ATOM 239  C C    . TYR A 1 15 ? 10.462  3.708   -6.521  1.00 54.63  ? 15 TYR A C    1 
ATOM 240  O O    . TYR A 1 15 ? 11.474  3.746   -5.848  1.00 0.00   ? 15 TYR A O    1 
ATOM 241  C CB   . TYR A 1 15 ? 8.568   3.624   -4.888  1.00 0.00   ? 15 TYR A CB   1 
ATOM 242  C CG   . TYR A 1 15 ? 7.324   2.863   -4.496  1.00 0.00   ? 15 TYR A CG   1 
ATOM 243  C CD1  . TYR A 1 15 ? 6.236   2.802   -5.375  1.00 0.00   ? 15 TYR A CD1  1 
ATOM 244  C CD2  . TYR A 1 15 ? 7.261   2.216   -3.256  1.00 0.00   ? 15 TYR A CD2  1 
ATOM 245  C CE1  . TYR A 1 15 ? 5.085   2.095   -5.013  1.00 0.00   ? 15 TYR A CE1  1 
ATOM 246  C CE2  . TYR A 1 15 ? 6.110   1.509   -2.896  1.00 0.00   ? 15 TYR A CE2  1 
ATOM 247  C CZ   . TYR A 1 15 ? 5.022   1.447   -3.775  1.00 0.00   ? 15 TYR A CZ   1 
ATOM 248  O OH   . TYR A 1 15 ? 3.887   0.751   -3.420  1.00 0.00   ? 15 TYR A OH   1 
ATOM 249  H H    . TYR A 1 15 ? 10.513  1.464   -5.121  1.00 0.00   ? 15 TYR A H    1 
ATOM 250  H HA   . TYR A 1 15 ? 8.541   2.828   -6.884  1.00 0.00   ? 15 TYR A HA   1 
ATOM 251  H HB2  . TYR A 1 15 ? 9.251   3.660   -4.051  1.00 0.00   ? 15 TYR A HB2  1 
ATOM 252  H HB3  . TYR A 1 15 ? 8.299   4.628   -5.177  1.00 0.00   ? 15 TYR A HB3  1 
ATOM 253  H HD1  . TYR A 1 15 ? 6.284   3.302   -6.332  1.00 0.00   ? 15 TYR A HD1  1 
ATOM 254  H HD2  . TYR A 1 15 ? 8.101   2.264   -2.579  1.00 0.00   ? 15 TYR A HD2  1 
ATOM 255  H HE1  . TYR A 1 15 ? 4.245   2.047   -5.692  1.00 0.00   ? 15 TYR A HE1  1 
ATOM 256  H HE2  . TYR A 1 15 ? 6.060   1.008   -1.940  1.00 0.00   ? 15 TYR A HE2  1 
ATOM 257  H HH   . TYR A 1 15 ? 3.263   0.808   -4.148  1.00 0.00   ? 15 TYR A HH   1 
ATOM 258  N N    . GLN A 1 16 ? 10.397  4.314   -7.669  1.00 58.22  ? 16 GLN A N    1 
ATOM 259  C CA   . GLN A 1 16 ? 11.576  5.065   -8.173  1.00 65.25  ? 16 GLN A CA   1 
ATOM 260  C C    . GLN A 1 16 ? 11.600  6.495   -7.614  1.00 55.15  ? 16 GLN A C    1 
ATOM 261  O O    . GLN A 1 16 ? 10.846  6.849   -6.731  1.00 0.00   ? 16 GLN A O    1 
ATOM 262  C CB   . GLN A 1 16 ? 11.532  5.103   -9.707  1.00 0.00   ? 16 GLN A CB   1 
ATOM 263  C CG   . GLN A 1 16 ? 10.235  5.770   -10.176 1.00 0.00   ? 16 GLN A CG   1 
ATOM 264  C CD   . GLN A 1 16 ? 10.487  6.492   -11.504 1.00 0.00   ? 16 GLN A CD   1 
ATOM 265  O OE1  . GLN A 1 16 ? 10.486  7.706   -11.561 1.00 0.00   ? 16 GLN A OE1  1 
ATOM 266  N NE2  . GLN A 1 16 ? 10.704  5.790   -12.583 1.00 0.00   ? 16 GLN A NE2  1 
ATOM 267  H H    . GLN A 1 16 ? 9.587   4.253   -8.213  1.00 0.00   ? 16 GLN A H    1 
ATOM 268  H HA   . GLN A 1 16 ? 12.475  4.554   -7.855  1.00 0.00   ? 16 GLN A HA   1 
ATOM 269  H HB2  . GLN A 1 16 ? 12.378  5.659   -10.079 1.00 0.00   ? 16 GLN A HB2  1 
ATOM 270  H HB3  . GLN A 1 16 ? 11.570  4.096   -10.090 1.00 0.00   ? 16 GLN A HB3  1 
ATOM 271  H HG2  . GLN A 1 16 ? 9.473   5.017   -10.314 1.00 0.00   ? 16 GLN A HG2  1 
ATOM 272  H HG3  . GLN A 1 16 ? 9.908   6.483   -9.437  1.00 0.00   ? 16 GLN A HG3  1 
ATOM 273  H HE21 . GLN A 1 16 ? 10.704  4.811   -12.539 1.00 0.00   ? 16 GLN A HE21 1 
ATOM 274  H HE22 . GLN A 1 16 ? 10.867  6.241   -13.438 1.00 0.00   ? 16 GLN A HE22 1 
ATOM 275  N N    . GLN A 1 17 ? 12.494  7.300   -8.123  1.00 68.08  ? 17 GLN A N    1 
ATOM 276  C CA   . GLN A 1 17 ? 12.639  8.701   -7.646  1.00 67.26  ? 17 GLN A CA   1 
ATOM 277  C C    . GLN A 1 17 ? 11.287  9.431   -7.614  1.00 67.89  ? 17 GLN A C    1 
ATOM 278  O O    . GLN A 1 17 ? 10.444  9.262   -8.471  1.00 0.00   ? 17 GLN A O    1 
ATOM 279  C CB   . GLN A 1 17 ? 13.586  9.431   -8.594  1.00 0.00   ? 17 GLN A CB   1 
ATOM 280  C CG   . GLN A 1 17 ? 13.801  10.869  -8.117  1.00 0.00   ? 17 GLN A CG   1 
ATOM 281  C CD   . GLN A 1 17 ? 15.046  11.448  -8.795  1.00 0.00   ? 17 GLN A CD   1 
ATOM 282  O OE1  . GLN A 1 17 ? 14.995  12.512  -9.379  1.00 0.00   ? 17 GLN A OE1  1 
ATOM 283  N NE2  . GLN A 1 17 ? 16.173  10.784  -8.741  1.00 0.00   ? 17 GLN A NE2  1 
ATOM 284  H H    . GLN A 1 17 ? 13.095  6.972   -8.821  1.00 0.00   ? 17 GLN A H    1 
ATOM 285  H HA   . GLN A 1 17 ? 13.064  8.698   -6.655  1.00 0.00   ? 17 GLN A HA   1 
ATOM 286  H HB2  . GLN A 1 17 ? 14.534  8.914   -8.615  1.00 0.00   ? 17 GLN A HB2  1 
ATOM 287  H HB3  . GLN A 1 17 ? 13.161  9.440   -9.584  1.00 0.00   ? 17 GLN A HB3  1 
ATOM 288  H HG2  . GLN A 1 17 ? 12.937  11.468  -8.375  1.00 0.00   ? 17 GLN A HG2  1 
ATOM 289  H HG3  . GLN A 1 17 ? 13.938  10.879  -7.046  1.00 0.00   ? 17 GLN A HG3  1 
ATOM 290  H HE21 . GLN A 1 17 ? 16.216  9.927   -8.270  1.00 0.00   ? 17 GLN A HE21 1 
ATOM 291  H HE22 . GLN A 1 17 ? 16.975  11.143  -9.173  1.00 0.00   ? 17 GLN A HE22 1 
ATOM 292  N N    . HIS A 1 18 ? 11.110  10.263  -6.622  1.00 54.76  ? 18 HIS A N    1 
ATOM 293  C CA   . HIS A 1 18 ? 9.852   11.062  -6.482  1.00 52.80  ? 18 HIS A CA   1 
ATOM 294  C C    . HIS A 1 18 ? 8.604   10.193  -6.669  1.00 48.80  ? 18 HIS A C    1 
ATOM 295  O O    . HIS A 1 18 ? 7.775   10.449  -7.517  1.00 0.00   ? 18 HIS A O    1 
ATOM 296  C CB   . HIS A 1 18 ? 9.848   12.197  -7.502  1.00 0.00   ? 18 HIS A CB   1 
ATOM 297  C CG   . HIS A 1 18 ? 10.638  13.356  -6.953  1.00 0.00   ? 18 HIS A CG   1 
ATOM 298  N ND1  . HIS A 1 18 ? 11.802  13.175  -6.219  1.00 0.00   ? 18 HIS A ND1  1 
ATOM 299  C CD2  . HIS A 1 18 ? 10.442  14.713  -7.013  1.00 0.00   ? 18 HIS A CD2  1 
ATOM 300  C CE1  . HIS A 1 18 ? 12.254  14.395  -5.869  1.00 0.00   ? 18 HIS A CE1  1 
ATOM 301  N NE2  . HIS A 1 18 ? 11.461  15.366  -6.329  1.00 0.00   ? 18 HIS A NE2  1 
ATOM 302  H H    . HIS A 1 18 ? 11.825  10.377  -5.964  1.00 0.00   ? 18 HIS A H    1 
ATOM 303  H HA   . HIS A 1 18 ? 9.826   11.487  -5.489  1.00 0.00   ? 18 HIS A HA   1 
ATOM 304  H HB2  . HIS A 1 18 ? 10.296  11.856  -8.423  1.00 0.00   ? 18 HIS A HB2  1 
ATOM 305  H HB3  . HIS A 1 18 ? 8.833   12.511  -7.688  1.00 0.00   ? 18 HIS A HB3  1 
ATOM 306  H HD1  . HIS A 1 18 ? 12.219  12.319  -5.999  1.00 0.00   ? 18 HIS A HD1  1 
ATOM 307  H HD2  . HIS A 1 18 ? 9.617   15.200  -7.514  1.00 0.00   ? 18 HIS A HD2  1 
ATOM 308  H HE1  . HIS A 1 18 ? 13.148  14.565  -5.286  1.00 0.00   ? 18 HIS A HE1  1 
ATOM 309  N N    . GLN A 1 19 ? 8.454   9.196   -5.858  1.00 40.30  ? 19 GLN A N    1 
ATOM 310  C CA   . GLN A 1 19 ? 7.255   8.328   -5.943  1.00 37.16  ? 19 GLN A CA   1 
ATOM 311  C C    . GLN A 1 19 ? 6.520   8.402   -4.613  1.00 25.87  ? 19 GLN A C    1 
ATOM 312  O O    . GLN A 1 19 ? 6.901   9.137   -3.727  1.00 0.00   ? 19 GLN A O    1 
ATOM 313  C CB   . GLN A 1 19 ? 7.678   6.893   -6.217  1.00 0.00   ? 19 GLN A CB   1 
ATOM 314  C CG   . GLN A 1 19 ? 7.937   6.729   -7.709  1.00 0.00   ? 19 GLN A CG   1 
ATOM 315  C CD   . GLN A 1 19 ? 6.624   6.378   -8.419  1.00 0.00   ? 19 GLN A CD   1 
ATOM 316  O OE1  . GLN A 1 19 ? 5.610   7.006   -8.188  1.00 0.00   ? 19 GLN A OE1  1 
ATOM 317  N NE2  . GLN A 1 19 ? 6.600   5.393   -9.275  1.00 0.00   ? 19 GLN A NE2  1 
ATOM 318  H H    . GLN A 1 19 ? 9.118   9.029   -5.180  1.00 0.00   ? 19 GLN A H    1 
ATOM 319  H HA   . GLN A 1 19 ? 6.606   8.673   -6.731  1.00 0.00   ? 19 GLN A HA   1 
ATOM 320  H HB2  . GLN A 1 19 ? 8.581   6.669   -5.664  1.00 0.00   ? 19 GLN A HB2  1 
ATOM 321  H HB3  . GLN A 1 19 ? 6.892   6.221   -5.913  1.00 0.00   ? 19 GLN A HB3  1 
ATOM 322  H HG2  . GLN A 1 19 ? 8.328   7.657   -8.107  1.00 0.00   ? 19 GLN A HG2  1 
ATOM 323  H HG3  . GLN A 1 19 ? 8.651   5.944   -7.864  1.00 0.00   ? 19 GLN A HG3  1 
ATOM 324  H HE21 . GLN A 1 19 ? 7.416   4.886   -9.463  1.00 0.00   ? 19 GLN A HE21 1 
ATOM 325  H HE22 . GLN A 1 19 ? 5.763   5.162   -9.733  1.00 0.00   ? 19 GLN A HE22 1 
ATOM 326  N N    . SER A 1 20 ? 5.473   7.659   -4.460  1.00 20.38  ? 20 SER A N    1 
ATOM 327  C CA   . SER A 1 20 ? 4.726   7.705   -3.173  1.00 13.64  ? 20 SER A CA   1 
ATOM 328  C C    . SER A 1 20 ? 3.969   6.397   -2.949  1.00 11.18  ? 20 SER A C    1 
ATOM 329  O O    . SER A 1 20 ? 3.564   5.727   -3.877  1.00 0.00   ? 20 SER A O    1 
ATOM 330  C CB   . SER A 1 20 ? 3.739   8.874   -3.197  1.00 0.00   ? 20 SER A CB   1 
ATOM 331  O OG   . SER A 1 20 ? 3.139   8.957   -4.483  1.00 0.00   ? 20 SER A OG   1 
ATOM 332  H H    . SER A 1 20 ? 5.176   7.079   -5.184  1.00 0.00   ? 20 SER A H    1 
ATOM 333  H HA   . SER A 1 20 ? 5.426   7.848   -2.364  1.00 0.00   ? 20 SER A HA   1 
ATOM 334  H HB2  . SER A 1 20 ? 2.975   8.717   -2.460  1.00 0.00   ? 20 SER A HB2  1 
ATOM 335  H HB3  . SER A 1 20 ? 4.268   9.795   -2.975  1.00 0.00   ? 20 SER A HB3  1 
ATOM 336  H HG   . SER A 1 20 ? 2.197   8.796   -4.382  1.00 0.00   ? 20 SER A HG   1 
ATOM 337  N N    . TRP A 1 21 ? 3.772   6.041   -1.711  1.00 7.01   ? 21 TRP A N    1 
ATOM 338  C CA   . TRP A 1 21 ? 3.041   4.796   -1.386  1.00 6.78   ? 21 TRP A CA   1 
ATOM 339  C C    . TRP A 1 21 ? 2.466   4.932   0.018   1.00 4.36   ? 21 TRP A C    1 
ATOM 340  O O    . TRP A 1 21 ? 2.656   5.937   0.680   1.00 0.00   ? 21 TRP A O    1 
ATOM 341  C CB   . TRP A 1 21 ? 3.991   3.594   -1.445  1.00 0.00   ? 21 TRP A CB   1 
ATOM 342  C CG   . TRP A 1 21 ? 5.123   3.785   -0.480  1.00 0.00   ? 21 TRP A CG   1 
ATOM 343  C CD1  . TRP A 1 21 ? 5.196   3.214   0.744   1.00 0.00   ? 21 TRP A CD1  1 
ATOM 344  C CD2  . TRP A 1 21 ? 6.339   4.582   -0.632  1.00 0.00   ? 21 TRP A CD2  1 
ATOM 345  N NE1  . TRP A 1 21 ? 6.374   3.605   1.353   1.00 0.00   ? 21 TRP A NE1  1 
ATOM 346  C CE2  . TRP A 1 21 ? 7.111   4.449   0.543   1.00 0.00   ? 21 TRP A CE2  1 
ATOM 347  C CE3  . TRP A 1 21 ? 6.844   5.400   -1.665  1.00 0.00   ? 21 TRP A CE3  1 
ATOM 348  C CZ2  . TRP A 1 21 ? 8.334   5.102   0.692   1.00 0.00   ? 21 TRP A CZ2  1 
ATOM 349  C CZ3  . TRP A 1 21 ? 8.071   6.057   -1.512  1.00 0.00   ? 21 TRP A CZ3  1 
ATOM 350  C CH2  . TRP A 1 21 ? 8.813   5.908   -0.337  1.00 0.00   ? 21 TRP A CH2  1 
ATOM 351  H H    . TRP A 1 21 ? 4.101   6.604   -0.990  1.00 0.00   ? 21 TRP A H    1 
ATOM 352  H HA   . TRP A 1 21 ? 2.236   4.656   -2.093  1.00 0.00   ? 21 TRP A HA   1 
ATOM 353  H HB2  . TRP A 1 21 ? 3.448   2.698   -1.184  1.00 0.00   ? 21 TRP A HB2  1 
ATOM 354  H HB3  . TRP A 1 21 ? 4.379   3.497   -2.438  1.00 0.00   ? 21 TRP A HB3  1 
ATOM 355  H HD1  . TRP A 1 21 ? 4.456   2.557   1.175   1.00 0.00   ? 21 TRP A HD1  1 
ATOM 356  H HE1  . TRP A 1 21 ? 6.667   3.330   2.247   1.00 0.00   ? 21 TRP A HE1  1 
ATOM 357  H HE3  . TRP A 1 21 ? 6.289   5.520   -2.578  1.00 0.00   ? 21 TRP A HE3  1 
ATOM 358  H HZ2  . TRP A 1 21 ? 8.905   4.986   1.602   1.00 0.00   ? 21 TRP A HZ2  1 
ATOM 359  H HZ3  . TRP A 1 21 ? 8.442   6.685   -2.302  1.00 0.00   ? 21 TRP A HZ3  1 
ATOM 360  H HH2  . TRP A 1 21 ? 9.758   6.419   -0.228  1.00 0.00   ? 21 TRP A HH2  1 
ATOM 361  N N    . LEU A 1 22 ? 1.756   3.950   0.479   1.00 4.87   ? 22 LEU A N    1 
ATOM 362  C CA   . LEU A 1 22 ? 1.161   4.046   1.831   1.00 4.15   ? 22 LEU A CA   1 
ATOM 363  C C    . LEU A 1 22 ? 1.798   3.021   2.774   1.00 4.97   ? 22 LEU A C    1 
ATOM 364  O O    . LEU A 1 22 ? 2.134   1.920   2.387   1.00 0.00   ? 22 LEU A O    1 
ATOM 365  C CB   . LEU A 1 22 ? -0.333  3.779   1.729   1.00 0.00   ? 22 LEU A CB   1 
ATOM 366  C CG   . LEU A 1 22 ? -1.025  4.991   1.109   1.00 0.00   ? 22 LEU A CG   1 
ATOM 367  C CD1  . LEU A 1 22 ? -2.191  4.524   0.240   1.00 0.00   ? 22 LEU A CD1  1 
ATOM 368  C CD2  . LEU A 1 22 ? -1.552  5.901   2.219   1.00 0.00   ? 22 LEU A CD2  1 
ATOM 369  H H    . LEU A 1 22 ? 1.602   3.159   -0.068  1.00 0.00   ? 22 LEU A H    1 
ATOM 370  H HA   . LEU A 1 22 ? 1.316   5.041   2.223   1.00 0.00   ? 22 LEU A HA   1 
ATOM 371  H HB2  . LEU A 1 22 ? -0.502  2.910   1.109   1.00 0.00   ? 22 LEU A HB2  1 
ATOM 372  H HB3  . LEU A 1 22 ? -0.730  3.600   2.708   1.00 0.00   ? 22 LEU A HB3  1 
ATOM 373  H HG   . LEU A 1 22 ? -0.318  5.537   0.498   1.00 0.00   ? 22 LEU A HG   1 
ATOM 374  H HD11 . LEU A 1 22 ? -2.082  3.471   0.029   1.00 0.00   ? 22 LEU A HD11 1 
ATOM 375  H HD12 . LEU A 1 22 ? -3.120  4.692   0.762   1.00 0.00   ? 22 LEU A HD12 1 
ATOM 376  H HD13 . LEU A 1 22 ? -2.192  5.076   -0.684  1.00 0.00   ? 22 LEU A HD13 1 
ATOM 377  H HD21 . LEU A 1 22 ? -0.739  6.178   2.871   1.00 0.00   ? 22 LEU A HD21 1 
ATOM 378  H HD22 . LEU A 1 22 ? -1.982  6.789   1.782   1.00 0.00   ? 22 LEU A HD22 1 
ATOM 379  H HD23 . LEU A 1 22 ? -2.307  5.376   2.786   1.00 0.00   ? 22 LEU A HD23 1 
ATOM 380  N N    . ARG A 1 23 ? 1.940   3.382   4.018   1.00 4.94   ? 23 ARG A N    1 
ATOM 381  C CA   . ARG A 1 23 ? 2.526   2.459   5.018   1.00 6.45   ? 23 ARG A CA   1 
ATOM 382  C C    . ARG A 1 23 ? 1.585   2.424   6.235   1.00 7.80   ? 23 ARG A C    1 
ATOM 383  O O    . ARG A 1 23 ? 1.778   3.165   7.181   1.00 0.00   ? 23 ARG A O    1 
ATOM 384  C CB   . ARG A 1 23 ? 3.905   2.980   5.450   1.00 0.00   ? 23 ARG A CB   1 
ATOM 385  C CG   . ARG A 1 23 ? 4.761   1.812   5.942   1.00 0.00   ? 23 ARG A CG   1 
ATOM 386  C CD   . ARG A 1 23 ? 6.225   2.254   6.040   1.00 0.00   ? 23 ARG A CD   1 
ATOM 387  N NE   . ARG A 1 23 ? 6.711   2.073   7.438   1.00 0.00   ? 23 ARG A NE   1 
ATOM 388  C CZ   . ARG A 1 23 ? 7.993   2.061   7.685   1.00 0.00   ? 23 ARG A CZ   1 
ATOM 389  N NH1  . ARG A 1 23 ? 8.683   0.969   7.487   1.00 0.00   ? 23 ARG A NH1  1 
ATOM 390  N NH2  . ARG A 1 23 ? 8.585   3.136   8.127   1.00 0.00   ? 23 ARG A NH2  1 
ATOM 391  H H    . ARG A 1 23 ? 1.647   4.265   4.298   1.00 0.00   ? 23 ARG A H    1 
ATOM 392  H HA   . ARG A 1 23 ? 2.627   1.472   4.592   1.00 0.00   ? 23 ARG A HA   1 
ATOM 393  H HB2  . ARG A 1 23 ? 4.390   3.454   4.609   1.00 0.00   ? 23 ARG A HB2  1 
ATOM 394  H HB3  . ARG A 1 23 ? 3.784   3.697   6.249   1.00 0.00   ? 23 ARG A HB3  1 
ATOM 395  H HG2  . ARG A 1 23 ? 4.413   1.496   6.915   1.00 0.00   ? 23 ARG A HG2  1 
ATOM 396  H HG3  . ARG A 1 23 ? 4.680   0.992   5.245   1.00 0.00   ? 23 ARG A HG3  1 
ATOM 397  H HD2  . ARG A 1 23 ? 6.827   1.653   5.369   1.00 0.00   ? 23 ARG A HD2  1 
ATOM 398  H HD3  . ARG A 1 23 ? 6.308   3.293   5.767   1.00 0.00   ? 23 ARG A HD3  1 
ATOM 399  H HE   . ARG A 1 23 ? 6.070   1.966   8.171   1.00 0.00   ? 23 ARG A HE   1 
ATOM 400  H HH11 . ARG A 1 23 ? 8.230   0.145   7.150   1.00 0.00   ? 23 ARG A HH11 1 
ATOM 401  H HH12 . ARG A 1 23 ? 9.665   0.957   7.678   1.00 0.00   ? 23 ARG A HH12 1 
ATOM 402  H HH21 . ARG A 1 23 ? 8.056   3.970   8.278   1.00 0.00   ? 23 ARG A HH21 1 
ATOM 403  H HH22 . ARG A 1 23 ? 9.568   3.127   8.312   1.00 0.00   ? 23 ARG A HH22 1 
ATOM 404  N N    . PRO A 1 24 ? 0.573   1.583   6.161   1.00 8.87   ? 24 PRO A N    1 
ATOM 405  C CA   . PRO A 1 24 ? -0.418  1.469   7.233   1.00 10.82  ? 24 PRO A CA   1 
ATOM 406  C C    . PRO A 1 24 ? 0.261   1.239   8.586   1.00 14.61  ? 24 PRO A C    1 
ATOM 407  O O    . PRO A 1 24 ? 1.277   0.581   8.685   1.00 0.00   ? 24 PRO A O    1 
ATOM 408  C CB   . PRO A 1 24 ? -1.294  0.268   6.838   1.00 0.00   ? 24 PRO A CB   1 
ATOM 409  C CG   . PRO A 1 24 ? -0.829  -0.198  5.423   1.00 0.00   ? 24 PRO A CG   1 
ATOM 410  C CD   . PRO A 1 24 ? 0.359   0.692   5.016   1.00 0.00   ? 24 PRO A CD   1 
ATOM 411  H HA   . PRO A 1 24 ? -1.024  2.360   7.271   1.00 0.00   ? 24 PRO A HA   1 
ATOM 412  H HB2  . PRO A 1 24 ? -1.165  -0.532  7.556   1.00 0.00   ? 24 PRO A HB2  1 
ATOM 413  H HB3  . PRO A 1 24 ? -2.329  0.566   6.797   1.00 0.00   ? 24 PRO A HB3  1 
ATOM 414  H HG2  . PRO A 1 24 ? -0.521  -1.234  5.461   1.00 0.00   ? 24 PRO A HG2  1 
ATOM 415  H HG3  . PRO A 1 24 ? -1.631  -0.079  4.713   1.00 0.00   ? 24 PRO A HG3  1 
ATOM 416  H HD2  . PRO A 1 24 ? 1.236   0.089   4.845   1.00 0.00   ? 24 PRO A HD2  1 
ATOM 417  H HD3  . PRO A 1 24 ? 0.113   1.265   4.131   1.00 0.00   ? 24 PRO A HD3  1 
ATOM 418  N N    . VAL A 1 25 ? -0.305  1.791   9.625   1.00 18.83  ? 25 VAL A N    1 
ATOM 419  C CA   . VAL A 1 25 ? 0.279   1.635   10.984  1.00 25.59  ? 25 VAL A CA   1 
ATOM 420  C C    . VAL A 1 25 ? -0.158  0.292   11.575  1.00 32.03  ? 25 VAL A C    1 
ATOM 421  O O    . VAL A 1 25 ? -0.707  -0.550  10.890  1.00 0.00   ? 25 VAL A O    1 
ATOM 422  C CB   . VAL A 1 25 ? -0.202  2.803   11.852  1.00 0.00   ? 25 VAL A CB   1 
ATOM 423  C CG1  . VAL A 1 25 ? -1.546  2.473   12.482  1.00 0.00   ? 25 VAL A CG1  1 
ATOM 424  C CG2  . VAL A 1 25 ? 0.821   3.110   12.947  1.00 0.00   ? 25 VAL A CG2  1 
ATOM 425  H H    . VAL A 1 25 ? -1.123  2.319   9.506   1.00 0.00   ? 25 VAL A H    1 
ATOM 426  H HA   . VAL A 1 25 ? 1.352   1.658   10.922  1.00 0.00   ? 25 VAL A HA   1 
ATOM 427  H HB   . VAL A 1 25 ? -0.316  3.667   11.230  1.00 0.00   ? 25 VAL A HB   1 
ATOM 428  H HG11 . VAL A 1 25 ? -2.089  1.790   11.847  1.00 0.00   ? 25 VAL A HG11 1 
ATOM 429  H HG12 . VAL A 1 25 ? -1.391  2.024   13.453  1.00 0.00   ? 25 VAL A HG12 1 
ATOM 430  H HG13 . VAL A 1 25 ? -2.110  3.383   12.591  1.00 0.00   ? 25 VAL A HG13 1 
ATOM 431  H HG21 . VAL A 1 25 ? 1.608   2.376   12.916  1.00 0.00   ? 25 VAL A HG21 1 
ATOM 432  H HG22 . VAL A 1 25 ? 1.238   4.093   12.786  1.00 0.00   ? 25 VAL A HG22 1 
ATOM 433  H HG23 . VAL A 1 25 ? 0.336   3.079   13.911  1.00 0.00   ? 25 VAL A HG23 1 
ATOM 434  N N    . LEU A 1 26 ? 0.099   0.073   12.829  1.00 41.38  ? 26 LEU A N    1 
ATOM 435  C CA   . LEU A 1 26 ? -0.287  -1.239  13.443  1.00 50.89  ? 26 LEU A CA   1 
ATOM 436  C C    . LEU A 1 26 ? -1.599  -1.130  14.263  1.00 50.76  ? 26 LEU A C    1 
ATOM 437  O O    . LEU A 1 26 ? -2.674  -1.346  13.743  1.00 0.00   ? 26 LEU A O    1 
ATOM 438  C CB   . LEU A 1 26 ? 0.856   -1.791  14.339  1.00 0.00   ? 26 LEU A CB   1 
ATOM 439  C CG   . LEU A 1 26 ? 1.641   -0.654  14.991  1.00 0.00   ? 26 LEU A CG   1 
ATOM 440  C CD1  . LEU A 1 26 ? 2.256   -1.148  16.303  1.00 0.00   ? 26 LEU A CD1  1 
ATOM 441  C CD2  . LEU A 1 26 ? 2.759   -0.200  14.045  1.00 0.00   ? 26 LEU A CD2  1 
ATOM 442  H H    . LEU A 1 26 ? 0.549   0.751   13.347  1.00 0.00   ? 26 LEU A H    1 
ATOM 443  H HA   . LEU A 1 26 ? -0.453  -1.937  12.648  1.00 0.00   ? 26 LEU A HA   1 
ATOM 444  H HB2  . LEU A 1 26 ? 0.432   -2.415  15.110  1.00 0.00   ? 26 LEU A HB2  1 
ATOM 445  H HB3  . LEU A 1 26 ? 1.525   -2.384  13.733  1.00 0.00   ? 26 LEU A HB3  1 
ATOM 446  H HG   . LEU A 1 26 ? 0.976   0.171   15.191  1.00 0.00   ? 26 LEU A HG   1 
ATOM 447  H HD11 . LEU A 1 26 ? 2.649   -2.144  16.163  1.00 0.00   ? 26 LEU A HD11 1 
ATOM 448  H HD12 . LEU A 1 26 ? 3.055   -0.485  16.600  1.00 0.00   ? 26 LEU A HD12 1 
ATOM 449  H HD13 . LEU A 1 26 ? 1.498   -1.165  17.073  1.00 0.00   ? 26 LEU A HD13 1 
ATOM 450  H HD21 . LEU A 1 26 ? 2.850   -0.904  13.231  1.00 0.00   ? 26 LEU A HD21 1 
ATOM 451  H HD22 . LEU A 1 26 ? 2.524   0.776   13.653  1.00 0.00   ? 26 LEU A HD22 1 
ATOM 452  H HD23 . LEU A 1 26 ? 3.691   -0.154  14.588  1.00 0.00   ? 26 LEU A HD23 1 
ATOM 453  N N    . ARG A 1 27 ? -1.516  -0.849  15.545  1.00 50.41  ? 27 ARG A N    1 
ATOM 454  C CA   . ARG A 1 27 ? -2.759  -0.798  16.387  1.00 52.13  ? 27 ARG A CA   1 
ATOM 455  C C    . ARG A 1 27 ? -3.379  0.587   16.411  1.00 46.93  ? 27 ARG A C    1 
ATOM 456  O O    . ARG A 1 27 ? -4.571  0.725   16.602  1.00 0.00   ? 27 ARG A O    1 
ATOM 457  C CB   . ARG A 1 27 ? -2.398  -1.185  17.808  1.00 0.00   ? 27 ARG A CB   1 
ATOM 458  C CG   . ARG A 1 27 ? -2.154  -2.685  17.879  1.00 0.00   ? 27 ARG A CG   1 
ATOM 459  C CD   . ARG A 1 27 ? -2.670  -3.227  19.213  1.00 0.00   ? 27 ARG A CD   1 
ATOM 460  N NE   . ARG A 1 27 ? -2.142  -4.599  19.430  1.00 0.00   ? 27 ARG A NE   1 
ATOM 461  C CZ   . ARG A 1 27 ? -2.156  -5.120  20.625  1.00 0.00   ? 27 ARG A CZ   1 
ATOM 462  N NH1  . ARG A 1 27 ? -3.268  -5.161  21.310  1.00 0.00   ? 27 ARG A NH1  1 
ATOM 463  N NH2  . ARG A 1 27 ? -1.057  -5.598  21.138  1.00 0.00   ? 27 ARG A NH2  1 
ATOM 464  H H    . ARG A 1 27 ? -0.647  -0.714  15.963  1.00 0.00   ? 27 ARG A H    1 
ATOM 465  H HA   . ARG A 1 27 ? -3.479  -1.493  16.002  1.00 0.00   ? 27 ARG A HA   1 
ATOM 466  H HB2  . ARG A 1 27 ? -1.501  -0.659  18.107  1.00 0.00   ? 27 ARG A HB2  1 
ATOM 467  H HB3  . ARG A 1 27 ? -3.201  -0.919  18.461  1.00 0.00   ? 27 ARG A HB3  1 
ATOM 468  H HG2  . ARG A 1 27 ? -2.670  -3.171  17.066  1.00 0.00   ? 27 ARG A HG2  1 
ATOM 469  H HG3  . ARG A 1 27 ? -1.093  -2.877  17.800  1.00 0.00   ? 27 ARG A HG3  1 
ATOM 470  H HD2  . ARG A 1 27 ? -2.339  -2.579  20.017  1.00 0.00   ? 27 ARG A HD2  1 
ATOM 471  H HD3  . ARG A 1 27 ? -3.747  -3.261  19.198  1.00 0.00   ? 27 ARG A HD3  1 
ATOM 472  H HE   . ARG A 1 27 ? -1.784  -5.111  18.674  1.00 0.00   ? 27 ARG A HE   1 
ATOM 473  H HH11 . ARG A 1 27 ? -4.113  -4.791  20.918  1.00 0.00   ? 27 ARG A HH11 1 
ATOM 474  H HH12 . ARG A 1 27 ? -3.276  -5.559  22.228  1.00 0.00   ? 27 ARG A HH12 1 
ATOM 475  H HH21 . ARG A 1 27 ? -0.206  -5.562  20.615  1.00 0.00   ? 27 ARG A HH21 1 
ATOM 476  H HH22 . ARG A 1 27 ? -1.065  -5.999  22.053  1.00 0.00   ? 27 ARG A HH22 1 
ATOM 477  N N    . SER A 1 28 ? -2.583  1.599   16.258  1.00 43.06  ? 28 SER A N    1 
ATOM 478  C CA   . SER A 1 28 ? -3.104  3.011   16.297  1.00 39.55  ? 28 SER A CA   1 
ATOM 479  C C    . SER A 1 28 ? -4.451  3.129   15.546  1.00 36.09  ? 28 SER A C    1 
ATOM 480  O O    . SER A 1 28 ? -5.497  3.116   16.159  1.00 0.00   ? 28 SER A O    1 
ATOM 481  C CB   . SER A 1 28 ? -2.076  3.937   15.648  1.00 0.00   ? 28 SER A CB   1 
ATOM 482  O OG   . SER A 1 28 ? -1.331  4.601   16.663  1.00 0.00   ? 28 SER A OG   1 
ATOM 483  H H    . SER A 1 28 ? -1.626  1.437   16.139  1.00 0.00   ? 28 SER A H    1 
ATOM 484  H HA   . SER A 1 28 ? -3.245  3.308   17.326  1.00 0.00   ? 28 SER A HA   1 
ATOM 485  H HB2  . SER A 1 28 ? -1.406  3.359   15.038  1.00 0.00   ? 28 SER A HB2  1 
ATOM 486  H HB3  . SER A 1 28 ? -2.586  4.663   15.028  1.00 0.00   ? 28 SER A HB3  1 
ATOM 487  H HG   . SER A 1 28 ? -1.195  3.981   17.384  1.00 0.00   ? 28 SER A HG   1 
ATOM 488  N N    . ASN A 1 29 ? -4.398  3.222   14.223  1.00 37.67  ? 29 ASN A N    1 
ATOM 489  C CA   . ASN A 1 29 ? -5.647  3.339   13.347  1.00 36.39  ? 29 ASN A CA   1 
ATOM 490  C C    . ASN A 1 29 ? -5.324  4.170   12.092  1.00 25.08  ? 29 ASN A C    1 
ATOM 491  O O    . ASN A 1 29 ? -6.052  4.145   11.120  1.00 0.00   ? 29 ASN A O    1 
ATOM 492  C CB   . ASN A 1 29 ? -6.810  4.049   14.073  1.00 0.00   ? 29 ASN A CB   1 
ATOM 493  C CG   . ASN A 1 29 ? -6.306  5.319   14.763  1.00 0.00   ? 29 ASN A CG   1 
ATOM 494  O OD1  . ASN A 1 29 ? -5.687  6.159   14.144  1.00 0.00   ? 29 ASN A OD1  1 
ATOM 495  N ND2  . ASN A 1 29 ? -6.553  5.494   16.031  1.00 0.00   ? 29 ASN A ND2  1 
ATOM 496  H H    . ASN A 1 29 ? -3.536  3.205   13.798  1.00 0.00   ? 29 ASN A H    1 
ATOM 497  H HA   . ASN A 1 29 ? -5.965  2.349   13.045  1.00 0.00   ? 29 ASN A HA   1 
ATOM 498  H HB2  . ASN A 1 29 ? -7.568  4.317   13.347  1.00 0.00   ? 29 ASN A HB2  1 
ATOM 499  H HB3  . ASN A 1 29 ? -7.236  3.386   14.805  1.00 0.00   ? 29 ASN A HB3  1 
ATOM 500  H HD21 . ASN A 1 29 ? -7.055  4.816   16.530  1.00 0.00   ? 29 ASN A HD21 1 
ATOM 501  H HD22 . ASN A 1 29 ? -6.237  6.302   16.486  1.00 0.00   ? 29 ASN A HD22 1 
ATOM 502  N N    . ARG A 1 30 ? -4.260  4.938   12.116  1.00 21.88  ? 30 ARG A N    1 
ATOM 503  C CA   . ARG A 1 30 ? -3.932  5.788   10.945  1.00 14.68  ? 30 ARG A CA   1 
ATOM 504  C C    . ARG A 1 30 ? -2.894  5.120   10.055  1.00 12.43  ? 30 ARG A C    1 
ATOM 505  O O    . ARG A 1 30 ? -2.471  4.004   10.282  1.00 0.00   ? 30 ARG A O    1 
ATOM 506  C CB   . ARG A 1 30 ? -3.360  7.107   11.449  1.00 0.00   ? 30 ARG A CB   1 
ATOM 507  C CG   . ARG A 1 30 ? -1.928  6.880   11.952  1.00 0.00   ? 30 ARG A CG   1 
ATOM 508  C CD   . ARG A 1 30 ? -1.703  7.640   13.253  1.00 0.00   ? 30 ARG A CD   1 
ATOM 509  N NE   . ARG A 1 30 ? -0.277  7.462   13.661  1.00 0.00   ? 30 ARG A NE   1 
ATOM 510  C CZ   . ARG A 1 30 ? 0.214   8.118   14.675  1.00 0.00   ? 30 ARG A CZ   1 
ATOM 511  N NH1  . ARG A 1 30 ? -0.180  9.336   14.927  1.00 0.00   ? 30 ARG A NH1  1 
ATOM 512  N NH2  . ARG A 1 30 ? 1.104   7.550   15.442  1.00 0.00   ? 30 ARG A NH2  1 
ATOM 513  H H    . ARG A 1 30 ? -3.692  4.975   12.910  1.00 0.00   ? 30 ARG A H    1 
ATOM 514  H HA   . ARG A 1 30 ? -4.823  5.981   10.374  1.00 0.00   ? 30 ARG A HA   1 
ATOM 515  H HB2  . ARG A 1 30 ? -3.352  7.822   10.648  1.00 0.00   ? 30 ARG A HB2  1 
ATOM 516  H HB3  . ARG A 1 30 ? -3.967  7.479   12.253  1.00 0.00   ? 30 ARG A HB3  1 
ATOM 517  H HG2  . ARG A 1 30 ? -1.772  5.826   12.127  1.00 0.00   ? 30 ARG A HG2  1 
ATOM 518  H HG3  . ARG A 1 30 ? -1.226  7.228   11.208  1.00 0.00   ? 30 ARG A HG3  1 
ATOM 519  H HD2  . ARG A 1 30 ? -1.904  8.679   13.106  1.00 0.00   ? 30 ARG A HD2  1 
ATOM 520  H HD3  . ARG A 1 30 ? -2.370  7.251   14.020  1.00 0.00   ? 30 ARG A HD3  1 
ATOM 521  H HE   . ARG A 1 30 ? 0.298   6.848   13.156  1.00 0.00   ? 30 ARG A HE   1 
ATOM 522  H HH11 . ARG A 1 30 ? -0.860  9.773   14.343  1.00 0.00   ? 30 ARG A HH11 1 
ATOM 523  H HH12 . ARG A 1 30 ? 0.199   9.831   15.710  1.00 0.00   ? 30 ARG A HH12 1 
ATOM 524  H HH21 . ARG A 1 30 ? 1.407   6.615   15.250  1.00 0.00   ? 30 ARG A HH21 1 
ATOM 525  H HH22 . ARG A 1 30 ? 1.486   8.049   16.218  1.00 0.00   ? 30 ARG A HH22 1 
ATOM 526  N N    . VAL A 1 31 ? -2.469  5.826   9.057   1.00 8.92   ? 31 VAL A N    1 
ATOM 527  C CA   . VAL A 1 31 ? -1.431  5.296   8.129   1.00 7.78   ? 31 VAL A CA   1 
ATOM 528  C C    . VAL A 1 31 ? -0.499  6.442   7.772   1.00 6.55   ? 31 VAL A C    1 
ATOM 529  O O    . VAL A 1 31 ? -0.767  7.571   8.092   1.00 0.00   ? 31 VAL A O    1 
ATOM 530  C CB   . VAL A 1 31 ? -2.086  4.760   6.859   1.00 0.00   ? 31 VAL A CB   1 
ATOM 531  C CG1  . VAL A 1 31 ? -3.323  3.941   7.229   1.00 0.00   ? 31 VAL A CG1  1 
ATOM 532  C CG2  . VAL A 1 31 ? -2.496  5.930   5.961   1.00 0.00   ? 31 VAL A CG2  1 
ATOM 533  H H    . VAL A 1 31 ? -2.827  6.732   8.925   1.00 0.00   ? 31 VAL A H    1 
ATOM 534  H HA   . VAL A 1 31 ? -0.871  4.508   8.615   1.00 0.00   ? 31 VAL A HA   1 
ATOM 535  H HB   . VAL A 1 31 ? -1.382  4.129   6.335   1.00 0.00   ? 31 VAL A HB   1 
ATOM 536  H HG11 . VAL A 1 31 ? -3.149  3.426   8.163   1.00 0.00   ? 31 VAL A HG11 1 
ATOM 537  H HG12 . VAL A 1 31 ? -4.169  4.597   7.332   1.00 0.00   ? 31 VAL A HG12 1 
ATOM 538  H HG13 . VAL A 1 31 ? -3.520  3.218   6.450   1.00 0.00   ? 31 VAL A HG13 1 
ATOM 539  H HG21 . VAL A 1 31 ? -3.047  6.655   6.540   1.00 0.00   ? 31 VAL A HG21 1 
ATOM 540  H HG22 . VAL A 1 31 ? -1.615  6.397   5.546   1.00 0.00   ? 31 VAL A HG22 1 
ATOM 541  H HG23 . VAL A 1 31 ? -3.120  5.563   5.157   1.00 0.00   ? 31 VAL A HG23 1 
ATOM 542  N N    . GLU A 1 32 ? 0.589   6.176   7.120   1.00 6.25   ? 32 GLU A N    1 
ATOM 543  C CA   . GLU A 1 32 ? 1.513   7.292   6.767   1.00 6.59   ? 32 GLU A CA   1 
ATOM 544  C C    . GLU A 1 32 ? 1.628   7.424   5.250   1.00 4.39   ? 32 GLU A C    1 
ATOM 545  O O    . GLU A 1 32 ? 1.585   6.456   4.525   1.00 0.00   ? 32 GLU A O    1 
ATOM 546  C CB   . GLU A 1 32 ? 2.893   7.022   7.355   1.00 0.00   ? 32 GLU A CB   1 
ATOM 547  C CG   . GLU A 1 32 ? 2.750   6.140   8.588   1.00 0.00   ? 32 GLU A CG   1 
ATOM 548  C CD   . GLU A 1 32 ? 4.032   6.207   9.419   1.00 0.00   ? 32 GLU A CD   1 
ATOM 549  O OE1  . GLU A 1 32 ? 5.062   5.796   8.914   1.00 0.00   ? 32 GLU A OE1  1 
ATOM 550  O OE2  . GLU A 1 32 ? 3.958   6.667   10.547  1.00 0.00   ? 32 GLU A OE2  1 
ATOM 551  H H    . GLU A 1 32 ? 0.801   5.252   6.865   1.00 0.00   ? 32 GLU A H    1 
ATOM 552  H HA   . GLU A 1 32 ? 1.130   8.211   7.175   1.00 0.00   ? 32 GLU A HA   1 
ATOM 553  H HB2  . GLU A 1 32 ? 3.508   6.522   6.618   1.00 0.00   ? 32 GLU A HB2  1 
ATOM 554  H HB3  . GLU A 1 32 ? 3.355   7.957   7.634   1.00 0.00   ? 32 GLU A HB3  1 
ATOM 555  H HG2  . GLU A 1 32 ? 1.915   6.484   9.183   1.00 0.00   ? 32 GLU A HG2  1 
ATOM 556  H HG3  . GLU A 1 32 ? 2.577   5.125   8.281   1.00 0.00   ? 32 GLU A HG3  1 
ATOM 557  N N    . TYR A 1 33 ? 1.792   8.617   4.773   1.00 5.35   ? 33 TYR A N    1 
ATOM 558  C CA   . TYR A 1 33 ? 1.936   8.825   3.295   1.00 4.76   ? 33 TYR A CA   1 
ATOM 559  C C    . TYR A 1 33 ? 3.419   8.979   2.989   1.00 5.27   ? 33 TYR A C    1 
ATOM 560  O O    . TYR A 1 33 ? 3.976   10.043  3.132   1.00 0.00   ? 33 TYR A O    1 
ATOM 561  C CB   . TYR A 1 33 ? 1.190   10.092  2.878   1.00 0.00   ? 33 TYR A CB   1 
ATOM 562  C CG   . TYR A 1 33 ? 1.567   10.451  1.462   1.00 0.00   ? 33 TYR A CG   1 
ATOM 563  C CD1  . TYR A 1 33 ? 1.123   9.658   0.396   1.00 0.00   ? 33 TYR A CD1  1 
ATOM 564  C CD2  . TYR A 1 33 ? 2.357   11.579  1.216   1.00 0.00   ? 33 TYR A CD2  1 
ATOM 565  C CE1  . TYR A 1 33 ? 1.474   9.995   -0.917  1.00 0.00   ? 33 TYR A CE1  1 
ATOM 566  C CE2  . TYR A 1 33 ? 2.708   11.915  -0.095  1.00 0.00   ? 33 TYR A CE2  1 
ATOM 567  C CZ   . TYR A 1 33 ? 2.266   11.124  -1.162  1.00 0.00   ? 33 TYR A CZ   1 
ATOM 568  O OH   . TYR A 1 33 ? 2.611   11.458  -2.454  1.00 0.00   ? 33 TYR A OH   1 
ATOM 569  H H    . TYR A 1 33 ? 1.838   9.384   5.390   1.00 0.00   ? 33 TYR A H    1 
ATOM 570  H HA   . TYR A 1 33 ? 1.539   7.971   2.765   1.00 0.00   ? 33 TYR A HA   1 
ATOM 571  H HB2  . TYR A 1 33 ? 0.125   9.918   2.936   1.00 0.00   ? 33 TYR A HB2  1 
ATOM 572  H HB3  . TYR A 1 33 ? 1.459   10.902  3.539   1.00 0.00   ? 33 TYR A HB3  1 
ATOM 573  H HD1  . TYR A 1 33 ? 0.512   8.788   0.588   1.00 0.00   ? 33 TYR A HD1  1 
ATOM 574  H HD2  . TYR A 1 33 ? 2.700   12.187  2.037   1.00 0.00   ? 33 TYR A HD2  1 
ATOM 575  H HE1  . TYR A 1 33 ? 1.135   9.383   -1.741  1.00 0.00   ? 33 TYR A HE1  1 
ATOM 576  H HE2  . TYR A 1 33 ? 3.320   12.785  -0.284  1.00 0.00   ? 33 TYR A HE2  1 
ATOM 577  H HH   . TYR A 1 33 ? 2.618   12.416  -2.519  1.00 0.00   ? 33 TYR A HH   1 
ATOM 578  N N    . CYS A 1 34 ? 4.073   7.916   2.598   1.00 3.84   ? 34 CYS A N    1 
ATOM 579  C CA   . CYS A 1 34 ? 5.543   8.000   2.337   1.00 4.42   ? 34 CYS A CA   1 
ATOM 580  C C    . CYS A 1 34 ? 5.837   8.408   0.897   1.00 5.24   ? 34 CYS A C    1 
ATOM 581  O O    . CYS A 1 34 ? 5.754   7.617   -0.010  1.00 0.00   ? 34 CYS A O    1 
ATOM 582  C CB   . CYS A 1 34 ? 6.168   6.636   2.594   1.00 0.00   ? 34 CYS A CB   1 
ATOM 583  S SG   . CYS A 1 34 ? 6.168   6.287   4.367   1.00 0.00   ? 34 CYS A SG   1 
ATOM 584  H H    . CYS A 1 34 ? 3.604   7.053   2.505   1.00 0.00   ? 34 CYS A H    1 
ATOM 585  H HA   . CYS A 1 34 ? 5.983   8.721   3.009   1.00 0.00   ? 34 CYS A HA   1 
ATOM 586  H HB2  . CYS A 1 34 ? 5.600   5.877   2.079   1.00 0.00   ? 34 CYS A HB2  1 
ATOM 587  H HB3  . CYS A 1 34 ? 7.175   6.636   2.232   1.00 0.00   ? 34 CYS A HB3  1 
ATOM 588  N N    . TRP A 1 35 ? 6.216   9.635   0.690   1.00 8.11   ? 35 TRP A N    1 
ATOM 589  C CA   . TRP A 1 35 ? 6.546   10.090  -0.678  1.00 10.80  ? 35 TRP A CA   1 
ATOM 590  C C    . TRP A 1 35 ? 8.080   10.234  -0.791  1.00 11.54  ? 35 TRP A C    1 
ATOM 591  O O    . TRP A 1 35 ? 8.681   11.106  -0.198  1.00 0.00   ? 35 TRP A O    1 
ATOM 592  C CB   . TRP A 1 35 ? 5.824   11.427  -0.943  1.00 0.00   ? 35 TRP A CB   1 
ATOM 593  C CG   . TRP A 1 35 ? 6.751   12.408  -1.565  1.00 0.00   ? 35 TRP A CG   1 
ATOM 594  C CD1  . TRP A 1 35 ? 7.313   12.280  -2.782  1.00 0.00   ? 35 TRP A CD1  1 
ATOM 595  C CD2  . TRP A 1 35 ? 7.223   13.666  -1.020  1.00 0.00   ? 35 TRP A CD2  1 
ATOM 596  N NE1  . TRP A 1 35 ? 8.119   13.382  -3.014  1.00 0.00   ? 35 TRP A NE1  1 
ATOM 597  C CE2  . TRP A 1 35 ? 8.089   14.267  -1.955  1.00 0.00   ? 35 TRP A CE2  1 
ATOM 598  C CE3  . TRP A 1 35 ? 6.984   14.335  0.191   1.00 0.00   ? 35 TRP A CE3  1 
ATOM 599  C CZ2  . TRP A 1 35 ? 8.702   15.493  -1.701  1.00 0.00   ? 35 TRP A CZ2  1 
ATOM 600  C CZ3  . TRP A 1 35 ? 7.596   15.573  0.454   1.00 0.00   ? 35 TRP A CZ3  1 
ATOM 601  C CH2  . TRP A 1 35 ? 8.455   16.150  -0.492  1.00 0.00   ? 35 TRP A CH2  1 
ATOM 602  H H    . TRP A 1 35 ? 6.302   10.252  1.442   1.00 0.00   ? 35 TRP A H    1 
ATOM 603  H HA   . TRP A 1 35 ? 6.209   9.355   -1.387  1.00 0.00   ? 35 TRP A HA   1 
ATOM 604  H HB2  . TRP A 1 35 ? 4.989   11.258  -1.604  1.00 0.00   ? 35 TRP A HB2  1 
ATOM 605  H HB3  . TRP A 1 35 ? 5.460   11.824  -0.003  1.00 0.00   ? 35 TRP A HB3  1 
ATOM 606  H HD1  . TRP A 1 35 ? 7.168   11.445  -3.456  1.00 0.00   ? 35 TRP A HD1  1 
ATOM 607  H HE1  . TRP A 1 35 ? 8.644   13.533  -3.816  1.00 0.00   ? 35 TRP A HE1  1 
ATOM 608  H HE3  . TRP A 1 35 ? 6.324   13.892  0.924   1.00 0.00   ? 35 TRP A HE3  1 
ATOM 609  H HZ2  . TRP A 1 35 ? 9.361   15.934  -2.434  1.00 0.00   ? 35 TRP A HZ2  1 
ATOM 610  H HZ3  . TRP A 1 35 ? 7.407   16.078  1.389   1.00 0.00   ? 35 TRP A HZ3  1 
ATOM 611  H HH2  . TRP A 1 35 ? 8.925   17.100  -0.287  1.00 0.00   ? 35 TRP A HH2  1 
ATOM 612  N N    . CYS A 1 36 ? 8.709   9.347   -1.540  1.00 10.46  ? 36 CYS A N    1 
ATOM 613  C CA   . CYS A 1 36 ? 10.207  9.377   -1.698  1.00 11.17  ? 36 CYS A CA   1 
ATOM 614  C C    . CYS A 1 36 ? 10.713  10.791  -1.947  1.00 17.63  ? 36 CYS A C    1 
ATOM 615  O O    . CYS A 1 36 ? 10.097  11.576  -2.641  1.00 0.00   ? 36 CYS A O    1 
ATOM 616  C CB   . CYS A 1 36 ? 10.612  8.520   -2.895  1.00 0.00   ? 36 CYS A CB   1 
ATOM 617  S SG   . CYS A 1 36 ? 12.369  8.131   -2.792  1.00 0.00   ? 36 CYS A SG   1 
ATOM 618  H H    . CYS A 1 36 ? 8.195   8.644   -1.986  1.00 0.00   ? 36 CYS A H    1 
ATOM 619  H HA   . CYS A 1 36 ? 10.668  8.980   -0.806  1.00 0.00   ? 36 CYS A HA   1 
ATOM 620  H HB2  . CYS A 1 36 ? 10.044  7.610   -2.900  1.00 0.00   ? 36 CYS A HB2  1 
ATOM 621  H HB3  . CYS A 1 36 ? 10.426  9.066   -3.797  1.00 0.00   ? 36 CYS A HB3  1 
ATOM 622  N N    . ASN A 1 37 ? 11.852  11.111  -1.399  1.00 21.74  ? 37 ASN A N    1 
ATOM 623  C CA   . ASN A 1 37 ? 12.431  12.452  -1.614  1.00 32.10  ? 37 ASN A CA   1 
ATOM 624  C C    . ASN A 1 37 ? 13.955  12.344  -1.557  1.00 36.56  ? 37 ASN A C    1 
ATOM 625  O O    . ASN A 1 37 ? 14.574  12.750  -0.599  1.00 0.00   ? 37 ASN A O    1 
ATOM 626  C CB   . ASN A 1 37 ? 11.940  13.406  -0.524  1.00 0.00   ? 37 ASN A CB   1 
ATOM 627  C CG   . ASN A 1 37 ? 12.314  14.841  -0.900  1.00 0.00   ? 37 ASN A CG   1 
ATOM 628  O OD1  . ASN A 1 37 ? 12.009  15.298  -1.983  1.00 0.00   ? 37 ASN A OD1  1 
ATOM 629  N ND2  . ASN A 1 37 ? 12.971  15.577  -0.046  1.00 0.00   ? 37 ASN A ND2  1 
ATOM 630  H H    . ASN A 1 37 ? 12.338  10.452  -0.853  1.00 0.00   ? 37 ASN A H    1 
ATOM 631  H HA   . ASN A 1 37 ? 12.131  12.824  -2.582  1.00 0.00   ? 37 ASN A HA   1 
ATOM 632  H HB2  . ASN A 1 37 ? 10.866  13.325  -0.433  1.00 0.00   ? 37 ASN A HB2  1 
ATOM 633  H HB3  . ASN A 1 37 ? 12.402  13.149  0.413   1.00 0.00   ? 37 ASN A HB3  1 
ATOM 634  H HD21 . ASN A 1 37 ? 13.221  15.210  0.827   1.00 0.00   ? 37 ASN A HD21 1 
ATOM 635  H HD22 . ASN A 1 37 ? 13.214  16.499  -0.278  1.00 0.00   ? 37 ASN A HD22 1 
ATOM 636  N N    . SER A 1 38 ? 14.561  11.776  -2.578  1.00 41.11  ? 38 SER A N    1 
ATOM 637  C CA   . SER A 1 38 ? 16.046  11.628  -2.586  1.00 47.28  ? 38 SER A CA   1 
ATOM 638  C C    . SER A 1 38 ? 16.456  10.607  -1.529  1.00 39.71  ? 38 SER A C    1 
ATOM 639  O O    . SER A 1 38 ? 17.518  10.694  -0.945  1.00 0.00   ? 38 SER A O    1 
ATOM 640  C CB   . SER A 1 38 ? 16.706  12.979  -2.287  1.00 0.00   ? 38 SER A CB   1 
ATOM 641  O OG   . SER A 1 38 ? 16.005  14.011  -2.971  1.00 0.00   ? 38 SER A OG   1 
ATOM 642  H H    . SER A 1 38 ? 14.036  11.436  -3.331  1.00 0.00   ? 38 SER A H    1 
ATOM 643  H HA   . SER A 1 38 ? 16.364  11.282  -3.561  1.00 0.00   ? 38 SER A HA   1 
ATOM 644  H HB2  . SER A 1 38 ? 16.676  13.171  -1.232  1.00 0.00   ? 38 SER A HB2  1 
ATOM 645  H HB3  . SER A 1 38 ? 17.740  12.953  -2.616  1.00 0.00   ? 38 SER A HB3  1 
ATOM 646  H HG   . SER A 1 38 ? 15.985  14.785  -2.403  1.00 0.00   ? 38 SER A HG   1 
ATOM 647  N N    . GLY A 1 39 ? 15.621  9.634   -1.282  1.00 31.84  ? 39 GLY A N    1 
ATOM 648  C CA   . GLY A 1 39 ? 15.957  8.598   -0.265  1.00 29.64  ? 39 GLY A CA   1 
ATOM 649  C C    . GLY A 1 39 ? 15.615  9.106   1.143   1.00 26.81  ? 39 GLY A C    1 
ATOM 650  O O    . GLY A 1 39 ? 16.087  8.575   2.130   1.00 0.00   ? 39 GLY A O    1 
ATOM 651  H H    . GLY A 1 39 ? 14.772  9.584   -1.770  1.00 0.00   ? 39 GLY A H    1 
ATOM 652  H HA2  . GLY A 1 39 ? 15.389  7.700   -0.470  1.00 0.00   ? 39 GLY A HA2  1 
ATOM 653  H HA3  . GLY A 1 39 ? 17.011  8.376   -0.317  1.00 0.00   ? 39 GLY A HA3  1 
ATOM 654  N N    . ARG A 1 40 ? 14.801  10.129  1.252   1.00 27.58  ? 40 ARG A N    1 
ATOM 655  C CA   . ARG A 1 40 ? 14.451  10.648  2.605   1.00 33.15  ? 40 ARG A CA   1 
ATOM 656  C C    . ARG A 1 40 ? 13.133  10.028  3.077   1.00 25.26  ? 40 ARG A C    1 
ATOM 657  O O    . ARG A 1 40 ? 12.883  9.914   4.260   1.00 0.00   ? 40 ARG A O    1 
ATOM 658  C CB   . ARG A 1 40 ? 14.287  12.167  2.543   1.00 0.00   ? 40 ARG A CB   1 
ATOM 659  C CG   . ARG A 1 40 ? 15.546  12.797  1.954   1.00 0.00   ? 40 ARG A CG   1 
ATOM 660  C CD   . ARG A 1 40 ? 16.480  13.217  3.088   1.00 0.00   ? 40 ARG A CD   1 
ATOM 661  N NE   . ARG A 1 40 ? 17.340  14.343  2.637   1.00 0.00   ? 40 ARG A NE   1 
ATOM 662  C CZ   . ARG A 1 40 ? 17.984  15.060  3.514   1.00 0.00   ? 40 ARG A CZ   1 
ATOM 663  N NH1  . ARG A 1 40 ? 18.906  14.509  4.259   1.00 0.00   ? 40 ARG A NH1  1 
ATOM 664  N NH2  . ARG A 1 40 ? 17.705  16.327  3.650   1.00 0.00   ? 40 ARG A NH2  1 
ATOM 665  H H    . ARG A 1 40 ? 14.426  10.557  0.452   1.00 0.00   ? 40 ARG A H    1 
ATOM 666  H HA   . ARG A 1 40 ? 15.236  10.400  3.303   1.00 0.00   ? 40 ARG A HA   1 
ATOM 667  H HB2  . ARG A 1 40 ? 13.438  12.410  1.924   1.00 0.00   ? 40 ARG A HB2  1 
ATOM 668  H HB3  . ARG A 1 40 ? 14.127  12.552  3.537   1.00 0.00   ? 40 ARG A HB3  1 
ATOM 669  H HG2  . ARG A 1 40 ? 16.046  12.079  1.317   1.00 0.00   ? 40 ARG A HG2  1 
ATOM 670  H HG3  . ARG A 1 40 ? 15.273  13.664  1.373   1.00 0.00   ? 40 ARG A HG3  1 
ATOM 671  H HD2  . ARG A 1 40 ? 15.892  13.533  3.940   1.00 0.00   ? 40 ARG A HD2  1 
ATOM 672  H HD3  . ARG A 1 40 ? 17.101  12.381  3.371   1.00 0.00   ? 40 ARG A HD3  1 
ATOM 673  H HE   . ARG A 1 40 ? 17.423  14.545  1.682   1.00 0.00   ? 40 ARG A HE   1 
ATOM 674  H HH11 . ARG A 1 40 ? 19.118  13.539  4.156   1.00 0.00   ? 40 ARG A HH11 1 
ATOM 675  H HH12 . ARG A 1 40 ? 19.397  15.061  4.936   1.00 0.00   ? 40 ARG A HH12 1 
ATOM 676  H HH21 . ARG A 1 40 ? 16.996  16.746  3.081   1.00 0.00   ? 40 ARG A HH21 1 
ATOM 677  H HH22 . ARG A 1 40 ? 18.201  16.879  4.319   1.00 0.00   ? 40 ARG A HH22 1 
ATOM 678  N N    . ALA A 1 41 ? 12.282  9.644   2.167   1.00 17.79  ? 41 ALA A N    1 
ATOM 679  C CA   . ALA A 1 41 ? 10.979  9.055   2.577   1.00 11.62  ? 41 ALA A CA   1 
ATOM 680  C C    . ALA A 1 41 ? 10.231  10.073  3.430   1.00 16.34  ? 41 ALA A C    1 
ATOM 681  O O    . ALA A 1 41 ? 10.444  10.190  4.621   1.00 0.00   ? 41 ALA A O    1 
ATOM 682  C CB   . ALA A 1 41 ? 11.205  7.788   3.382   1.00 0.00   ? 41 ALA A CB   1 
ATOM 683  H H    . ALA A 1 41 ? 12.494  9.757   1.218   1.00 0.00   ? 41 ALA A H    1 
ATOM 684  H HA   . ALA A 1 41 ? 10.397  8.827   1.693   1.00 0.00   ? 41 ALA A HA   1 
ATOM 685  H HB1  . ALA A 1 41 ? 12.058  7.261   2.987   1.00 0.00   ? 41 ALA A HB1  1 
ATOM 686  H HB2  . ALA A 1 41 ? 11.387  8.048   4.414   1.00 0.00   ? 41 ALA A HB2  1 
ATOM 687  H HB3  . ALA A 1 41 ? 10.329  7.161   3.317   1.00 0.00   ? 41 ALA A HB3  1 
ATOM 688  N N    . GLN A 1 42 ? 9.377   10.812  2.822   1.00 15.36  ? 42 GLN A N    1 
ATOM 689  C CA   . GLN A 1 42 ? 8.607   11.851  3.553   1.00 20.43  ? 42 GLN A CA   1 
ATOM 690  C C    . GLN A 1 42 ? 7.269   11.271  4.026   1.00 16.77  ? 42 GLN A C    1 
ATOM 691  O O    . GLN A 1 42 ? 6.261   11.402  3.362   1.00 0.00   ? 42 GLN A O    1 
ATOM 692  C CB   . GLN A 1 42 ? 8.351   13.016  2.597   1.00 0.00   ? 42 GLN A CB   1 
ATOM 693  C CG   . GLN A 1 42 ? 9.661   13.769  2.344   1.00 0.00   ? 42 GLN A CG   1 
ATOM 694  C CD   . GLN A 1 42 ? 10.022  14.606  3.572   1.00 0.00   ? 42 GLN A CD   1 
ATOM 695  O OE1  . GLN A 1 42 ? 9.263   15.462  3.984   1.00 0.00   ? 42 GLN A OE1  1 
ATOM 696  N NE2  . GLN A 1 42 ? 11.159  14.394  4.178   1.00 0.00   ? 42 GLN A NE2  1 
ATOM 697  H H    . GLN A 1 42 ? 9.242   10.695  1.872   1.00 0.00   ? 42 GLN A H    1 
ATOM 698  H HA   . GLN A 1 42 ? 9.177   12.198  4.404   1.00 0.00   ? 42 GLN A HA   1 
ATOM 699  H HB2  . GLN A 1 42 ? 7.976   12.627  1.659   1.00 0.00   ? 42 GLN A HB2  1 
ATOM 700  H HB3  . GLN A 1 42 ? 7.626   13.687  3.022   1.00 0.00   ? 42 GLN A HB3  1 
ATOM 701  H HG2  . GLN A 1 42 ? 10.450  13.060  2.146   1.00 0.00   ? 42 GLN A HG2  1 
ATOM 702  H HG3  . GLN A 1 42 ? 9.544   14.420  1.491   1.00 0.00   ? 42 GLN A HG3  1 
ATOM 703  H HE21 . GLN A 1 42 ? 11.769  13.705  3.843   1.00 0.00   ? 42 GLN A HE21 1 
ATOM 704  H HE22 . GLN A 1 42 ? 11.401  14.923  4.967   1.00 0.00   ? 42 GLN A HE22 1 
ATOM 705  N N    . CYS A 1 43 ? 7.249   10.625  5.167   1.00 16.52  ? 43 CYS A N    1 
ATOM 706  C CA   . CYS A 1 43 ? 5.967   10.044  5.654   1.00 14.66  ? 43 CYS A CA   1 
ATOM 707  C C    . CYS A 1 43 ? 5.352   10.928  6.737   1.00 18.35  ? 43 CYS A C    1 
ATOM 708  O O    . CYS A 1 43 ? 5.968   11.848  7.236   1.00 0.00   ? 43 CYS A O    1 
ATOM 709  C CB   . CYS A 1 43 ? 6.208   8.650   6.230   1.00 0.00   ? 43 CYS A CB   1 
ATOM 710  S SG   . CYS A 1 43 ? 7.331   7.734   5.157   1.00 0.00   ? 43 CYS A SG   1 
ATOM 711  H H    . CYS A 1 43 ? 8.068   10.523  5.692   1.00 0.00   ? 43 CYS A H    1 
ATOM 712  H HA   . CYS A 1 43 ? 5.286   9.968   4.836   1.00 0.00   ? 43 CYS A HA   1 
ATOM 713  H HB2  . CYS A 1 43 ? 6.636   8.736   7.211   1.00 0.00   ? 43 CYS A HB2  1 
ATOM 714  H HB3  . CYS A 1 43 ? 5.267   8.123   6.298   1.00 0.00   ? 43 CYS A HB3  1 
ATOM 715  N N    . HIS A 1 44 ? 4.135   10.639  7.104   1.00 15.40  ? 44 HIS A N    1 
ATOM 716  C CA   . HIS A 1 44 ? 3.444   11.427  8.158   1.00 18.53  ? 44 HIS A CA   1 
ATOM 717  C C    . HIS A 1 44 ? 2.063   10.813  8.378   1.00 14.65  ? 44 HIS A C    1 
ATOM 718  O O    . HIS A 1 44 ? 1.413   10.381  7.450   1.00 0.00   ? 44 HIS A O    1 
ATOM 719  C CB   . HIS A 1 44 ? 3.312   12.896  7.735   1.00 0.00   ? 44 HIS A CB   1 
ATOM 720  C CG   . HIS A 1 44 ? 2.441   13.001  6.520   1.00 0.00   ? 44 HIS A CG   1 
ATOM 721  N ND1  . HIS A 1 44 ? 2.954   13.286  5.265   1.00 0.00   ? 44 HIS A ND1  1 
ATOM 722  C CD2  . HIS A 1 44 ? 1.092   12.870  6.355   1.00 0.00   ? 44 HIS A CD2  1 
ATOM 723  C CE1  . HIS A 1 44 ? 1.919   13.317  4.407   1.00 0.00   ? 44 HIS A CE1  1 
ATOM 724  N NE2  . HIS A 1 44 ? 0.760   13.071  5.020   1.00 0.00   ? 44 HIS A NE2  1 
ATOM 725  H H    . HIS A 1 44 ? 3.668   9.878   6.683   1.00 0.00   ? 44 HIS A H    1 
ATOM 726  H HA   . HIS A 1 44 ? 4.012   11.366  9.077   1.00 0.00   ? 44 HIS A HA   1 
ATOM 727  H HB2  . HIS A 1 44 ? 2.868   13.461  8.541   1.00 0.00   ? 44 HIS A HB2  1 
ATOM 728  H HB3  . HIS A 1 44 ? 4.288   13.297  7.513   1.00 0.00   ? 44 HIS A HB3  1 
ATOM 729  H HD1  . HIS A 1 44 ? 3.897   13.434  5.043   1.00 0.00   ? 44 HIS A HD1  1 
ATOM 730  H HD2  . HIS A 1 44 ? 0.390   12.645  7.144   1.00 0.00   ? 44 HIS A HD2  1 
ATOM 731  H HE1  . HIS A 1 44 ? 2.013   13.517  3.350   1.00 0.00   ? 44 HIS A HE1  1 
ATOM 732  N N    . SER A 1 45 ? 1.634   10.733  9.596   1.00 17.55  ? 45 SER A N    1 
ATOM 733  C CA   . SER A 1 45 ? 0.314   10.099  9.891   1.00 14.60  ? 45 SER A CA   1 
ATOM 734  C C    . SER A 1 45 ? -0.853  10.878  9.262   1.00 12.03  ? 45 SER A C    1 
ATOM 735  O O    . SER A 1 45 ? -0.830  12.086  9.148   1.00 0.00   ? 45 SER A O    1 
ATOM 736  C CB   . SER A 1 45 ? 0.116   10.042  11.402  1.00 0.00   ? 45 SER A CB   1 
ATOM 737  O OG   . SER A 1 45 ? 0.067   11.367  11.917  1.00 0.00   ? 45 SER A OG   1 
ATOM 738  H H    . SER A 1 45 ? 2.192   11.065  10.331  1.00 0.00   ? 45 SER A H    1 
ATOM 739  H HA   . SER A 1 45 ? 0.314   9.090   9.497   1.00 0.00   ? 45 SER A HA   1 
ATOM 740  H HB2  . SER A 1 45 ? -0.808  9.541   11.626  1.00 0.00   ? 45 SER A HB2  1 
ATOM 741  H HB3  . SER A 1 45 ? 0.938   9.499   11.854  1.00 0.00   ? 45 SER A HB3  1 
ATOM 742  H HG   . SER A 1 45 ? 0.787   11.468  12.546  1.00 0.00   ? 45 SER A HG   1 
ATOM 743  N N    . VAL A 1 46 ? -1.887  10.160  8.886   1.00 9.06   ? 46 VAL A N    1 
ATOM 744  C CA   . VAL A 1 46 ? -3.107  10.779  8.288   1.00 7.28   ? 46 VAL A CA   1 
ATOM 745  C C    . VAL A 1 46 ? -4.304  9.839   8.578   1.00 5.95   ? 46 VAL A C    1 
ATOM 746  O O    . VAL A 1 46 ? -4.150  8.633   8.513   1.00 0.00   ? 46 VAL A O    1 
ATOM 747  C CB   . VAL A 1 46 ? -2.940  10.912  6.775   1.00 0.00   ? 46 VAL A CB   1 
ATOM 748  C CG1  . VAL A 1 46 ? -2.085  12.132  6.452   1.00 0.00   ? 46 VAL A CG1  1 
ATOM 749  C CG2  . VAL A 1 46 ? -2.264  9.652   6.224   1.00 0.00   ? 46 VAL A CG2  1 
ATOM 750  H H    . VAL A 1 46 ? -1.866  9.198   9.018   1.00 0.00   ? 46 VAL A H    1 
ATOM 751  H HA   . VAL A 1 46 ? -3.273  11.747  8.726   1.00 0.00   ? 46 VAL A HA   1 
ATOM 752  H HB   . VAL A 1 46 ? -3.911  11.027  6.322   1.00 0.00   ? 46 VAL A HB   1 
ATOM 753  H HG11 . VAL A 1 46 ? -1.947  12.721  7.342   1.00 0.00   ? 46 VAL A HG11 1 
ATOM 754  H HG12 . VAL A 1 46 ? -1.127  11.808  6.082   1.00 0.00   ? 46 VAL A HG12 1 
ATOM 755  H HG13 . VAL A 1 46 ? -2.578  12.727  5.700   1.00 0.00   ? 46 VAL A HG13 1 
ATOM 756  H HG21 . VAL A 1 46 ? -2.317  8.863   6.960   1.00 0.00   ? 46 VAL A HG21 1 
ATOM 757  H HG22 . VAL A 1 46 ? -2.766  9.338   5.321   1.00 0.00   ? 46 VAL A HG22 1 
ATOM 758  H HG23 . VAL A 1 46 ? -1.228  9.868   6.004   1.00 0.00   ? 46 VAL A HG23 1 
ATOM 759  N N    . PRO A 1 47 ? -5.462  10.402  8.886   1.00 6.16   ? 47 PRO A N    1 
ATOM 760  C CA   . PRO A 1 47 ? -6.649  9.588   9.175   1.00 5.92   ? 47 PRO A CA   1 
ATOM 761  C C    . PRO A 1 47 ? -7.027  8.782   7.934   1.00 3.95   ? 47 PRO A C    1 
ATOM 762  O O    . PRO A 1 47 ? -6.813  9.214   6.818   1.00 0.00   ? 47 PRO A O    1 
ATOM 763  C CB   . PRO A 1 47 ? -7.754  10.594  9.520   1.00 0.00   ? 47 PRO A CB   1 
ATOM 764  C CG   . PRO A 1 47 ? -7.142  12.023  9.385   1.00 0.00   ? 47 PRO A CG   1 
ATOM 765  C CD   . PRO A 1 47 ? -5.666  11.851  8.967   1.00 0.00   ? 47 PRO A CD   1 
ATOM 766  H HA   . PRO A 1 47 ? -6.467  8.935   10.011  1.00 0.00   ? 47 PRO A HA   1 
ATOM 767  H HB2  . PRO A 1 47 ? -8.584  10.477  8.834   1.00 0.00   ? 47 PRO A HB2  1 
ATOM 768  H HB3  . PRO A 1 47 ? -8.088  10.438  10.532  1.00 0.00   ? 47 PRO A HB3  1 
ATOM 769  H HG2  . PRO A 1 47 ? -7.680  12.581  8.630   1.00 0.00   ? 47 PRO A HG2  1 
ATOM 770  H HG3  . PRO A 1 47 ? -7.196  12.537  10.332  1.00 0.00   ? 47 PRO A HG3  1 
ATOM 771  H HD2  . PRO A 1 47 ? -5.491  12.301  8.004   1.00 0.00   ? 47 PRO A HD2  1 
ATOM 772  H HD3  . PRO A 1 47 ? -5.011  12.282  9.712   1.00 0.00   ? 47 PRO A HD3  1 
ATOM 773  N N    . VAL A 1 48 ? -7.577  7.614   8.105   1.00 4.21   ? 48 VAL A N    1 
ATOM 774  C CA   . VAL A 1 48 ? -7.949  6.802   6.910   1.00 3.43   ? 48 VAL A CA   1 
ATOM 775  C C    . VAL A 1 48 ? -9.316  6.149   7.120   1.00 4.13   ? 48 VAL A C    1 
ATOM 776  O O    . VAL A 1 48 ? -9.889  6.201   8.191   1.00 0.00   ? 48 VAL A O    1 
ATOM 777  C CB   . VAL A 1 48 ? -6.902  5.716   6.687   1.00 0.00   ? 48 VAL A CB   1 
ATOM 778  C CG1  . VAL A 1 48 ? -5.576  6.359   6.280   1.00 0.00   ? 48 VAL A CG1  1 
ATOM 779  C CG2  . VAL A 1 48 ? -6.711  4.923   7.981   1.00 0.00   ? 48 VAL A CG2  1 
ATOM 780  H H    . VAL A 1 48 ? -7.740  7.268   9.015   1.00 0.00   ? 48 VAL A H    1 
ATOM 781  H HA   . VAL A 1 48 ? -7.986  7.445   6.038   1.00 0.00   ? 48 VAL A HA   1 
ATOM 782  H HB   . VAL A 1 48 ? -7.235  5.052   5.902   1.00 0.00   ? 48 VAL A HB   1 
ATOM 783  H HG11 . VAL A 1 48 ? -5.767  7.320   5.826   1.00 0.00   ? 48 VAL A HG11 1 
ATOM 784  H HG12 . VAL A 1 48 ? -4.956  6.491   7.156   1.00 0.00   ? 48 VAL A HG12 1 
ATOM 785  H HG13 . VAL A 1 48 ? -5.070  5.721   5.573   1.00 0.00   ? 48 VAL A HG13 1 
ATOM 786  H HG21 . VAL A 1 48 ? -7.675  4.707   8.416   1.00 0.00   ? 48 VAL A HG21 1 
ATOM 787  H HG22 . VAL A 1 48 ? -6.198  3.998   7.763   1.00 0.00   ? 48 VAL A HG22 1 
ATOM 788  H HG23 . VAL A 1 48 ? -6.125  5.506   8.675   1.00 0.00   ? 48 VAL A HG23 1 
ATOM 789  N N    . LYS A 1 49 ? -9.831  5.530   6.099   1.00 4.74   ? 49 LYS A N    1 
ATOM 790  C CA   . LYS A 1 49 ? -11.154 4.858   6.207   1.00 7.75   ? 49 LYS A CA   1 
ATOM 791  C C    . LYS A 1 49 ? -11.179 3.679   5.249   1.00 8.38   ? 49 LYS A C    1 
ATOM 792  O O    . LYS A 1 49 ? -10.186 3.341   4.640   1.00 0.00   ? 49 LYS A O    1 
ATOM 793  C CB   . LYS A 1 49 ? -12.268 5.845   5.838   1.00 0.00   ? 49 LYS A CB   1 
ATOM 794  C CG   . LYS A 1 49 ? -11.998 6.429   4.450   1.00 0.00   ? 49 LYS A CG   1 
ATOM 795  C CD   . LYS A 1 49 ? -13.158 7.344   4.043   1.00 0.00   ? 49 LYS A CD   1 
ATOM 796  C CE   . LYS A 1 49 ? -14.312 6.498   3.502   1.00 0.00   ? 49 LYS A CE   1 
ATOM 797  N NZ   . LYS A 1 49 ? -15.117 7.307   2.543   1.00 0.00   ? 49 LYS A NZ   1 
ATOM 798  H H    . LYS A 1 49 ? -9.341  5.503   5.254   1.00 0.00   ? 49 LYS A H    1 
ATOM 799  H HA   . LYS A 1 49 ? -11.304 4.503   7.212   1.00 0.00   ? 49 LYS A HA   1 
ATOM 800  H HB2  . LYS A 1 49 ? -13.219 5.329   5.835   1.00 0.00   ? 49 LYS A HB2  1 
ATOM 801  H HB3  . LYS A 1 49 ? -12.295 6.642   6.564   1.00 0.00   ? 49 LYS A HB3  1 
ATOM 802  H HG2  . LYS A 1 49 ? -11.080 6.999   4.471   1.00 0.00   ? 49 LYS A HG2  1 
ATOM 803  H HG3  . LYS A 1 49 ? -11.908 5.628   3.734   1.00 0.00   ? 49 LYS A HG3  1 
ATOM 804  H HD2  . LYS A 1 49 ? -13.494 7.906   4.904   1.00 0.00   ? 49 LYS A HD2  1 
ATOM 805  H HD3  . LYS A 1 49 ? -12.824 8.028   3.277   1.00 0.00   ? 49 LYS A HD3  1 
ATOM 806  H HE2  . LYS A 1 49 ? -13.915 5.631   2.998   1.00 0.00   ? 49 LYS A HE2  1 
ATOM 807  H HE3  . LYS A 1 49 ? -14.941 6.183   4.323   1.00 0.00   ? 49 LYS A HE3  1 
ATOM 808  H HZ1  . LYS A 1 49 ? -14.480 7.781   1.872   1.00 0.00   ? 49 LYS A HZ1  1 
ATOM 809  H HZ2  . LYS A 1 49 ? -15.767 6.681   2.023   1.00 0.00   ? 49 LYS A HZ2  1 
ATOM 810  H HZ3  . LYS A 1 49 ? -15.664 8.019   3.063   1.00 0.00   ? 49 LYS A HZ3  1 
ATOM 811  N N    . SER A 1 50 ? -12.298 3.048   5.106   1.00 14.76  ? 50 SER A N    1 
ATOM 812  C CA   . SER A 1 50 ? -12.380 1.883   4.175   1.00 16.15  ? 50 SER A CA   1 
ATOM 813  C C    . SER A 1 50 ? -12.704 2.382   2.765   1.00 15.36  ? 50 SER A C    1 
ATOM 814  O O    . SER A 1 50 ? -13.492 3.289   2.588   1.00 0.00   ? 50 SER A O    1 
ATOM 815  C CB   . SER A 1 50 ? -13.479 0.918   4.638   1.00 0.00   ? 50 SER A CB   1 
ATOM 816  O OG   . SER A 1 50 ? -14.009 1.353   5.884   1.00 0.00   ? 50 SER A OG   1 
ATOM 817  H H    . SER A 1 50 ? -13.086 3.339   5.608   1.00 0.00   ? 50 SER A H    1 
ATOM 818  H HA   . SER A 1 50 ? -11.431 1.367   4.165   1.00 0.00   ? 50 SER A HA   1 
ATOM 819  H HB2  . SER A 1 50 ? -14.268 0.892   3.909   1.00 0.00   ? 50 SER A HB2  1 
ATOM 820  H HB3  . SER A 1 50 ? -13.059 -0.076  4.743   1.00 0.00   ? 50 SER A HB3  1 
ATOM 821  H HG   . SER A 1 50 ? -14.964 1.247   5.854   1.00 0.00   ? 50 SER A HG   1 
ATOM 822  N N    . CYS A 1 51 ? -12.098 1.797   1.757   1.00 13.77  ? 51 CYS A N    1 
ATOM 823  C CA   . CYS A 1 51 ? -12.374 2.245   0.354   1.00 14.66  ? 51 CYS A CA   1 
ATOM 824  C C    . CYS A 1 51 ? -13.883 2.248   0.105   1.00 20.39  ? 51 CYS A C    1 
ATOM 825  O O    . CYS A 1 51 ? -14.653 1.721   0.882   1.00 0.00   ? 51 CYS A O    1 
ATOM 826  C CB   . CYS A 1 51 ? -11.713 1.282   -0.640  1.00 0.00   ? 51 CYS A CB   1 
ATOM 827  S SG   . CYS A 1 51 ? -9.916  1.351   -0.454  1.00 0.00   ? 51 CYS A SG   1 
ATOM 828  H H    . CYS A 1 51 ? -11.457 1.067   1.925   1.00 0.00   ? 51 CYS A H    1 
ATOM 829  H HA   . CYS A 1 51 ? -11.981 3.240   0.208   1.00 0.00   ? 51 CYS A HA   1 
ATOM 830  H HB2  . CYS A 1 51 ? -12.058 0.282   -0.450  1.00 0.00   ? 51 CYS A HB2  1 
ATOM 831  H HB3  . CYS A 1 51 ? -11.981 1.567   -1.647  1.00 0.00   ? 51 CYS A HB3  1 
ATOM 832  N N    . SER A 1 52 ? -14.307 2.832   -0.978  1.00 23.20  ? 52 SER A N    1 
ATOM 833  C CA   . SER A 1 52 ? -15.761 2.862   -1.285  1.00 30.74  ? 52 SER A CA   1 
ATOM 834  C C    . SER A 1 52 ? -16.210 1.454   -1.668  1.00 34.10  ? 52 SER A C    1 
ATOM 835  O O    . SER A 1 52 ? -17.302 1.027   -1.350  1.00 0.00   ? 52 SER A O    1 
ATOM 836  C CB   . SER A 1 52 ? -16.004 3.815   -2.448  1.00 0.00   ? 52 SER A CB   1 
ATOM 837  O OG   . SER A 1 52 ? -17.405 3.961   -2.652  1.00 0.00   ? 52 SER A OG   1 
ATOM 838  H H    . SER A 1 52 ? -13.668 3.243   -1.596  1.00 0.00   ? 52 SER A H    1 
ATOM 839  H HA   . SER A 1 52 ? -16.309 3.196   -0.418  1.00 0.00   ? 52 SER A HA   1 
ATOM 840  H HB2  . SER A 1 52 ? -15.577 4.775   -2.222  1.00 0.00   ? 52 SER A HB2  1 
ATOM 841  H HB3  . SER A 1 52 ? -15.538 3.417   -3.339  1.00 0.00   ? 52 SER A HB3  1 
ATOM 842  H HG   . SER A 1 52 ? -17.818 4.096   -1.796  1.00 0.00   ? 52 SER A HG   1 
ATOM 843  N N    . GLU A 1 53 ? -15.362 0.726   -2.337  1.00 30.76  ? 53 GLU A N    1 
ATOM 844  C CA   . GLU A 1 53 ? -15.712 -0.663  -2.734  1.00 34.20  ? 53 GLU A CA   1 
ATOM 845  C C    . GLU A 1 53 ? -14.493 -1.567  -2.463  1.00 25.44  ? 53 GLU A C    1 
ATOM 846  O O    . GLU A 1 53 ? -13.370 -1.143  -2.659  1.00 0.00   ? 53 GLU A O    1 
ATOM 847  C CB   . GLU A 1 53 ? -16.056 -0.695  -4.229  1.00 0.00   ? 53 GLU A CB   1 
ATOM 848  C CG   . GLU A 1 53 ? -17.539 -1.023  -4.410  1.00 0.00   ? 53 GLU A CG   1 
ATOM 849  C CD   . GLU A 1 53 ? -17.913 -0.897  -5.887  1.00 0.00   ? 53 GLU A CD   1 
ATOM 850  O OE1  . GLU A 1 53 ? -17.077 -1.210  -6.719  1.00 0.00   ? 53 GLU A OE1  1 
ATOM 851  O OE2  . GLU A 1 53 ? -19.031 -0.490  -6.162  1.00 0.00   ? 53 GLU A OE2  1 
ATOM 852  H H    . GLU A 1 53 ? -14.483 1.093   -2.569  1.00 0.00   ? 53 GLU A H    1 
ATOM 853  H HA   . GLU A 1 53 ? -16.560 -0.993  -2.158  1.00 0.00   ? 53 GLU A HA   1 
ATOM 854  H HB2  . GLU A 1 53 ? -15.845 0.270   -4.668  1.00 0.00   ? 53 GLU A HB2  1 
ATOM 855  H HB3  . GLU A 1 53 ? -15.461 -1.451  -4.719  1.00 0.00   ? 53 GLU A HB3  1 
ATOM 856  H HG2  . GLU A 1 53 ? -17.729 -2.034  -4.073  1.00 0.00   ? 53 GLU A HG2  1 
ATOM 857  H HG3  . GLU A 1 53 ? -18.135 -0.334  -3.829  1.00 0.00   ? 53 GLU A HG3  1 
ATOM 858  N N    . PRO A 1 54 ? -14.735 -2.785  -2.009  1.00 23.25  ? 54 PRO A N    1 
ATOM 859  C CA   . PRO A 1 54 ? -13.644 -3.712  -1.709  1.00 17.81  ? 54 PRO A CA   1 
ATOM 860  C C    . PRO A 1 54 ? -12.902 -4.085  -2.992  1.00 12.45  ? 54 PRO A C    1 
ATOM 861  O O    . PRO A 1 54 ? -13.296 -4.984  -3.711  1.00 0.00   ? 54 PRO A O    1 
ATOM 862  C CB   . PRO A 1 54 ? -14.319 -4.946  -1.103  1.00 0.00   ? 54 PRO A CB   1 
ATOM 863  C CG   . PRO A 1 54 ? -15.856 -4.723  -1.198  1.00 0.00   ? 54 PRO A CG   1 
ATOM 864  C CD   . PRO A 1 54 ? -16.080 -3.310  -1.769  1.00 0.00   ? 54 PRO A CD   1 
ATOM 865  H HA   . PRO A 1 54 ? -12.965 -3.280  -0.995  1.00 0.00   ? 54 PRO A HA   1 
ATOM 866  H HB2  . PRO A 1 54 ? -14.035 -5.831  -1.658  1.00 0.00   ? 54 PRO A HB2  1 
ATOM 867  H HB3  . PRO A 1 54 ? -14.033 -5.052  -0.070  1.00 0.00   ? 54 PRO A HB3  1 
ATOM 868  H HG2  . PRO A 1 54 ? -16.289 -5.464  -1.857  1.00 0.00   ? 54 PRO A HG2  1 
ATOM 869  H HG3  . PRO A 1 54 ? -16.296 -4.796  -0.221  1.00 0.00   ? 54 PRO A HG3  1 
ATOM 870  H HD2  . PRO A 1 54 ? -16.631 -3.359  -2.696  1.00 0.00   ? 54 PRO A HD2  1 
ATOM 871  H HD3  . PRO A 1 54 ? -16.604 -2.692  -1.050  1.00 0.00   ? 54 PRO A HD3  1 
ATOM 872  N N    . ARG A 1 55 ? -11.832 -3.405  -3.280  1.00 8.61   ? 55 ARG A N    1 
ATOM 873  C CA   . ARG A 1 55 ? -11.059 -3.721  -4.509  1.00 8.34   ? 55 ARG A CA   1 
ATOM 874  C C    . ARG A 1 55 ? -10.318 -5.048  -4.315  1.00 5.93   ? 55 ARG A C    1 
ATOM 875  O O    . ARG A 1 55 ? -10.026 -5.751  -5.262  1.00 0.00   ? 55 ARG A O    1 
ATOM 876  C CB   . ARG A 1 55 ? -10.056 -2.598  -4.773  1.00 0.00   ? 55 ARG A CB   1 
ATOM 877  C CG   . ARG A 1 55 ? -10.765 -1.247  -4.638  1.00 0.00   ? 55 ARG A CG   1 
ATOM 878  C CD   . ARG A 1 55 ? -10.270 -0.299  -5.730  1.00 0.00   ? 55 ARG A CD   1 
ATOM 879  N NE   . ARG A 1 55 ? -11.132 0.917   -5.758  1.00 0.00   ? 55 ARG A NE   1 
ATOM 880  C CZ   . ARG A 1 55 ? -10.753 1.971   -6.426  1.00 0.00   ? 55 ARG A CZ   1 
ATOM 881  N NH1  . ARG A 1 55 ? -9.555  2.459   -6.248  1.00 0.00   ? 55 ARG A NH1  1 
ATOM 882  N NH2  . ARG A 1 55 ? -11.568 2.538   -7.275  1.00 0.00   ? 55 ARG A NH2  1 
ATOM 883  H H    . ARG A 1 55 ? -11.532 -2.690  -2.683  1.00 0.00   ? 55 ARG A H    1 
ATOM 884  H HA   . ARG A 1 55 ? -11.734 -3.806  -5.348  1.00 0.00   ? 55 ARG A HA   1 
ATOM 885  H HB2  . ARG A 1 55 ? -9.249  -2.658  -4.056  1.00 0.00   ? 55 ARG A HB2  1 
ATOM 886  H HB3  . ARG A 1 55 ? -9.659  -2.696  -5.772  1.00 0.00   ? 55 ARG A HB3  1 
ATOM 887  H HG2  . ARG A 1 55 ? -11.832 -1.389  -4.738  1.00 0.00   ? 55 ARG A HG2  1 
ATOM 888  H HG3  . ARG A 1 55 ? -10.548 -0.823  -3.672  1.00 0.00   ? 55 ARG A HG3  1 
ATOM 889  H HD2  . ARG A 1 55 ? -9.253  -0.011  -5.527  1.00 0.00   ? 55 ARG A HD2  1 
ATOM 890  H HD3  . ARG A 1 55 ? -10.315 -0.799  -6.688  1.00 0.00   ? 55 ARG A HD3  1 
ATOM 891  H HE   . ARG A 1 55 ? -11.984 0.926   -5.271  1.00 0.00   ? 55 ARG A HE   1 
ATOM 892  H HH11 . ARG A 1 55 ? -8.930  2.024   -5.601  1.00 0.00   ? 55 ARG A HH11 1 
ATOM 893  H HH12 . ARG A 1 55 ? -9.262  3.265   -6.761  1.00 0.00   ? 55 ARG A HH12 1 
ATOM 894  H HH21 . ARG A 1 55 ? -12.486 2.162   -7.412  1.00 0.00   ? 55 ARG A HH21 1 
ATOM 895  H HH22 . ARG A 1 55 ? -11.276 3.343   -7.789  1.00 0.00   ? 55 ARG A HH22 1 
ATOM 896  N N    . CYS A 1 56 ? -10.017 -5.403  -3.091  1.00 4.83   ? 56 CYS A N    1 
ATOM 897  C CA   . CYS A 1 56 ? -9.308  -6.688  -2.844  1.00 5.53   ? 56 CYS A CA   1 
ATOM 898  C C    . CYS A 1 56 ? -10.344 -7.804  -2.669  1.00 7.39   ? 56 CYS A C    1 
ATOM 899  O O    . CYS A 1 56 ? -11.306 -7.655  -1.940  1.00 0.00   ? 56 CYS A O    1 
ATOM 900  C CB   . CYS A 1 56 ? -8.465  -6.567  -1.572  1.00 0.00   ? 56 CYS A CB   1 
ATOM 901  S SG   . CYS A 1 56 ? -7.675  -4.937  -1.523  1.00 0.00   ? 56 CYS A SG   1 
ATOM 902  H H    . CYS A 1 56 ? -10.267 -4.825  -2.332  1.00 0.00   ? 56 CYS A H    1 
ATOM 903  H HA   . CYS A 1 56 ? -8.668  -6.916  -3.685  1.00 0.00   ? 56 CYS A HA   1 
ATOM 904  H HB2  . CYS A 1 56 ? -9.101  -6.681  -0.710  1.00 0.00   ? 56 CYS A HB2  1 
ATOM 905  H HB3  . CYS A 1 56 ? -7.708  -7.337  -1.566  1.00 0.00   ? 56 CYS A HB3  1 
ATOM 906  N N    . PHE A 1 57 ? -10.167 -8.919  -3.332  1.00 12.72  ? 57 PHE A N    1 
ATOM 907  C CA   . PHE A 1 57 ? -11.161 -10.027 -3.191  1.00 17.66  ? 57 PHE A CA   1 
ATOM 908  C C    . PHE A 1 57 ? -10.526 -11.218 -2.472  1.00 21.10  ? 57 PHE A C    1 
ATOM 909  O O    . PHE A 1 57 ? -9.401  -11.160 -2.025  1.00 0.00   ? 57 PHE A O    1 
ATOM 910  C CB   . PHE A 1 57 ? -11.639 -10.482 -4.574  1.00 0.00   ? 57 PHE A CB   1 
ATOM 911  C CG   . PHE A 1 57 ? -12.197 -9.309  -5.337  1.00 0.00   ? 57 PHE A CG   1 
ATOM 912  C CD1  . PHE A 1 57 ? -13.056 -8.411  -4.701  1.00 0.00   ? 57 PHE A CD1  1 
ATOM 913  C CD2  . PHE A 1 57 ? -11.857 -9.123  -6.683  1.00 0.00   ? 57 PHE A CD2  1 
ATOM 914  C CE1  . PHE A 1 57 ? -13.579 -7.322  -5.409  1.00 0.00   ? 57 PHE A CE1  1 
ATOM 915  C CE2  . PHE A 1 57 ? -12.379 -8.034  -7.392  1.00 0.00   ? 57 PHE A CE2  1 
ATOM 916  C CZ   . PHE A 1 57 ? -13.241 -7.133  -6.755  1.00 0.00   ? 57 PHE A CZ   1 
ATOM 917  H H    . PHE A 1 57 ? -9.388  -9.025  -3.921  1.00 0.00   ? 57 PHE A H    1 
ATOM 918  H HA   . PHE A 1 57 ? -12.004 -9.675  -2.623  1.00 0.00   ? 57 PHE A HA   1 
ATOM 919  H HB2  . PHE A 1 57 ? -10.814 -10.906 -5.115  1.00 0.00   ? 57 PHE A HB2  1 
ATOM 920  H HB3  . PHE A 1 57 ? -12.408 -11.231 -4.457  1.00 0.00   ? 57 PHE A HB3  1 
ATOM 921  H HD1  . PHE A 1 57 ? -13.316 -8.557  -3.663  1.00 0.00   ? 57 PHE A HD1  1 
ATOM 922  H HD2  . PHE A 1 57 ? -11.192 -9.819  -7.174  1.00 0.00   ? 57 PHE A HD2  1 
ATOM 923  H HE1  . PHE A 1 57 ? -14.242 -6.628  -4.916  1.00 0.00   ? 57 PHE A HE1  1 
ATOM 924  H HE2  . PHE A 1 57 ? -12.117 -7.890  -8.430  1.00 0.00   ? 57 PHE A HE2  1 
ATOM 925  H HZ   . PHE A 1 57 ? -13.644 -6.294  -7.299  1.00 0.00   ? 57 PHE A HZ   1 
ATOM 926  N N    . ASN A 1 58 ? -11.256 -12.298 -2.375  1.00 24.02  ? 58 ASN A N    1 
ATOM 927  C CA   . ASN A 1 58 ? -10.732 -13.526 -1.702  1.00 30.10  ? 58 ASN A CA   1 
ATOM 928  C C    . ASN A 1 58 ? -10.436 -13.250 -0.216  1.00 29.63  ? 58 ASN A C    1 
ATOM 929  O O    . ASN A 1 58 ? -9.717  -13.994 0.426   1.00 0.00   ? 58 ASN A O    1 
ATOM 930  C CB   . ASN A 1 58 ? -9.460  -14.002 -2.414  1.00 0.00   ? 58 ASN A CB   1 
ATOM 931  C CG   . ASN A 1 58 ? -9.791  -14.324 -3.876  1.00 0.00   ? 58 ASN A CG   1 
ATOM 932  O OD1  . ASN A 1 58 ? -10.720 -13.775 -4.435  1.00 0.00   ? 58 ASN A OD1  1 
ATOM 933  N ND2  . ASN A 1 58 ? -9.066  -15.197 -4.522  1.00 0.00   ? 58 ASN A ND2  1 
ATOM 934  H H    . ASN A 1 58 ? -12.159 -12.305 -2.757  1.00 0.00   ? 58 ASN A H    1 
ATOM 935  H HA   . ASN A 1 58 ? -11.479 -14.303 -1.767  1.00 0.00   ? 58 ASN A HA   1 
ATOM 936  H HB2  . ASN A 1 58 ? -8.710  -13.228 -2.375  1.00 0.00   ? 58 ASN A HB2  1 
ATOM 937  H HB3  . ASN A 1 58 ? -9.087  -14.890 -1.927  1.00 0.00   ? 58 ASN A HB3  1 
ATOM 938  H HD21 . ASN A 1 58 ? -8.318  -15.639 -4.075  1.00 0.00   ? 58 ASN A HD21 1 
ATOM 939  H HD22 . ASN A 1 58 ? -9.272  -15.408 -5.459  1.00 0.00   ? 58 ASN A HD22 1 
ATOM 940  N N    . GLY A 1 59 ? -11.001 -12.206 0.347   1.00 25.44  ? 59 GLY A N    1 
ATOM 941  C CA   . GLY A 1 59 ? -10.759 -11.922 1.799   1.00 31.16  ? 59 GLY A CA   1 
ATOM 942  C C    . GLY A 1 59 ? -9.983  -10.612 1.978   1.00 25.99  ? 59 GLY A C    1 
ATOM 943  O O    . GLY A 1 59 ? -10.016 -10.005 3.032   1.00 0.00   ? 59 GLY A O    1 
ATOM 944  H H    . GLY A 1 59 ? -11.589 -11.624 -0.174  1.00 0.00   ? 59 GLY A H    1 
ATOM 945  H HA2  . GLY A 1 59 ? -11.711 -11.844 2.308   1.00 0.00   ? 59 GLY A HA2  1 
ATOM 946  H HA3  . GLY A 1 59 ? -10.191 -12.733 2.231   1.00 0.00   ? 59 GLY A HA3  1 
ATOM 947  N N    . GLY A 1 60 ? -9.281  -10.173 0.976   1.00 17.89  ? 60 GLY A N    1 
ATOM 948  C CA   . GLY A 1 60 ? -8.506  -8.909  1.115   1.00 15.41  ? 60 GLY A CA   1 
ATOM 949  C C    . GLY A 1 60 ? -9.438  -7.762  1.504   1.00 14.25  ? 60 GLY A C    1 
ATOM 950  O O    . GLY A 1 60 ? -10.643 -7.863  1.396   1.00 0.00   ? 60 GLY A O    1 
ATOM 951  H H    . GLY A 1 60 ? -9.257  -10.674 0.139   1.00 0.00   ? 60 GLY A H    1 
ATOM 952  H HA2  . GLY A 1 60 ? -7.755  -9.032  1.880   1.00 0.00   ? 60 GLY A HA2  1 
ATOM 953  H HA3  . GLY A 1 60 ? -8.028  -8.675  0.175   1.00 0.00   ? 60 GLY A HA3  1 
ATOM 954  N N    . THR A 1 61 ? -8.882  -6.669  1.951   1.00 14.56  ? 61 THR A N    1 
ATOM 955  C CA   . THR A 1 61 ? -9.735  -5.495  2.346   1.00 16.04  ? 61 THR A CA   1 
ATOM 956  C C    . THR A 1 61 ? -9.082  -4.198  1.850   1.00 11.03  ? 61 THR A C    1 
ATOM 957  O O    . THR A 1 61 ? -7.913  -3.960  2.062   1.00 0.00   ? 61 THR A O    1 
ATOM 958  C CB   . THR A 1 61 ? -9.873  -5.440  3.867   1.00 0.00   ? 61 THR A CB   1 
ATOM 959  O OG1  . THR A 1 61 ? -9.224  -6.564  4.447   1.00 0.00   ? 61 THR A OG1  1 
ATOM 960  C CG2  . THR A 1 61 ? -11.355 -5.448  4.252   1.00 0.00   ? 61 THR A CG2  1 
ATOM 961  H H    . THR A 1 61 ? -7.900  -6.616  2.021   1.00 0.00   ? 61 THR A H    1 
ATOM 962  H HA   . THR A 1 61 ? -10.712 -5.598  1.900   1.00 0.00   ? 61 THR A HA   1 
ATOM 963  H HB   . THR A 1 61 ? -9.419  -4.534  4.231   1.00 0.00   ? 61 THR A HB   1 
ATOM 964  H HG1  . THR A 1 61 ? -9.874  -7.047  4.963   1.00 0.00   ? 61 THR A HG1  1 
ATOM 965  H HG21 . THR A 1 61 ? -11.884 -4.713  3.662   1.00 0.00   ? 61 THR A HG21 1 
ATOM 966  H HG22 . THR A 1 61 ? -11.770 -6.428  4.068   1.00 0.00   ? 61 THR A HG22 1 
ATOM 967  H HG23 . THR A 1 61 ? -11.454 -5.206  5.301   1.00 0.00   ? 61 THR A HG23 1 
ATOM 968  N N    . CYS A 1 62 ? -9.831  -3.367  1.181   1.00 10.38  ? 62 CYS A N    1 
ATOM 969  C CA   . CYS A 1 62 ? -9.264  -2.097  0.651   1.00 7.41   ? 62 CYS A CA   1 
ATOM 970  C C    . CYS A 1 62 ? -9.364  -0.972  1.686   1.00 8.18   ? 62 CYS A C    1 
ATOM 971  O O    . CYS A 1 62 ? -10.315 -0.878  2.435   1.00 0.00   ? 62 CYS A O    1 
ATOM 972  C CB   . CYS A 1 62 ? -10.055 -1.692  -0.584  1.00 0.00   ? 62 CYS A CB   1 
ATOM 973  S SG   . CYS A 1 62 ? -9.233  -0.302  -1.411  1.00 0.00   ? 62 CYS A SG   1 
ATOM 974  H H    . CYS A 1 62 ? -10.765 -3.584  1.015   1.00 0.00   ? 62 CYS A H    1 
ATOM 975  H HA   . CYS A 1 62 ? -8.232  -2.247  0.379   1.00 0.00   ? 62 CYS A HA   1 
ATOM 976  H HB2  . CYS A 1 62 ? -10.115 -2.530  -1.257  1.00 0.00   ? 62 CYS A HB2  1 
ATOM 977  H HB3  . CYS A 1 62 ? -11.047 -1.400  -0.289  1.00 0.00   ? 62 CYS A HB3  1 
ATOM 978  N N    . GLN A 1 63 ? -8.390  -0.104  1.699   1.00 5.65   ? 63 GLN A N    1 
ATOM 979  C CA   . GLN A 1 63 ? -8.408  1.045   2.642   1.00 5.90   ? 63 GLN A CA   1 
ATOM 980  C C    . GLN A 1 63 ? -7.974  2.300   1.868   1.00 4.07   ? 63 GLN A C    1 
ATOM 981  O O    . GLN A 1 63 ? -6.997  2.281   1.161   1.00 0.00   ? 63 GLN A O    1 
ATOM 982  C CB   . GLN A 1 63 ? -7.431  0.779   3.778   1.00 0.00   ? 63 GLN A CB   1 
ATOM 983  C CG   . GLN A 1 63 ? -8.197  0.308   5.018   1.00 0.00   ? 63 GLN A CG   1 
ATOM 984  C CD   . GLN A 1 63 ? -7.405  -0.804  5.709   1.00 0.00   ? 63 GLN A CD   1 
ATOM 985  O OE1  . GLN A 1 63 ? -7.903  -1.898  5.893   1.00 0.00   ? 63 GLN A OE1  1 
ATOM 986  N NE2  . GLN A 1 63 ? -6.185  -0.568  6.101   1.00 0.00   ? 63 GLN A NE2  1 
ATOM 987  H H    . GLN A 1 63 ? -7.647  -0.198  1.066   1.00 0.00   ? 63 GLN A H    1 
ATOM 988  H HA   . GLN A 1 63 ? -9.404  1.184   3.036   1.00 0.00   ? 63 GLN A HA   1 
ATOM 989  H HB2  . GLN A 1 63 ? -6.732  0.017   3.474   1.00 0.00   ? 63 GLN A HB2  1 
ATOM 990  H HB3  . GLN A 1 63 ? -6.898  1.683   4.009   1.00 0.00   ? 63 GLN A HB3  1 
ATOM 991  H HG2  . GLN A 1 63 ? -8.326  1.136   5.699   1.00 0.00   ? 63 GLN A HG2  1 
ATOM 992  H HG3  . GLN A 1 63 ? -9.163  -0.072  4.722   1.00 0.00   ? 63 GLN A HG3  1 
ATOM 993  H HE21 . GLN A 1 63 ? -5.785  0.314   5.953   1.00 0.00   ? 63 GLN A HE21 1 
ATOM 994  H HE22 . GLN A 1 63 ? -5.667  -1.274  6.543   1.00 0.00   ? 63 GLN A HE22 1 
ATOM 995  N N    . GLN A 1 64 ? -8.700  3.378   1.973   1.00 6.00   ? 64 GLN A N    1 
ATOM 996  C CA   . GLN A 1 64 ? -8.317  4.611   1.209   1.00 4.94   ? 64 GLN A CA   1 
ATOM 997  C C    . GLN A 1 64 ? -8.102  5.786   2.175   1.00 3.74   ? 64 GLN A C    1 
ATOM 998  O O    . GLN A 1 64 ? -8.798  5.927   3.153   1.00 0.00   ? 64 GLN A O    1 
ATOM 999  C CB   . GLN A 1 64 ? -9.438  4.963   0.225   1.00 0.00   ? 64 GLN A CB   1 
ATOM 1000 C CG   . GLN A 1 64 ? -8.848  5.666   -1.000  1.00 0.00   ? 64 GLN A CG   1 
ATOM 1001 C CD   . GLN A 1 64 ? -9.725  5.389   -2.221  1.00 0.00   ? 64 GLN A CD   1 
ATOM 1002 O OE1  . GLN A 1 64 ? -10.249 6.303   -2.828  1.00 0.00   ? 64 GLN A OE1  1 
ATOM 1003 N NE2  . GLN A 1 64 ? -9.911  4.158   -2.610  1.00 0.00   ? 64 GLN A NE2  1 
ATOM 1004 H H    . GLN A 1 64 ? -9.498  3.377   2.533   1.00 0.00   ? 64 GLN A H    1 
ATOM 1005 H HA   . GLN A 1 64 ? -7.402  4.424   0.661   1.00 0.00   ? 64 GLN A HA   1 
ATOM 1006 H HB2  . GLN A 1 64 ? -9.940  4.055   -0.087  1.00 0.00   ? 64 GLN A HB2  1 
ATOM 1007 H HB3  . GLN A 1 64 ? -10.148 5.617   0.706   1.00 0.00   ? 64 GLN A HB3  1 
ATOM 1008 H HG2  . GLN A 1 64 ? -8.808  6.730   -0.818  1.00 0.00   ? 64 GLN A HG2  1 
ATOM 1009 H HG3  . GLN A 1 64 ? -7.853  5.295   -1.183  1.00 0.00   ? 64 GLN A HG3  1 
ATOM 1010 H HE21 . GLN A 1 64 ? -9.490  3.422   -2.120  1.00 0.00   ? 64 GLN A HE21 1 
ATOM 1011 H HE22 . GLN A 1 64 ? -10.467 3.970   -3.394  1.00 0.00   ? 64 GLN A HE22 1 
ATOM 1012 N N    . ALA A 1 65 ? -7.136  6.626   1.899   1.00 2.43   ? 65 ALA A N    1 
ATOM 1013 C CA   . ALA A 1 65 ? -6.869  7.791   2.801   1.00 2.49   ? 65 ALA A CA   1 
ATOM 1014 C C    . ALA A 1 65 ? -8.052  8.768   2.780   1.00 4.03   ? 65 ALA A C    1 
ATOM 1015 O O    . ALA A 1 65 ? -8.840  8.794   1.856   1.00 0.00   ? 65 ALA A O    1 
ATOM 1016 C CB   . ALA A 1 65 ? -5.611  8.519   2.332   1.00 0.00   ? 65 ALA A CB   1 
ATOM 1017 H H    . ALA A 1 65 ? -6.581  6.490   1.104   1.00 0.00   ? 65 ALA A H    1 
ATOM 1018 H HA   . ALA A 1 65 ? -6.721  7.433   3.813   1.00 0.00   ? 65 ALA A HA   1 
ATOM 1019 H HB1  . ALA A 1 65 ? -5.360  8.198   1.332   1.00 0.00   ? 65 ALA A HB1  1 
ATOM 1020 H HB2  . ALA A 1 65 ? -5.793  9.584   2.331   1.00 0.00   ? 65 ALA A HB2  1 
ATOM 1021 H HB3  . ALA A 1 65 ? -4.794  8.294   3.000   1.00 0.00   ? 65 ALA A HB3  1 
ATOM 1022 N N    . LEU A 1 66 ? -8.180  9.549   3.818   1.00 3.82   ? 66 LEU A N    1 
ATOM 1023 C CA   . LEU A 1 66 ? -9.293  10.514  3.932   1.00 6.13   ? 66 LEU A CA   1 
ATOM 1024 C C    . LEU A 1 66 ? -9.101  11.755  3.067   1.00 9.62   ? 66 LEU A C    1 
ATOM 1025 O O    . LEU A 1 66 ? -10.058 12.381  2.665   1.00 0.00   ? 66 LEU A O    1 
ATOM 1026 C CB   . LEU A 1 66 ? -9.340  10.983  5.372   1.00 0.00   ? 66 LEU A CB   1 
ATOM 1027 C CG   . LEU A 1 66 ? -10.762 11.169  5.769   1.00 0.00   ? 66 LEU A CG   1 
ATOM 1028 C CD1  . LEU A 1 66 ? -10.863 11.279  7.291   1.00 0.00   ? 66 LEU A CD1  1 
ATOM 1029 C CD2  . LEU A 1 66 ? -11.320 12.437  5.121   1.00 0.00   ? 66 LEU A CD2  1 
ATOM 1030 H H    . LEU A 1 66 ? -7.548  9.481   4.549   1.00 0.00   ? 66 LEU A H    1 
ATOM 1031 H HA   . LEU A 1 66 ? -10.219 10.037  3.684   1.00 0.00   ? 66 LEU A HA   1 
ATOM 1032 H HB2  . LEU A 1 66 ? -8.875  10.245  6.008   1.00 0.00   ? 66 LEU A HB2  1 
ATOM 1033 H HB3  . LEU A 1 66 ? -8.815  11.923  5.461   1.00 0.00   ? 66 LEU A HB3  1 
ATOM 1034 H HG   . LEU A 1 66 ? -11.302 10.331  5.433   1.00 0.00   ? 66 LEU A HG   1 
ATOM 1035 H HD11 . LEU A 1 66 ? -10.067 11.908  7.659   1.00 0.00   ? 66 LEU A HD11 1 
ATOM 1036 H HD12 . LEU A 1 66 ? -11.816 11.711  7.556   1.00 0.00   ? 66 LEU A HD12 1 
ATOM 1037 H HD13 . LEU A 1 66 ? -10.779 10.295  7.728   1.00 0.00   ? 66 LEU A HD13 1 
ATOM 1038 H HD21 . LEU A 1 66 ? -10.518 13.139  4.949   1.00 0.00   ? 66 LEU A HD21 1 
ATOM 1039 H HD22 . LEU A 1 66 ? -11.786 12.184  4.177   1.00 0.00   ? 66 LEU A HD22 1 
ATOM 1040 H HD23 . LEU A 1 66 ? -12.055 12.883  5.775   1.00 0.00   ? 66 LEU A HD23 1 
ATOM 1041 N N    . TYR A 1 67 ? -7.901  12.171  2.851   1.00 9.52   ? 67 TYR A N    1 
ATOM 1042 C CA   . TYR A 1 67 ? -7.699  13.439  2.100   1.00 15.46  ? 67 TYR A CA   1 
ATOM 1043 C C    . TYR A 1 67 ? -7.162  13.219  0.692   1.00 13.15  ? 67 TYR A C    1 
ATOM 1044 O O    . TYR A 1 67 ? -7.491  13.955  -0.216  1.00 0.00   ? 67 TYR A O    1 
ATOM 1045 C CB   . TYR A 1 67 ? -6.736  14.279  2.892   1.00 0.00   ? 67 TYR A CB   1 
ATOM 1046 C CG   . TYR A 1 67 ? -7.322  14.500  4.272   1.00 0.00   ? 67 TYR A CG   1 
ATOM 1047 C CD1  . TYR A 1 67 ? -8.554  15.154  4.417   1.00 0.00   ? 67 TYR A CD1  1 
ATOM 1048 C CD2  . TYR A 1 67 ? -6.638  14.042  5.405   1.00 0.00   ? 67 TYR A CD2  1 
ATOM 1049 C CE1  . TYR A 1 67 ? -9.095  15.352  5.693   1.00 0.00   ? 67 TYR A CE1  1 
ATOM 1050 C CE2  . TYR A 1 67 ? -7.180  14.243  6.681   1.00 0.00   ? 67 TYR A CE2  1 
ATOM 1051 C CZ   . TYR A 1 67 ? -8.409  14.899  6.824   1.00 0.00   ? 67 TYR A CZ   1 
ATOM 1052 O OH   . TYR A 1 67 ? -8.943  15.097  8.080   1.00 0.00   ? 67 TYR A OH   1 
ATOM 1053 H H    . TYR A 1 67 ? -7.137  11.697  3.237   1.00 0.00   ? 67 TYR A H    1 
ATOM 1054 H HA   . TYR A 1 67 ? -8.638  13.963  2.034   1.00 0.00   ? 67 TYR A HA   1 
ATOM 1055 H HB2  . TYR A 1 67 ? -5.789  13.762  2.974   1.00 0.00   ? 67 TYR A HB2  1 
ATOM 1056 H HB3  . TYR A 1 67 ? -6.594  15.215  2.402   1.00 0.00   ? 67 TYR A HB3  1 
ATOM 1057 H HD1  . TYR A 1 67 ? -9.089  15.499  3.546   1.00 0.00   ? 67 TYR A HD1  1 
ATOM 1058 H HD2  . TYR A 1 67 ? -5.694  13.532  5.297   1.00 0.00   ? 67 TYR A HD2  1 
ATOM 1059 H HE1  . TYR A 1 67 ? -10.044 15.858  5.802   1.00 0.00   ? 67 TYR A HE1  1 
ATOM 1060 H HE2  . TYR A 1 67 ? -6.651  13.890  7.552   1.00 0.00   ? 67 TYR A HE2  1 
ATOM 1061 H HH   . TYR A 1 67 ? -8.220  15.270  8.686   1.00 0.00   ? 67 TYR A HH   1 
ATOM 1062 N N    . PHE A 1 68 ? -6.358  12.239  0.484   1.00 8.73   ? 68 PHE A N    1 
ATOM 1063 C CA   . PHE A 1 68 ? -5.840  12.017  -0.864  1.00 10.43  ? 68 PHE A CA   1 
ATOM 1064 C C    . PHE A 1 68 ? -6.609  10.892  -1.500  1.00 8.79   ? 68 PHE A C    1 
ATOM 1065 O O    . PHE A 1 68 ? -7.609  10.424  -0.994  1.00 0.00   ? 68 PHE A O    1 
ATOM 1066 C CB   . PHE A 1 68 ? -4.331  11.650  -0.844  1.00 0.00   ? 68 PHE A CB   1 
ATOM 1067 C CG   . PHE A 1 68 ? -3.796  11.550  0.561   1.00 0.00   ? 68 PHE A CG   1 
ATOM 1068 C CD1  . PHE A 1 68 ? -3.686  12.690  1.360   1.00 0.00   ? 68 PHE A CD1  1 
ATOM 1069 C CD2  . PHE A 1 68 ? -3.400  10.302  1.060   1.00 0.00   ? 68 PHE A CD2  1 
ATOM 1070 C CE1  . PHE A 1 68 ? -3.180  12.584  2.660   1.00 0.00   ? 68 PHE A CE1  1 
ATOM 1071 C CE2  . PHE A 1 68 ? -2.894  10.195  2.355   1.00 0.00   ? 68 PHE A CE2  1 
ATOM 1072 C CZ   . PHE A 1 68 ? -2.785  11.335  3.158   1.00 0.00   ? 68 PHE A CZ   1 
ATOM 1073 H H    . PHE A 1 68 ? -6.112  11.657  1.191   1.00 0.00   ? 68 PHE A H    1 
ATOM 1074 H HA   . PHE A 1 68 ? -5.974  12.912  -1.450  1.00 0.00   ? 68 PHE A HA   1 
ATOM 1075 H HB2  . PHE A 1 68 ? -4.194  10.705  -1.329  1.00 0.00   ? 68 PHE A HB2  1 
ATOM 1076 H HB3  . PHE A 1 68 ? -3.783  12.394  -1.386  1.00 0.00   ? 68 PHE A HB3  1 
ATOM 1077 H HD1  . PHE A 1 68 ? -3.992  13.653  0.976   1.00 0.00   ? 68 PHE A HD1  1 
ATOM 1078 H HD2  . PHE A 1 68 ? -3.487  9.423   0.443   1.00 0.00   ? 68 PHE A HD2  1 
ATOM 1079 H HE1  . PHE A 1 68 ? -3.095  13.462  3.277   1.00 0.00   ? 68 PHE A HE1  1 
ATOM 1080 H HE2  . PHE A 1 68 ? -2.589  9.231   2.738   1.00 0.00   ? 68 PHE A HE2  1 
ATOM 1081 H HZ   . PHE A 1 68 ? -2.393  11.254  4.157   1.00 0.00   ? 68 PHE A HZ   1 
ATOM 1082 N N    . SER A 1 69 ? -6.138  10.455  -2.585  1.00 15.67  ? 69 SER A N    1 
ATOM 1083 C CA   . SER A 1 69 ? -6.795  9.334   -3.303  1.00 13.96  ? 69 SER A CA   1 
ATOM 1084 C C    . SER A 1 69 ? -5.878  8.096   -3.263  1.00 10.02  ? 69 SER A C    1 
ATOM 1085 O O    . SER A 1 69 ? -6.128  7.110   -3.924  1.00 0.00   ? 69 SER A O    1 
ATOM 1086 C CB   . SER A 1 69 ? -7.049  9.734   -4.756  1.00 0.00   ? 69 SER A CB   1 
ATOM 1087 O OG   . SER A 1 69 ? -8.410  9.473   -5.084  1.00 0.00   ? 69 SER A OG   1 
ATOM 1088 H H    . SER A 1 69 ? -5.333  10.855  -2.931  1.00 0.00   ? 69 SER A H    1 
ATOM 1089 H HA   . SER A 1 69 ? -7.735  9.100   -2.824  1.00 0.00   ? 69 SER A HA   1 
ATOM 1090 H HB2  . SER A 1 69 ? -6.850  10.783  -4.882  1.00 0.00   ? 69 SER A HB2  1 
ATOM 1091 H HB3  . SER A 1 69 ? -6.395  9.165   -5.408  1.00 0.00   ? 69 SER A HB3  1 
ATOM 1092 H HG   . SER A 1 69 ? -8.722  10.187  -5.643  1.00 0.00   ? 69 SER A HG   1 
ATOM 1093 N N    . ASP A 1 70 ? -4.819  8.144   -2.485  1.00 8.06   ? 70 ASP A N    1 
ATOM 1094 C CA   . ASP A 1 70 ? -3.902  6.984   -2.397  1.00 6.28   ? 70 ASP A CA   1 
ATOM 1095 C C    . ASP A 1 70 ? -4.595  5.867   -1.623  1.00 4.25   ? 70 ASP A C    1 
ATOM 1096 O O    . ASP A 1 70 ? -5.228  6.105   -0.618  1.00 0.00   ? 70 ASP A O    1 
ATOM 1097 C CB   . ASP A 1 70 ? -2.626  7.414   -1.662  1.00 0.00   ? 70 ASP A CB   1 
ATOM 1098 C CG   . ASP A 1 70 ? -1.408  6.766   -2.322  1.00 0.00   ? 70 ASP A CG   1 
ATOM 1099 O OD1  . ASP A 1 70 ? -1.568  5.713   -2.915  1.00 0.00   ? 70 ASP A OD1  1 
ATOM 1100 O OD2  . ASP A 1 70 ? -0.333  7.334   -2.221  1.00 0.00   ? 70 ASP A OD2  1 
ATOM 1101 H H    . ASP A 1 70 ? -4.633  8.939   -1.956  1.00 0.00   ? 70 ASP A H    1 
ATOM 1102 H HA   . ASP A 1 70 ? -3.652  6.640   -3.392  1.00 0.00   ? 70 ASP A HA   1 
ATOM 1103 H HB2  . ASP A 1 70 ? -2.531  8.491   -1.711  1.00 0.00   ? 70 ASP A HB2  1 
ATOM 1104 H HB3  . ASP A 1 70 ? -2.682  7.107   -0.629  1.00 0.00   ? 70 ASP A HB3  1 
ATOM 1105 N N    . PHE A 1 71 ? -4.499  4.653   -2.082  1.00 5.45   ? 71 PHE A N    1 
ATOM 1106 C CA   . PHE A 1 71 ? -5.173  3.542   -1.359  1.00 4.90   ? 71 PHE A CA   1 
ATOM 1107 C C    . PHE A 1 71 ? -4.269  2.314   -1.317  1.00 4.83   ? 71 PHE A C    1 
ATOM 1108 O O    . PHE A 1 71 ? -3.513  2.050   -2.229  1.00 0.00   ? 71 PHE A O    1 
ATOM 1109 C CB   . PHE A 1 71 ? -6.477  3.184   -2.079  1.00 0.00   ? 71 PHE A CB   1 
ATOM 1110 C CG   . PHE A 1 71 ? -6.183  2.231   -3.215  1.00 0.00   ? 71 PHE A CG   1 
ATOM 1111 C CD1  . PHE A 1 71 ? -5.704  2.725   -4.436  1.00 0.00   ? 71 PHE A CD1  1 
ATOM 1112 C CD2  . PHE A 1 71 ? -6.392  0.856   -3.049  1.00 0.00   ? 71 PHE A CD2  1 
ATOM 1113 C CE1  . PHE A 1 71 ? -5.433  1.842   -5.489  1.00 0.00   ? 71 PHE A CE1  1 
ATOM 1114 C CE2  . PHE A 1 71 ? -6.120  -0.027  -4.103  1.00 0.00   ? 71 PHE A CE2  1 
ATOM 1115 C CZ   . PHE A 1 71 ? -5.641  0.467   -5.322  1.00 0.00   ? 71 PHE A CZ   1 
ATOM 1116 H H    . PHE A 1 71 ? -3.992  4.474   -2.903  1.00 0.00   ? 71 PHE A H    1 
ATOM 1117 H HA   . PHE A 1 71 ? -5.398  3.855   -0.351  1.00 0.00   ? 71 PHE A HA   1 
ATOM 1118 H HB2  . PHE A 1 71 ? -7.154  2.714   -1.381  1.00 0.00   ? 71 PHE A HB2  1 
ATOM 1119 H HB3  . PHE A 1 71 ? -6.930  4.083   -2.471  1.00 0.00   ? 71 PHE A HB3  1 
ATOM 1120 H HD1  . PHE A 1 71 ? -5.545  3.785   -4.566  1.00 0.00   ? 71 PHE A HD1  1 
ATOM 1121 H HD2  . PHE A 1 71 ? -6.762  0.476   -2.109  1.00 0.00   ? 71 PHE A HD2  1 
ATOM 1122 H HE1  . PHE A 1 71 ? -5.064  2.220   -6.430  1.00 0.00   ? 71 PHE A HE1  1 
ATOM 1123 H HE2  . PHE A 1 71 ? -6.281  -1.087  -3.974  1.00 0.00   ? 71 PHE A HE2  1 
ATOM 1124 H HZ   . PHE A 1 71 ? -5.432  -0.214  -6.133  1.00 0.00   ? 71 PHE A HZ   1 
ATOM 1125 N N    . VAL A 1 72 ? -4.362  1.552   -0.266  1.00 5.06   ? 72 VAL A N    1 
ATOM 1126 C CA   . VAL A 1 72 ? -3.535  0.319   -0.154  1.00 5.47   ? 72 VAL A CA   1 
ATOM 1127 C C    . VAL A 1 72 ? -4.473  -0.886  -0.182  1.00 4.27   ? 72 VAL A C    1 
ATOM 1128 O O    . VAL A 1 72 ? -5.620  -0.797  0.207   1.00 0.00   ? 72 VAL A O    1 
ATOM 1129 C CB   . VAL A 1 72 ? -2.716  0.330   1.156   1.00 0.00   ? 72 VAL A CB   1 
ATOM 1130 C CG1  . VAL A 1 72 ? -3.355  1.277   2.176   1.00 0.00   ? 72 VAL A CG1  1 
ATOM 1131 C CG2  . VAL A 1 72 ? -2.661  -1.084  1.747   1.00 0.00   ? 72 VAL A CG2  1 
ATOM 1132 H H    . VAL A 1 72 ? -4.993  1.784   0.441   1.00 0.00   ? 72 VAL A H    1 
ATOM 1133 H HA   . VAL A 1 72 ? -2.861  0.265   -0.998  1.00 0.00   ? 72 VAL A HA   1 
ATOM 1134 H HB   . VAL A 1 72 ? -1.711  0.662   0.939   1.00 0.00   ? 72 VAL A HB   1 
ATOM 1135 H HG11 . VAL A 1 72 ? -4.392  1.007   2.316   1.00 0.00   ? 72 VAL A HG11 1 
ATOM 1136 H HG12 . VAL A 1 72 ? -2.831  1.198   3.118   1.00 0.00   ? 72 VAL A HG12 1 
ATOM 1137 H HG13 . VAL A 1 72 ? -3.292  2.292   1.813   1.00 0.00   ? 72 VAL A HG13 1 
ATOM 1138 H HG21 . VAL A 1 72 ? -2.360  -1.783  0.982   1.00 0.00   ? 72 VAL A HG21 1 
ATOM 1139 H HG22 . VAL A 1 72 ? -1.944  -1.105  2.556   1.00 0.00   ? 72 VAL A HG22 1 
ATOM 1140 H HG23 . VAL A 1 72 ? -3.636  -1.355  2.122   1.00 0.00   ? 72 VAL A HG23 1 
ATOM 1141 N N    . CYS A 1 73 ? -4.012  -2.000  -0.664  1.00 4.80   ? 73 CYS A N    1 
ATOM 1142 C CA   . CYS A 1 73 ? -4.901  -3.201  -0.739  1.00 4.65   ? 73 CYS A CA   1 
ATOM 1143 C C    . CYS A 1 73 ? -4.314  -4.358  0.072   1.00 8.45   ? 73 CYS A C    1 
ATOM 1144 O O    . CYS A 1 73 ? -3.210  -4.808  -0.171  1.00 0.00   ? 73 CYS A O    1 
ATOM 1145 C CB   . CYS A 1 73 ? -5.032  -3.634  -2.199  1.00 0.00   ? 73 CYS A CB   1 
ATOM 1146 S SG   . CYS A 1 73 ? -5.827  -5.257  -2.275  1.00 0.00   ? 73 CYS A SG   1 
ATOM 1147 H H    . CYS A 1 73 ? -3.089  -2.048  -0.991  1.00 0.00   ? 73 CYS A H    1 
ATOM 1148 H HA   . CYS A 1 73 ? -5.892  -2.949  -0.352  1.00 0.00   ? 73 CYS A HA   1 
ATOM 1149 H HB2  . CYS A 1 73 ? -5.630  -2.914  -2.737  1.00 0.00   ? 73 CYS A HB2  1 
ATOM 1150 H HB3  . CYS A 1 73 ? -4.051  -3.691  -2.645  1.00 0.00   ? 73 CYS A HB3  1 
ATOM 1151 N N    . GLN A 1 74 ? -5.063  -4.857  1.017   1.00 10.66  ? 74 GLN A N    1 
ATOM 1152 C CA   . GLN A 1 74 ? -4.586  -6.005  1.838   1.00 18.44  ? 74 GLN A CA   1 
ATOM 1153 C C    . GLN A 1 74 ? -5.169  -7.286  1.242   1.00 20.63  ? 74 GLN A C    1 
ATOM 1154 O O    . GLN A 1 74 ? -6.214  -7.259  0.623   1.00 0.00   ? 74 GLN A O    1 
ATOM 1155 C CB   . GLN A 1 74 ? -5.071  -5.837  3.280   1.00 0.00   ? 74 GLN A CB   1 
ATOM 1156 C CG   . GLN A 1 74 ? -3.906  -5.384  4.157   1.00 0.00   ? 74 GLN A CG   1 
ATOM 1157 C CD   . GLN A 1 74 ? -4.288  -5.523  5.630   1.00 0.00   ? 74 GLN A CD   1 
ATOM 1158 O OE1  . GLN A 1 74 ? -4.400  -6.619  6.140   1.00 0.00   ? 74 GLN A OE1  1 
ATOM 1159 N NE2  . GLN A 1 74 ? -4.494  -4.448  6.341   1.00 0.00   ? 74 GLN A NE2  1 
ATOM 1160 H H    . GLN A 1 74 ? -5.950  -4.487  1.174   1.00 0.00   ? 74 GLN A H    1 
ATOM 1161 H HA   . GLN A 1 74 ? -3.507  -6.049  1.815   1.00 0.00   ? 74 GLN A HA   1 
ATOM 1162 H HB2  . GLN A 1 74 ? -5.854  -5.092  3.309   1.00 0.00   ? 74 GLN A HB2  1 
ATOM 1163 H HB3  . GLN A 1 74 ? -5.453  -6.777  3.646   1.00 0.00   ? 74 GLN A HB3  1 
ATOM 1164 H HG2  . GLN A 1 74 ? -3.041  -5.998  3.951   1.00 0.00   ? 74 GLN A HG2  1 
ATOM 1165 H HG3  . GLN A 1 74 ? -3.676  -4.352  3.943   1.00 0.00   ? 74 GLN A HG3  1 
ATOM 1166 H HE21 . GLN A 1 74 ? -4.403  -3.563  5.929   1.00 0.00   ? 74 GLN A HE21 1 
ATOM 1167 H HE22 . GLN A 1 74 ? -4.738  -4.525  7.286   1.00 0.00   ? 74 GLN A HE22 1 
ATOM 1168 N N    . CYS A 1 75 ? -4.517  -8.407  1.399   1.00 23.36  ? 75 CYS A N    1 
ATOM 1169 C CA   . CYS A 1 75 ? -5.076  -9.651  0.804   1.00 27.58  ? 75 CYS A CA   1 
ATOM 1170 C C    . CYS A 1 75 ? -4.296  -10.891 1.283   1.00 45.28  ? 75 CYS A C    1 
ATOM 1171 O O    . CYS A 1 75 ? -3.395  -11.348 0.605   1.00 0.00   ? 75 CYS A O    1 
ATOM 1172 C CB   . CYS A 1 75 ? -4.962  -9.558  -0.713  1.00 0.00   ? 75 CYS A CB   1 
ATOM 1173 S SG   . CYS A 1 75 ? -5.568  -11.085 -1.467  1.00 0.00   ? 75 CYS A SG   1 
ATOM 1174 H H    . CYS A 1 75 ? -3.669  -8.425  1.889   1.00 0.00   ? 75 CYS A H    1 
ATOM 1175 H HA   . CYS A 1 75 ? -6.118  -9.739  1.076   1.00 0.00   ? 75 CYS A HA   1 
ATOM 1176 H HB2  . CYS A 1 75 ? -5.552  -8.724  -1.065  1.00 0.00   ? 75 CYS A HB2  1 
ATOM 1177 H HB3  . CYS A 1 75 ? -3.928  -9.408  -0.987  1.00 0.00   ? 75 CYS A HB3  1 
ATOM 1178 N N    . PRO A 1 76 ? -4.676  -11.411 2.423   1.00 58.64  ? 76 PRO A N    1 
ATOM 1179 C CA   . PRO A 1 76 ? -4.037  -12.605 2.982   1.00 81.15  ? 76 PRO A CA   1 
ATOM 1180 C C    . PRO A 1 76 ? -4.283  -13.802 2.066   1.00 88.23  ? 76 PRO A C    1 
ATOM 1181 O O    . PRO A 1 76 ? -4.618  -13.647 0.914   1.00 0.00   ? 76 PRO A O    1 
ATOM 1182 C CB   . PRO A 1 76 ? -4.721  -12.825 4.342   1.00 0.00   ? 76 PRO A CB   1 
ATOM 1183 C CG   . PRO A 1 76 ? -5.807  -11.716 4.499   1.00 0.00   ? 76 PRO A CG   1 
ATOM 1184 C CD   . PRO A 1 76 ? -5.756  -10.844 3.231   1.00 0.00   ? 76 PRO A CD   1 
ATOM 1185 H HA   . PRO A 1 76 ? -2.987  -12.452 3.122   1.00 0.00   ? 76 PRO A HA   1 
ATOM 1186 H HB2  . PRO A 1 76 ? -5.184  -13.805 4.365   1.00 0.00   ? 76 PRO A HB2  1 
ATOM 1187 H HB3  . PRO A 1 76 ? -3.999  -12.739 5.138   1.00 0.00   ? 76 PRO A HB3  1 
ATOM 1188 H HG2  . PRO A 1 76 ? -6.785  -12.172 4.595   1.00 0.00   ? 76 PRO A HG2  1 
ATOM 1189 H HG3  . PRO A 1 76 ? -5.594  -11.113 5.366   1.00 0.00   ? 76 PRO A HG3  1 
ATOM 1190 H HD2  . PRO A 1 76 ? -6.689  -10.903 2.698   1.00 0.00   ? 76 PRO A HD2  1 
ATOM 1191 H HD3  . PRO A 1 76 ? -5.533  -9.818  3.492   1.00 0.00   ? 76 PRO A HD3  1 
ATOM 1192 N N    . GLU A 1 77 ? -4.108  -14.989 2.611   1.00 90.76  ? 77 GLU A N    1 
ATOM 1193 C CA   . GLU A 1 77 ? -4.311  -16.285 1.852   1.00 131.02 ? 77 GLU A CA   1 
ATOM 1194 C C    . GLU A 1 77 ? -3.021  -16.663 1.144   1.00 155.99 ? 77 GLU A C    1 
ATOM 1195 O O    . GLU A 1 77 ? -2.501  -17.750 1.314   1.00 0.00   ? 77 GLU A O    1 
ATOM 1196 C CB   . GLU A 1 77 ? -5.455  -16.174 0.822   1.00 0.00   ? 77 GLU A CB   1 
ATOM 1197 C CG   . GLU A 1 77 ? -6.701  -15.564 1.483   1.00 0.00   ? 77 GLU A CG   1 
ATOM 1198 C CD   . GLU A 1 77 ? -7.674  -16.677 1.873   1.00 0.00   ? 77 GLU A CD   1 
ATOM 1199 O OE1  . GLU A 1 77 ? -7.215  -17.786 2.098   1.00 0.00   ? 77 GLU A OE1  1 
ATOM 1200 O OE2  . GLU A 1 77 ? -8.860  -16.404 1.943   1.00 0.00   ? 77 GLU A OE2  1 
ATOM 1201 H H    . GLU A 1 77 ? -3.833  -15.029 3.530   1.00 0.00   ? 77 GLU A H    1 
ATOM 1202 H HA   . GLU A 1 77 ? -4.554  -17.064 2.561   1.00 0.00   ? 77 GLU A HA   1 
ATOM 1203 H HB2  . GLU A 1 77 ? -5.141  -15.554 -0.002  1.00 0.00   ? 77 GLU A HB2  1 
ATOM 1204 H HB3  . GLU A 1 77 ? -5.695  -17.155 0.451   1.00 0.00   ? 77 GLU A HB3  1 
ATOM 1205 H HG2  . GLU A 1 77 ? -6.414  -15.016 2.367   1.00 0.00   ? 77 GLU A HG2  1 
ATOM 1206 H HG3  . GLU A 1 77 ? -7.184  -14.896 0.789   1.00 0.00   ? 77 GLU A HG3  1 
ATOM 1207 N N    . GLY A 1 78 ? -2.496  -15.783 0.357   1.00 138.96 ? 78 GLY A N    1 
ATOM 1208 C CA   . GLY A 1 78 ? -1.233  -16.084 -0.362  1.00 184.32 ? 78 GLY A CA   1 
ATOM 1209 C C    . GLY A 1 78 ? -1.483  -16.148 -1.876  1.00 164.96 ? 78 GLY A C    1 
ATOM 1210 O O    . GLY A 1 78 ? -0.592  -16.463 -2.640  1.00 0.00   ? 78 GLY A O    1 
ATOM 1211 H H    . GLY A 1 78 ? -2.931  -14.919 0.239   1.00 0.00   ? 78 GLY A H    1 
ATOM 1212 H HA2  . GLY A 1 78 ? -0.509  -15.310 -0.152  1.00 0.00   ? 78 GLY A HA2  1 
ATOM 1213 H HA3  . GLY A 1 78 ? -0.849  -17.034 -0.026  1.00 0.00   ? 78 GLY A HA3  1 
ATOM 1214 N N    . PHE A 1 79 ? -2.685  -15.855 -2.327  1.00 126.83 ? 79 PHE A N    1 
ATOM 1215 C CA   . PHE A 1 79 ? -2.952  -15.905 -3.790  1.00 117.53 ? 79 PHE A CA   1 
ATOM 1216 C C    . PHE A 1 79 ? -2.111  -14.817 -4.499  1.00 111.87 ? 79 PHE A C    1 
ATOM 1217 O O    . PHE A 1 79 ? -1.024  -14.489 -4.064  1.00 0.00   ? 79 PHE A O    1 
ATOM 1218 C CB   . PHE A 1 79 ? -4.443  -15.678 -4.042  1.00 0.00   ? 79 PHE A CB   1 
ATOM 1219 C CG   . PHE A 1 79 ? -5.256  -16.605 -3.170  1.00 0.00   ? 79 PHE A CG   1 
ATOM 1220 C CD1  . PHE A 1 79 ? -4.867  -17.940 -3.012  1.00 0.00   ? 79 PHE A CD1  1 
ATOM 1221 C CD2  . PHE A 1 79 ? -6.406  -16.131 -2.527  1.00 0.00   ? 79 PHE A CD2  1 
ATOM 1222 C CE1  . PHE A 1 79 ? -5.625  -18.801 -2.210  1.00 0.00   ? 79 PHE A CE1  1 
ATOM 1223 C CE2  . PHE A 1 79 ? -7.166  -16.994 -1.728  1.00 0.00   ? 79 PHE A CE2  1 
ATOM 1224 C CZ   . PHE A 1 79 ? -6.773  -18.328 -1.567  1.00 0.00   ? 79 PHE A CZ   1 
ATOM 1225 H H    . PHE A 1 79 ? -3.405  -15.604 -1.705  1.00 0.00   ? 79 PHE A H    1 
ATOM 1226 H HA   . PHE A 1 79 ? -2.669  -16.876 -4.169  1.00 0.00   ? 79 PHE A HA   1 
ATOM 1227 H HB2  . PHE A 1 79 ? -4.694  -14.659 -3.814  1.00 0.00   ? 79 PHE A HB2  1 
ATOM 1228 H HB3  . PHE A 1 79 ? -4.662  -15.881 -5.075  1.00 0.00   ? 79 PHE A HB3  1 
ATOM 1229 H HD1  . PHE A 1 79 ? -3.979  -18.303 -3.506  1.00 0.00   ? 79 PHE A HD1  1 
ATOM 1230 H HD2  . PHE A 1 79 ? -6.709  -15.102 -2.650  1.00 0.00   ? 79 PHE A HD2  1 
ATOM 1231 H HE1  . PHE A 1 79 ? -5.322  -19.831 -2.087  1.00 0.00   ? 79 PHE A HE1  1 
ATOM 1232 H HE2  . PHE A 1 79 ? -8.053  -16.628 -1.232  1.00 0.00   ? 79 PHE A HE2  1 
ATOM 1233 H HZ   . PHE A 1 79 ? -7.361  -18.993 -0.951  1.00 0.00   ? 79 PHE A HZ   1 
ATOM 1234 N N    . ALA A 1 80 ? -2.589  -14.255 -5.591  1.00 101.67 ? 80 ALA A N    1 
ATOM 1235 C CA   . ALA A 1 80 ? -1.780  -13.215 -6.292  1.00 102.62 ? 80 ALA A CA   1 
ATOM 1236 C C    . ALA A 1 80 ? -2.693  -12.229 -7.028  1.00 88.40  ? 80 ALA A C    1 
ATOM 1237 O O    . ALA A 1 80 ? -3.843  -12.518 -7.316  1.00 0.00   ? 80 ALA A O    1 
ATOM 1238 C CB   . ALA A 1 80 ? -0.862  -13.894 -7.306  1.00 0.00   ? 80 ALA A CB   1 
ATOM 1239 H H    . ALA A 1 80 ? -3.456  -14.519 -5.946  1.00 0.00   ? 80 ALA A H    1 
ATOM 1240 H HA   . ALA A 1 80 ? -1.182  -12.679 -5.571  1.00 0.00   ? 80 ALA A HA   1 
ATOM 1241 H HB1  . ALA A 1 80 ? -1.458  -14.439 -8.024  1.00 0.00   ? 80 ALA A HB1  1 
ATOM 1242 H HB2  . ALA A 1 80 ? -0.276  -13.146 -7.820  1.00 0.00   ? 80 ALA A HB2  1 
ATOM 1243 H HB3  . ALA A 1 80 ? -0.203  -14.579 -6.793  1.00 0.00   ? 80 ALA A HB3  1 
ATOM 1244 N N    . GLY A 1 81 ? -2.179  -11.065 -7.340  1.00 86.16  ? 81 GLY A N    1 
ATOM 1245 C CA   . GLY A 1 81 ? -2.996  -10.049 -8.065  1.00 79.86  ? 81 GLY A CA   1 
ATOM 1246 C C    . GLY A 1 81 ? -3.578  -9.046  -7.067  1.00 58.90  ? 81 GLY A C    1 
ATOM 1247 O O    . GLY A 1 81 ? -3.723  -9.332  -5.895  1.00 0.00   ? 81 GLY A O    1 
ATOM 1248 H H    . GLY A 1 81 ? -1.250  -10.863 -7.100  1.00 0.00   ? 81 GLY A H    1 
ATOM 1249 H HA2  . GLY A 1 81 ? -2.370  -9.528  -8.775  1.00 0.00   ? 81 GLY A HA2  1 
ATOM 1250 H HA3  . GLY A 1 81 ? -3.801  -10.540 -8.586  1.00 0.00   ? 81 GLY A HA3  1 
ATOM 1251 N N    . LYS A 1 82 ? -3.922  -7.868  -7.523  1.00 57.07  ? 82 LYS A N    1 
ATOM 1252 C CA   . LYS A 1 82 ? -4.504  -6.853  -6.598  1.00 43.22  ? 82 LYS A CA   1 
ATOM 1253 C C    . LYS A 1 82 ? -5.832  -7.375  -6.061  1.00 31.97  ? 82 LYS A C    1 
ATOM 1254 O O    . LYS A 1 82 ? -6.115  -7.292  -4.882  1.00 0.00   ? 82 LYS A O    1 
ATOM 1255 C CB   . LYS A 1 82 ? -4.744  -5.545  -7.352  1.00 0.00   ? 82 LYS A CB   1 
ATOM 1256 C CG   . LYS A 1 82 ? -4.077  -4.395  -6.601  1.00 0.00   ? 82 LYS A CG   1 
ATOM 1257 C CD   . LYS A 1 82 ? -2.660  -4.208  -7.127  1.00 0.00   ? 82 LYS A CD   1 
ATOM 1258 C CE   . LYS A 1 82 ? -2.664  -3.136  -8.213  1.00 0.00   ? 82 LYS A CE   1 
ATOM 1259 N NZ   . LYS A 1 82 ? -1.462  -2.275  -8.056  1.00 0.00   ? 82 LYS A NZ   1 
ATOM 1260 H H    . LYS A 1 82 ? -3.801  -7.655  -8.475  1.00 0.00   ? 82 LYS A H    1 
ATOM 1261 H HA   . LYS A 1 82 ? -3.825  -6.679  -5.779  1.00 0.00   ? 82 LYS A HA   1 
ATOM 1262 H HB2  . LYS A 1 82 ? -4.325  -5.619  -8.345  1.00 0.00   ? 82 LYS A HB2  1 
ATOM 1263 H HB3  . LYS A 1 82 ? -5.805  -5.360  -7.422  1.00 0.00   ? 82 LYS A HB3  1 
ATOM 1264 H HG2  . LYS A 1 82 ? -4.644  -3.489  -6.755  1.00 0.00   ? 82 LYS A HG2  1 
ATOM 1265 H HG3  . LYS A 1 82 ? -4.041  -4.623  -5.547  1.00 0.00   ? 82 LYS A HG3  1 
ATOM 1266 H HD2  . LYS A 1 82 ? -2.009  -3.905  -6.317  1.00 0.00   ? 82 LYS A HD2  1 
ATOM 1267 H HD3  . LYS A 1 82 ? -2.306  -5.140  -7.544  1.00 0.00   ? 82 LYS A HD3  1 
ATOM 1268 H HE2  . LYS A 1 82 ? -2.646  -3.608  -9.184  1.00 0.00   ? 82 LYS A HE2  1 
ATOM 1269 H HE3  . LYS A 1 82 ? -3.552  -2.532  -8.121  1.00 0.00   ? 82 LYS A HE3  1 
ATOM 1270 H HZ1  . LYS A 1 82 ? -0.609  -2.874  -8.055  1.00 0.00   ? 82 LYS A HZ1  1 
ATOM 1271 H HZ2  . LYS A 1 82 ? -1.413  -1.600  -8.843  1.00 0.00   ? 82 LYS A HZ2  1 
ATOM 1272 H HZ3  . LYS A 1 82 ? -1.522  -1.756  -7.159  1.00 0.00   ? 82 LYS A HZ3  1 
ATOM 1273 N N    . SER A 1 83 ? -6.639  -7.926  -6.916  1.00 34.63  ? 83 SER A N    1 
ATOM 1274 C CA   . SER A 1 83 ? -7.949  -8.476  -6.458  1.00 27.13  ? 83 SER A CA   1 
ATOM 1275 C C    . SER A 1 83 ? -7.757  -9.924  -5.971  1.00 29.31  ? 83 SER A C    1 
ATOM 1276 O O    . SER A 1 83 ? -8.684  -10.564 -5.536  1.00 0.00   ? 83 SER A O    1 
ATOM 1277 C CB   . SER A 1 83 ? -8.958  -8.460  -7.613  1.00 0.00   ? 83 SER A CB   1 
ATOM 1278 O OG   . SER A 1 83 ? -8.346  -7.926  -8.781  1.00 0.00   ? 83 SER A OG   1 
ATOM 1279 H H    . SER A 1 83 ? -6.377  -7.991  -7.854  1.00 0.00   ? 83 SER A H    1 
ATOM 1280 H HA   . SER A 1 83 ? -8.329  -7.875  -5.642  1.00 0.00   ? 83 SER A HA   1 
ATOM 1281 H HB2  . SER A 1 83 ? -9.287  -9.462  -7.814  1.00 0.00   ? 83 SER A HB2  1 
ATOM 1282 H HB3  . SER A 1 83 ? -9.811  -7.853  -7.333  1.00 0.00   ? 83 SER A HB3  1 
ATOM 1283 H HG   . SER A 1 83 ? -9.039  -7.707  -9.406  1.00 0.00   ? 83 SER A HG   1 
ATOM 1284 N N    . CYS A 1 84 ? -6.551  -10.449 -6.035  1.00 35.45  ? 84 CYS A N    1 
ATOM 1285 C CA   . CYS A 1 84 ? -6.318  -11.844 -5.569  1.00 42.47  ? 84 CYS A CA   1 
ATOM 1286 C C    . CYS A 1 84 ? -7.115  -12.821 -6.441  1.00 50.46  ? 84 CYS A C    1 
ATOM 1287 O O    . CYS A 1 84 ? -7.414  -13.921 -6.032  1.00 0.00   ? 84 CYS A O    1 
ATOM 1288 C CB   . CYS A 1 84 ? -6.766  -11.985 -4.105  1.00 0.00   ? 84 CYS A CB   1 
ATOM 1289 S SG   . CYS A 1 84 ? -6.386  -10.460 -3.199  1.00 0.00   ? 84 CYS A SG   1 
ATOM 1290 H H    . CYS A 1 84 ? -5.808  -9.930  -6.382  1.00 0.00   ? 84 CYS A H    1 
ATOM 1291 H HA   . CYS A 1 84 ? -5.266  -12.075 -5.645  1.00 0.00   ? 84 CYS A HA   1 
ATOM 1292 H HB2  . CYS A 1 84 ? -7.830  -12.167 -4.073  1.00 0.00   ? 84 CYS A HB2  1 
ATOM 1293 H HB3  . CYS A 1 84 ? -6.246  -12.813 -3.649  1.00 0.00   ? 84 CYS A HB3  1 
ATOM 1294 N N    . GLU A 1 85 ? -7.458  -12.432 -7.640  1.00 57.13  ? 85 GLU A N    1 
ATOM 1295 C CA   . GLU A 1 85 ? -8.234  -13.350 -8.522  1.00 69.18  ? 85 GLU A CA   1 
ATOM 1296 C C    . GLU A 1 85 ? -7.353  -14.528 -8.974  1.00 91.99  ? 85 GLU A C    1 
ATOM 1297 O O    . GLU A 1 85 ? -7.846  -15.494 -9.520  1.00 0.00   ? 85 GLU A O    1 
ATOM 1298 C CB   . GLU A 1 85 ? -8.726  -12.588 -9.754  1.00 0.00   ? 85 GLU A CB   1 
ATOM 1299 C CG   . GLU A 1 85 ? -7.528  -12.062 -10.549 1.00 0.00   ? 85 GLU A CG   1 
ATOM 1300 C CD   . GLU A 1 85 ? -7.770  -10.598 -10.924 1.00 0.00   ? 85 GLU A CD   1 
ATOM 1301 O OE1  . GLU A 1 85 ? -8.465  -10.364 -11.899 1.00 0.00   ? 85 GLU A OE1  1 
ATOM 1302 O OE2  . GLU A 1 85 ? -7.259  -9.736  -10.228 1.00 0.00   ? 85 GLU A OE2  1 
ATOM 1303 H H    . GLU A 1 85 ? -7.208  -11.542 -7.962  1.00 0.00   ? 85 GLU A H    1 
ATOM 1304 H HA   . GLU A 1 85 ? -9.085  -13.732 -7.977  1.00 0.00   ? 85 GLU A HA   1 
ATOM 1305 H HB2  . GLU A 1 85 ? -9.308  -13.252 -10.378 1.00 0.00   ? 85 GLU A HB2  1 
ATOM 1306 H HB3  . GLU A 1 85 ? -9.340  -11.756 -9.441  1.00 0.00   ? 85 GLU A HB3  1 
ATOM 1307 H HG2  . GLU A 1 85 ? -6.634  -12.137 -9.944  1.00 0.00   ? 85 GLU A HG2  1 
ATOM 1308 H HG3  . GLU A 1 85 ? -7.407  -12.647 -11.449 1.00 0.00   ? 85 GLU A HG3  1 
ATOM 1309 N N    . ILE A 1 86 ? -6.055  -14.466 -8.762  1.00 99.48  ? 86 ILE A N    1 
ATOM 1310 C CA   . ILE A 1 86 ? -5.196  -15.598 -9.201  1.00 128.81 ? 86 ILE A CA   1 
ATOM 1311 C C    . ILE A 1 86 ? -4.896  -16.515 -8.017  1.00 133.12 ? 86 ILE A C    1 
ATOM 1312 O O    . ILE A 1 86 ? -4.051  -16.231 -7.200  1.00 0.00   ? 86 ILE A O    1 
ATOM 1313 C CB   . ILE A 1 86 ? -3.881  -15.062 -9.764  1.00 0.00   ? 86 ILE A CB   1 
ATOM 1314 C CG1  . ILE A 1 86 ? -4.165  -14.145 -10.960 1.00 0.00   ? 86 ILE A CG1  1 
ATOM 1315 C CG2  . ILE A 1 86 ? -3.008  -16.234 -10.213 1.00 0.00   ? 86 ILE A CG2  1 
ATOM 1316 C CD1  . ILE A 1 86 ? -4.982  -14.902 -12.010 1.00 0.00   ? 86 ILE A CD1  1 
ATOM 1317 H H    . ILE A 1 86 ? -5.652  -13.683 -8.321  1.00 0.00   ? 86 ILE A H    1 
ATOM 1318 H HA   . ILE A 1 86 ? -5.711  -16.160 -9.964  1.00 0.00   ? 86 ILE A HA   1 
ATOM 1319 H HB   . ILE A 1 86 ? -3.366  -14.503 -8.995  1.00 0.00   ? 86 ILE A HB   1 
ATOM 1320 H HG12 . ILE A 1 86 ? -4.721  -13.281 -10.626 1.00 0.00   ? 86 ILE A HG12 1 
ATOM 1321 H HG13 . ILE A 1 86 ? -3.233  -13.825 -11.396 1.00 0.00   ? 86 ILE A HG13 1 
ATOM 1322 H HG21 . ILE A 1 86 ? -3.638  -17.031 -10.584 1.00 0.00   ? 86 ILE A HG21 1 
ATOM 1323 H HG22 . ILE A 1 86 ? -2.342  -15.907 -10.998 1.00 0.00   ? 86 ILE A HG22 1 
ATOM 1324 H HG23 . ILE A 1 86 ? -2.430  -16.594 -9.375  1.00 0.00   ? 86 ILE A HG23 1 
ATOM 1325 H HD11 . ILE A 1 86 ? -4.651  -15.928 -12.055 1.00 0.00   ? 86 ILE A HD11 1 
ATOM 1326 H HD12 . ILE A 1 86 ? -6.028  -14.872 -11.744 1.00 0.00   ? 86 ILE A HD12 1 
ATOM 1327 H HD13 . ILE A 1 86 ? -4.844  -14.438 -12.976 1.00 0.00   ? 86 ILE A HD13 1 
ATOM 1328 N N    . ASP A 1 87 ? -5.564  -17.625 -7.928  1.00 143.55 ? 87 ASP A N    1 
ATOM 1329 C CA   . ASP A 1 87 ? -5.295  -18.559 -6.805  1.00 156.01 ? 87 ASP A CA   1 
ATOM 1330 C C    . ASP A 1 87 ? -4.436  -19.701 -7.315  1.00 192.65 ? 87 ASP A C    1 
ATOM 1331 O O    . ASP A 1 87 ? -4.744  -20.336 -8.306  1.00 0.00   ? 87 ASP A O    1 
ATOM 1332 C CB   . ASP A 1 87 ? -6.602  -19.123 -6.247  1.00 0.00   ? 87 ASP A CB   1 
ATOM 1333 C CG   . ASP A 1 87 ? -7.801  -18.354 -6.814  1.00 0.00   ? 87 ASP A CG   1 
ATOM 1334 O OD1  . ASP A 1 87 ? -7.821  -17.143 -6.675  1.00 0.00   ? 87 ASP A OD1  1 
ATOM 1335 O OD2  . ASP A 1 87 ? -8.677  -18.991 -7.378  1.00 0.00   ? 87 ASP A OD2  1 
ATOM 1336 H H    . ASP A 1 87 ? -6.227  -17.852 -8.608  1.00 0.00   ? 87 ASP A H    1 
ATOM 1337 H HA   . ASP A 1 87 ? -4.760  -18.037 -6.013  1.00 0.00   ? 87 ASP A HA   1 
ATOM 1338 H HB2  . ASP A 1 87 ? -6.679  -20.165 -6.511  1.00 0.00   ? 87 ASP A HB2  1 
ATOM 1339 H HB3  . ASP A 1 87 ? -6.596  -19.028 -5.179  1.00 0.00   ? 87 ASP A HB3  1 
ATOM 1340 N N    . THR A 1 88 ? -3.371  -19.968 -6.648  1.00 0.00   ? 88 THR A N    1 
ATOM 1341 C CA   . THR A 1 88 ? -2.476  -21.080 -7.082  1.00 0.00   ? 88 THR A CA   1 
ATOM 1342 C C    . THR A 1 88 ? -2.407  -22.135 -5.978  1.00 0.00   ? 88 THR A C    1 
ATOM 1343 O O    . THR A 1 88 ? -2.120  -23.290 -6.223  1.00 0.00   ? 88 THR A O    1 
ATOM 1344 C CB   . THR A 1 88 ? -1.071  -20.537 -7.357  1.00 0.00   ? 88 THR A CB   1 
ATOM 1345 O OG1  . THR A 1 88 ? -0.262  -21.573 -7.900  1.00 0.00   ? 88 THR A OG1  1 
ATOM 1346 C CG2  . THR A 1 88 ? -0.455  -20.035 -6.054  1.00 0.00   ? 88 THR A CG2  1 
ATOM 1347 H H    . THR A 1 88 ? -3.154  -19.439 -5.848  1.00 0.00   ? 88 THR A H    1 
ATOM 1348 H HA   . THR A 1 88 ? -2.871  -21.528 -7.982  1.00 0.00   ? 88 THR A HA   1 
ATOM 1349 H HB   . THR A 1 88 ? -1.131  -19.722 -8.060  1.00 0.00   ? 88 THR A HB   1 
ATOM 1350 H HG1  . THR A 1 88 ? -0.675  -21.876 -8.710  1.00 0.00   ? 88 THR A HG1  1 
ATOM 1351 H HG21 . THR A 1 88 ? -1.139  -19.357 -5.570  1.00 0.00   ? 88 THR A HG21 1 
ATOM 1352 H HG22 . THR A 1 88 ? -0.259  -20.875 -5.402  1.00 0.00   ? 88 THR A HG22 1 
ATOM 1353 H HG23 . THR A 1 88 ? 0.471   -19.523 -6.268  1.00 0.00   ? 88 THR A HG23 1 
ATOM 1354 N N    . ARG A 1 89 ? -2.679  -21.749 -4.760  1.00 0.00   ? 89 ARG A N    1 
ATOM 1355 C CA   . ARG A 1 89 ? -2.641  -22.704 -3.650  1.00 0.00   ? 89 ARG A CA   1 
ATOM 1356 C C    . ARG A 1 89 ? -3.848  -23.619 -3.754  1.00 0.00   ? 89 ARG A C    1 
ATOM 1357 O O    . ARG A 1 89 ? -3.736  -24.830 -3.754  1.00 0.00   ? 89 ARG A O    1 
ATOM 1358 C CB   . ARG A 1 89 ? -2.711  -21.925 -2.355  1.00 0.00   ? 89 ARG A CB   1 
ATOM 1359 C CG   . ARG A 1 89 ? -2.735  -22.884 -1.186  1.00 0.00   ? 89 ARG A CG   1 
ATOM 1360 C CD   . ARG A 1 89 ? -4.160  -22.989 -0.650  1.00 0.00   ? 89 ARG A CD   1 
ATOM 1361 N NE   . ARG A 1 89 ? -4.124  -23.243 0.816   1.00 0.00   ? 89 ARG A NE   1 
ATOM 1362 C CZ   . ARG A 1 89 ? -5.200  -23.067 1.536   1.00 0.00   ? 89 ARG A CZ   1 
ATOM 1363 N NH1  . ARG A 1 89 ? -6.313  -23.657 1.195   1.00 0.00   ? 89 ARG A NH1  1 
ATOM 1364 N NH2  . ARG A 1 89 ? -5.163  -22.305 2.595   1.00 0.00   ? 89 ARG A NH2  1 
ATOM 1365 H H    . ARG A 1 89 ? -2.915  -20.820 -4.578  1.00 0.00   ? 89 ARG A H    1 
ATOM 1366 H HA   . ARG A 1 89 ? -1.734  -23.282 -3.685  1.00 0.00   ? 89 ARG A HA   1 
ATOM 1367 H HB2  . ARG A 1 89 ? -1.855  -21.284 -2.283  1.00 0.00   ? 89 ARG A HB2  1 
ATOM 1368 H HB3  . ARG A 1 89 ? -3.608  -21.326 -2.346  1.00 0.00   ? 89 ARG A HB3  1 
ATOM 1369 H HG2  . ARG A 1 89 ? -2.398  -23.857 -1.515  1.00 0.00   ? 89 ARG A HG2  1 
ATOM 1370 H HG3  . ARG A 1 89 ? -2.086  -22.518 -0.412  1.00 0.00   ? 89 ARG A HG3  1 
ATOM 1371 H HD2  . ARG A 1 89 ? -4.687  -22.065 -0.844  1.00 0.00   ? 89 ARG A HD2  1 
ATOM 1372 H HD3  . ARG A 1 89 ? -4.672  -23.803 -1.144  1.00 0.00   ? 89 ARG A HD3  1 
ATOM 1373 H HE   . ARG A 1 89 ? -3.295  -23.544 1.241   1.00 0.00   ? 89 ARG A HE   1 
ATOM 1374 H HH11 . ARG A 1 89 ? -6.342  -24.241 0.384   1.00 0.00   ? 89 ARG A HH11 1 
ATOM 1375 H HH12 . ARG A 1 89 ? -7.137  -23.523 1.745   1.00 0.00   ? 89 ARG A HH12 1 
ATOM 1376 H HH21 . ARG A 1 89 ? -4.310  -21.854 2.856   1.00 0.00   ? 89 ARG A HH21 1 
ATOM 1377 H HH22 . ARG A 1 89 ? -5.988  -22.169 3.143   1.00 0.00   ? 89 ARG A HH22 1 
ATOM 1378 N N    . ALA A 1 90 ? -5.001  -23.039 -3.847  1.00 0.00   ? 90 ALA A N    1 
ATOM 1379 C CA   . ALA A 1 90 ? -6.244  -23.852 -3.961  1.00 0.00   ? 90 ALA A CA   1 
ATOM 1380 C C    . ALA A 1 90 ? -6.551  -24.096 -5.442  1.00 0.00   ? 90 ALA A C    1 
ATOM 1381 O O    . ALA A 1 90 ? -6.127  -23.348 -6.301  1.00 0.00   ? 90 ALA A O    1 
ATOM 1382 C CB   . ALA A 1 90 ? -7.406  -23.096 -3.307  1.00 0.00   ? 90 ALA A CB   1 
ATOM 1383 H H    . ALA A 1 90 ? -5.051  -22.057 -3.847  1.00 0.00   ? 90 ALA A H    1 
ATOM 1384 H HA   . ALA A 1 90 ? -6.103  -24.799 -3.463  1.00 0.00   ? 90 ALA A HA   1 
ATOM 1385 H HB1  . ALA A 1 90 ? -7.054  -22.142 -2.941  1.00 0.00   ? 90 ALA A HB1  1 
ATOM 1386 H HB2  . ALA A 1 90 ? -8.189  -22.936 -4.035  1.00 0.00   ? 90 ALA A HB2  1 
ATOM 1387 H HB3  . ALA A 1 90 ? -7.795  -23.676 -2.482  1.00 0.00   ? 90 ALA A HB3  1 
ATOM 1388 N N    . THR A 1 91 ? -7.279  -25.148 -5.747  1.00 0.00   ? 91 THR A N    1 
ATOM 1389 C CA   . THR A 1 91 ? -7.605  -25.453 -7.165  1.00 0.00   ? 91 THR A CA   1 
ATOM 1390 C C    . THR A 1 91 ? -8.183  -24.210 -7.850  1.00 0.00   ? 91 THR A C    1 
ATOM 1391 O O    . THR A 1 91 ? -7.788  -23.941 -8.972  1.00 0.00   ? 91 THR A O    1 
ATOM 1392 C CB   . THR A 1 91 ? -8.636  -26.589 -7.223  1.00 0.00   ? 91 THR A CB   1 
ATOM 1393 O OG1  . THR A 1 91 ? -8.248  -27.623 -6.329  1.00 0.00   ? 91 THR A OG1  1 
ATOM 1394 C CG2  . THR A 1 91 ? -8.710  -27.146 -8.648  1.00 0.00   ? 91 THR A CG2  1 
ATOM 1395 O OXT  . THR A 1 91 ? -9.010  -23.552 -7.241  1.00 0.00   ? 91 THR A OXT  1 
ATOM 1396 H H    . THR A 1 91 ? -7.594  -25.737 -5.047  1.00 0.00   ? 91 THR A H    1 
ATOM 1397 H HA   . THR A 1 91 ? -6.714  -25.758 -7.667  1.00 0.00   ? 91 THR A HA   1 
ATOM 1398 H HB   . THR A 1 91 ? -9.605  -26.212 -6.938  1.00 0.00   ? 91 THR A HB   1 
ATOM 1399 H HG1  . THR A 1 91 ? -8.966  -27.760 -5.706  1.00 0.00   ? 91 THR A HG1  1 
ATOM 1400 H HG21 . THR A 1 91 ? -7.766  -26.989 -9.147  1.00 0.00   ? 91 THR A HG21 1 
ATOM 1401 H HG22 . THR A 1 91 ? -8.926  -28.205 -8.611  1.00 0.00   ? 91 THR A HG22 1 
ATOM 1402 H HG23 . THR A 1 91 ? -9.494  -26.640 -9.193  1.00 0.00   ? 91 THR A HG23 1 
# 
